data_1X4Y
#
_entry.id   1X4Y
#
_entity_poly.entity_id   1
_entity_poly.type   'polypeptide(L)'
_entity_poly.pdbx_seq_one_letter_code
;GSSGSSGPVAGPYITFTDAVNETTIMLKWMYIPASNNNTPIHGFYIYYRPTDSDNDSDYKKDMVEGDRYWHSISHLQPET
SYDIKMQCFNEGGESEFSNVMICETKARSGPSSG
;
_entity_poly.pdbx_strand_id   A
#
# COMPACT_ATOMS: atom_id res chain seq x y z
N GLY A 1 -7.24 18.53 -21.22
CA GLY A 1 -6.10 18.02 -21.95
C GLY A 1 -6.47 16.87 -22.87
N SER A 2 -6.32 15.64 -22.36
CA SER A 2 -6.63 14.45 -23.15
C SER A 2 -8.00 13.90 -22.76
N SER A 3 -8.48 12.95 -23.54
CA SER A 3 -9.78 12.33 -23.29
C SER A 3 -9.64 10.81 -23.13
N GLY A 4 -9.96 10.32 -21.95
CA GLY A 4 -9.88 8.90 -21.68
C GLY A 4 -10.00 8.57 -20.21
N SER A 5 -8.95 8.84 -19.45
CA SER A 5 -8.93 8.57 -18.02
C SER A 5 -8.54 9.81 -17.23
N SER A 6 -9.48 10.37 -16.49
CA SER A 6 -9.23 11.56 -15.69
C SER A 6 -8.82 11.19 -14.27
N GLY A 7 -8.24 12.15 -13.56
CA GLY A 7 -7.81 11.90 -12.19
C GLY A 7 -6.31 11.73 -12.09
N PRO A 8 -5.82 11.47 -10.86
CA PRO A 8 -4.39 11.27 -10.60
C PRO A 8 -3.86 9.97 -11.19
N VAL A 9 -3.12 10.08 -12.29
CA VAL A 9 -2.56 8.91 -12.95
C VAL A 9 -1.16 8.60 -12.42
N ALA A 10 -0.34 9.64 -12.31
CA ALA A 10 1.03 9.47 -11.82
C ALA A 10 1.09 8.40 -10.73
N GLY A 11 0.08 8.37 -9.87
CA GLY A 11 0.05 7.39 -8.79
C GLY A 11 1.24 7.51 -7.87
N PRO A 12 1.03 7.15 -6.59
CA PRO A 12 2.09 7.21 -5.57
C PRO A 12 3.16 6.16 -5.80
N TYR A 13 4.31 6.34 -5.15
CA TYR A 13 5.42 5.40 -5.28
C TYR A 13 6.02 5.07 -3.92
N ILE A 14 5.99 3.79 -3.56
CA ILE A 14 6.53 3.34 -2.28
C ILE A 14 8.05 3.43 -2.26
N THR A 15 8.58 4.17 -1.29
CA THR A 15 10.02 4.34 -1.16
C THR A 15 10.51 3.88 0.21
N PHE A 16 9.62 3.25 0.96
CA PHE A 16 9.96 2.76 2.30
C PHE A 16 9.11 1.55 2.67
N THR A 17 9.78 0.46 3.02
CA THR A 17 9.09 -0.78 3.39
C THR A 17 9.85 -1.52 4.49
N ASP A 18 9.27 -1.53 5.69
CA ASP A 18 9.89 -2.22 6.83
C ASP A 18 8.84 -2.92 7.67
N ALA A 19 9.28 -3.89 8.46
CA ALA A 19 8.38 -4.65 9.32
C ALA A 19 8.47 -4.17 10.76
N VAL A 20 7.39 -3.56 11.24
CA VAL A 20 7.35 -3.04 12.60
C VAL A 20 7.29 -4.19 13.62
N ASN A 21 6.71 -5.31 13.20
CA ASN A 21 6.60 -6.48 14.07
C ASN A 21 6.37 -7.74 13.25
N GLU A 22 6.16 -8.86 13.95
CA GLU A 22 5.92 -10.14 13.29
C GLU A 22 4.57 -10.13 12.58
N THR A 23 3.70 -9.23 12.99
CA THR A 23 2.37 -9.13 12.40
C THR A 23 2.06 -7.68 12.00
N THR A 24 3.09 -6.84 11.99
CA THR A 24 2.91 -5.44 11.64
C THR A 24 3.96 -5.00 10.62
N ILE A 25 3.58 -4.06 9.75
CA ILE A 25 4.49 -3.56 8.73
C ILE A 25 4.28 -2.07 8.49
N MET A 26 5.37 -1.33 8.40
CA MET A 26 5.31 0.12 8.17
C MET A 26 5.86 0.47 6.80
N LEU A 27 5.02 1.10 5.97
CA LEU A 27 5.43 1.50 4.63
C LEU A 27 5.02 2.95 4.35
N LYS A 28 5.93 3.69 3.73
CA LYS A 28 5.66 5.09 3.39
C LYS A 28 5.73 5.31 1.89
N TRP A 29 4.79 6.08 1.37
CA TRP A 29 4.74 6.38 -0.05
C TRP A 29 5.00 7.86 -0.32
N MET A 30 5.37 8.18 -1.56
CA MET A 30 5.65 9.56 -1.93
C MET A 30 4.71 10.02 -3.04
N TYR A 31 4.58 11.33 -3.19
CA TYR A 31 3.71 11.90 -4.22
C TYR A 31 4.49 12.78 -5.18
N ILE A 32 4.34 12.54 -6.47
CA ILE A 32 5.04 13.31 -7.49
C ILE A 32 4.09 14.31 -8.16
N PRO A 33 4.10 15.56 -7.68
CA PRO A 33 3.25 16.62 -8.21
C PRO A 33 3.69 17.06 -9.62
N ALA A 34 5.01 17.04 -9.85
CA ALA A 34 5.54 17.43 -11.14
C ALA A 34 4.64 16.98 -12.28
N SER A 35 4.52 15.68 -12.45
CA SER A 35 3.69 15.12 -13.51
C SER A 35 2.26 14.85 -13.00
N ASN A 36 1.74 15.78 -12.22
CA ASN A 36 0.40 15.65 -11.66
C ASN A 36 -0.50 16.78 -12.14
N ASN A 37 -1.81 16.57 -12.04
CA ASN A 37 -2.78 17.58 -12.48
C ASN A 37 -3.27 18.39 -11.28
N ASN A 38 -2.39 18.59 -10.30
CA ASN A 38 -2.74 19.35 -9.11
C ASN A 38 -4.18 19.07 -8.69
N THR A 39 -4.57 17.80 -8.69
CA THR A 39 -5.92 17.41 -8.31
C THR A 39 -5.95 16.87 -6.89
N PRO A 40 -7.00 17.22 -6.14
CA PRO A 40 -7.19 16.78 -4.76
C PRO A 40 -7.49 15.28 -4.66
N ILE A 41 -6.85 14.61 -3.70
CA ILE A 41 -7.05 13.19 -3.50
C ILE A 41 -7.99 12.93 -2.33
N HIS A 42 -8.86 11.92 -2.49
CA HIS A 42 -9.81 11.57 -1.44
C HIS A 42 -9.11 10.88 -0.28
N GLY A 43 -8.17 9.99 -0.59
CA GLY A 43 -7.44 9.29 0.43
C GLY A 43 -6.30 8.45 -0.13
N PHE A 44 -6.07 7.28 0.46
CA PHE A 44 -5.01 6.39 0.02
C PHE A 44 -5.35 4.94 0.34
N TYR A 45 -5.44 4.11 -0.70
CA TYR A 45 -5.75 2.71 -0.53
C TYR A 45 -4.48 1.85 -0.50
N ILE A 46 -4.49 0.82 0.34
CA ILE A 46 -3.33 -0.07 0.45
C ILE A 46 -3.76 -1.53 0.37
N TYR A 47 -3.18 -2.25 -0.57
CA TYR A 47 -3.50 -3.67 -0.76
C TYR A 47 -2.37 -4.55 -0.23
N TYR A 48 -2.73 -5.72 0.29
CA TYR A 48 -1.76 -6.66 0.83
C TYR A 48 -2.32 -8.08 0.86
N ARG A 49 -1.43 -9.06 0.80
CA ARG A 49 -1.85 -10.46 0.82
C ARG A 49 -0.63 -11.38 0.87
N PRO A 50 -0.75 -12.48 1.62
CA PRO A 50 0.33 -13.47 1.76
C PRO A 50 0.58 -14.25 0.48
N THR A 51 1.85 -14.57 0.22
CA THR A 51 2.22 -15.31 -0.98
C THR A 51 1.51 -16.66 -1.04
N ASP A 52 1.04 -17.13 0.12
CA ASP A 52 0.34 -18.40 0.20
C ASP A 52 -1.04 -18.30 -0.41
N SER A 53 -1.53 -17.07 -0.54
CA SER A 53 -2.86 -16.83 -1.10
C SER A 53 -3.01 -17.53 -2.45
N ASP A 54 -4.22 -17.46 -3.01
CA ASP A 54 -4.50 -18.08 -4.29
C ASP A 54 -4.44 -17.06 -5.42
N ASN A 55 -5.21 -15.99 -5.28
CA ASN A 55 -5.24 -14.94 -6.29
C ASN A 55 -5.61 -13.60 -5.66
N ASP A 56 -5.58 -12.55 -6.46
CA ASP A 56 -5.91 -11.21 -5.99
C ASP A 56 -7.14 -11.24 -5.07
N SER A 57 -8.03 -12.19 -5.33
CA SER A 57 -9.25 -12.32 -4.53
C SER A 57 -8.95 -12.10 -3.05
N ASP A 58 -7.71 -12.35 -2.66
CA ASP A 58 -7.29 -12.17 -1.28
C ASP A 58 -6.90 -10.73 -1.00
N TYR A 59 -6.16 -10.13 -1.93
CA TYR A 59 -5.72 -8.75 -1.79
C TYR A 59 -6.78 -7.90 -1.08
N LYS A 60 -6.39 -7.26 0.01
CA LYS A 60 -7.30 -6.41 0.77
C LYS A 60 -7.17 -4.95 0.36
N LYS A 61 -7.88 -4.08 1.06
CA LYS A 61 -7.84 -2.65 0.77
C LYS A 61 -7.99 -1.83 2.06
N ASP A 62 -7.00 -0.98 2.33
CA ASP A 62 -7.01 -0.15 3.52
C ASP A 62 -6.97 1.33 3.15
N MET A 63 -8.07 2.03 3.40
CA MET A 63 -8.17 3.46 3.08
C MET A 63 -7.37 4.28 4.09
N VAL A 64 -6.75 5.35 3.61
CA VAL A 64 -5.95 6.23 4.47
C VAL A 64 -6.10 7.69 4.05
N GLU A 65 -6.16 8.58 5.04
CA GLU A 65 -6.29 10.00 4.77
C GLU A 65 -5.46 10.42 3.57
N GLY A 66 -6.00 11.33 2.76
CA GLY A 66 -5.29 11.79 1.58
C GLY A 66 -4.06 12.61 1.92
N ASP A 67 -4.01 13.10 3.15
CA ASP A 67 -2.89 13.91 3.59
C ASP A 67 -1.87 13.04 4.35
N ARG A 68 -2.17 11.76 4.47
CA ARG A 68 -1.29 10.82 5.16
C ARG A 68 -0.38 10.10 4.18
N TYR A 69 0.90 10.04 4.49
CA TYR A 69 1.87 9.37 3.62
C TYR A 69 2.50 8.17 4.33
N TRP A 70 1.86 7.74 5.41
CA TRP A 70 2.35 6.59 6.17
C TRP A 70 1.19 5.72 6.64
N HIS A 71 1.45 4.42 6.77
CA HIS A 71 0.42 3.48 7.21
C HIS A 71 1.07 2.20 7.76
N SER A 72 0.62 1.80 8.95
CA SER A 72 1.15 0.59 9.59
C SER A 72 0.15 -0.55 9.52
N ILE A 73 0.42 -1.51 8.63
CA ILE A 73 -0.45 -2.67 8.46
C ILE A 73 -0.31 -3.64 9.63
N SER A 74 -1.39 -4.36 9.92
CA SER A 74 -1.38 -5.33 11.01
C SER A 74 -2.13 -6.60 10.61
N HIS A 75 -2.25 -7.53 11.55
CA HIS A 75 -2.94 -8.79 11.30
C HIS A 75 -2.30 -9.54 10.14
N LEU A 76 -0.97 -9.65 10.16
CA LEU A 76 -0.24 -10.34 9.12
C LEU A 76 0.43 -11.60 9.67
N GLN A 77 1.09 -12.33 8.77
CA GLN A 77 1.78 -13.55 9.16
C GLN A 77 3.25 -13.28 9.48
N PRO A 78 3.78 -13.98 10.48
CA PRO A 78 5.17 -13.83 10.91
C PRO A 78 6.15 -14.39 9.88
N GLU A 79 7.35 -13.79 9.82
CA GLU A 79 8.37 -14.23 8.88
C GLU A 79 7.74 -14.69 7.57
N THR A 80 6.77 -13.93 7.08
CA THR A 80 6.08 -14.27 5.84
C THR A 80 6.39 -13.25 4.74
N SER A 81 7.26 -13.64 3.82
CA SER A 81 7.64 -12.76 2.72
C SER A 81 6.56 -12.72 1.65
N TYR A 82 5.81 -11.62 1.62
CA TYR A 82 4.74 -11.47 0.65
C TYR A 82 4.84 -10.11 -0.06
N ASP A 83 4.25 -10.02 -1.24
CA ASP A 83 4.28 -8.78 -2.02
C ASP A 83 3.30 -7.76 -1.43
N ILE A 84 3.62 -6.48 -1.60
CA ILE A 84 2.76 -5.41 -1.10
C ILE A 84 2.70 -4.25 -2.08
N LYS A 85 1.54 -3.60 -2.13
CA LYS A 85 1.34 -2.46 -3.03
C LYS A 85 0.22 -1.56 -2.53
N MET A 86 0.08 -0.40 -3.15
CA MET A 86 -0.96 0.55 -2.77
C MET A 86 -1.37 1.42 -3.96
N GLN A 87 -2.41 2.23 -3.77
CA GLN A 87 -2.90 3.10 -4.82
C GLN A 87 -3.83 4.17 -4.25
N CYS A 88 -3.78 5.36 -4.85
CA CYS A 88 -4.62 6.46 -4.40
C CYS A 88 -5.85 6.60 -5.27
N PHE A 89 -6.81 7.43 -4.83
CA PHE A 89 -8.04 7.64 -5.58
C PHE A 89 -8.64 8.99 -5.23
N ASN A 90 -9.51 9.49 -6.12
CA ASN A 90 -10.16 10.77 -5.91
C ASN A 90 -11.41 10.89 -6.78
N GLU A 91 -12.26 11.86 -6.45
CA GLU A 91 -13.49 12.09 -7.20
C GLU A 91 -13.28 11.80 -8.69
N GLY A 92 -12.13 12.20 -9.20
CA GLY A 92 -11.82 11.98 -10.60
C GLY A 92 -11.76 10.51 -10.96
N GLY A 93 -10.90 9.77 -10.26
CA GLY A 93 -10.76 8.36 -10.52
C GLY A 93 -9.54 7.76 -9.85
N GLU A 94 -9.51 6.43 -9.75
CA GLU A 94 -8.39 5.74 -9.11
C GLU A 94 -7.11 5.93 -9.92
N SER A 95 -5.98 6.02 -9.22
CA SER A 95 -4.70 6.21 -9.86
C SER A 95 -4.09 4.87 -10.28
N GLU A 96 -2.91 4.92 -10.89
CA GLU A 96 -2.23 3.71 -11.33
C GLU A 96 -1.82 2.85 -10.15
N PHE A 97 -1.41 1.61 -10.44
CA PHE A 97 -0.99 0.68 -9.40
C PHE A 97 0.49 0.86 -9.08
N SER A 98 0.78 1.26 -7.84
CA SER A 98 2.16 1.45 -7.41
C SER A 98 3.01 0.23 -7.73
N ASN A 99 4.28 0.28 -7.34
CA ASN A 99 5.20 -0.82 -7.57
C ASN A 99 5.02 -1.91 -6.51
N VAL A 100 5.51 -3.11 -6.81
CA VAL A 100 5.41 -4.23 -5.89
C VAL A 100 6.60 -4.26 -4.93
N MET A 101 6.35 -3.99 -3.66
CA MET A 101 7.39 -3.99 -2.65
C MET A 101 7.30 -5.22 -1.76
N ILE A 102 8.40 -5.97 -1.67
CA ILE A 102 8.44 -7.18 -0.86
C ILE A 102 8.96 -6.87 0.54
N CYS A 103 8.04 -6.79 1.50
CA CYS A 103 8.41 -6.52 2.89
C CYS A 103 8.24 -7.76 3.76
N GLU A 104 9.34 -8.36 4.15
CA GLU A 104 9.31 -9.56 4.99
C GLU A 104 9.09 -9.19 6.45
N THR A 105 8.05 -9.77 7.04
CA THR A 105 7.74 -9.51 8.44
C THR A 105 8.81 -10.06 9.37
N LYS A 106 8.58 -9.93 10.67
CA LYS A 106 9.55 -10.42 11.66
C LYS A 106 9.18 -11.84 12.10
N ALA A 107 10.20 -12.58 12.54
CA ALA A 107 9.99 -13.96 12.98
C ALA A 107 9.20 -13.99 14.29
N ARG A 108 8.23 -14.90 14.36
CA ARG A 108 7.40 -15.04 15.55
C ARG A 108 8.17 -15.73 16.68
N SER A 109 8.98 -14.95 17.39
CA SER A 109 9.77 -15.48 18.50
C SER A 109 8.88 -15.91 19.65
N GLY A 110 9.46 -16.65 20.58
CA GLY A 110 8.69 -17.12 21.73
C GLY A 110 8.95 -16.29 22.98
N PRO A 111 8.47 -16.78 24.13
CA PRO A 111 8.65 -16.09 25.41
C PRO A 111 10.09 -16.11 25.89
N SER A 112 10.80 -17.18 25.56
CA SER A 112 12.20 -17.33 25.97
C SER A 112 13.13 -16.81 24.88
N SER A 113 14.00 -15.87 25.24
CA SER A 113 14.94 -15.29 24.29
C SER A 113 16.24 -16.09 24.26
N GLY A 114 16.93 -16.06 23.13
CA GLY A 114 18.18 -16.79 22.99
C GLY A 114 19.30 -15.91 22.48
N GLY A 1 -3.10 3.87 -28.11
CA GLY A 1 -4.35 4.62 -28.05
C GLY A 1 -4.17 5.97 -27.41
N SER A 2 -4.81 6.99 -27.99
CA SER A 2 -4.71 8.35 -27.47
C SER A 2 -6.07 8.82 -26.94
N SER A 3 -6.20 8.86 -25.62
CA SER A 3 -7.44 9.29 -24.99
C SER A 3 -7.15 9.89 -23.61
N GLY A 4 -7.83 11.00 -23.31
CA GLY A 4 -7.65 11.66 -22.03
C GLY A 4 -8.25 10.87 -20.89
N SER A 5 -7.85 11.21 -19.67
CA SER A 5 -8.35 10.52 -18.48
C SER A 5 -8.57 11.51 -17.33
N SER A 6 -9.59 11.25 -16.53
CA SER A 6 -9.92 12.11 -15.41
C SER A 6 -9.37 11.53 -14.10
N GLY A 7 -8.95 12.41 -13.20
CA GLY A 7 -8.42 11.97 -11.92
C GLY A 7 -6.92 11.75 -11.96
N PRO A 8 -6.33 11.45 -10.80
CA PRO A 8 -4.88 11.21 -10.69
C PRO A 8 -4.45 9.91 -11.36
N VAL A 9 -3.29 9.94 -12.01
CA VAL A 9 -2.76 8.77 -12.69
C VAL A 9 -1.33 8.48 -12.26
N ALA A 10 -0.60 9.53 -11.90
CA ALA A 10 0.78 9.39 -11.47
C ALA A 10 0.91 8.32 -10.38
N GLY A 11 -0.10 8.23 -9.53
CA GLY A 11 -0.08 7.25 -8.46
C GLY A 11 1.10 7.44 -7.53
N PRO A 12 0.91 7.09 -6.25
CA PRO A 12 1.97 7.21 -5.23
C PRO A 12 3.08 6.19 -5.43
N TYR A 13 4.25 6.51 -4.89
CA TYR A 13 5.41 5.62 -5.02
C TYR A 13 5.91 5.19 -3.65
N ILE A 14 6.08 3.88 -3.46
CA ILE A 14 6.56 3.35 -2.19
C ILE A 14 8.09 3.42 -2.12
N THR A 15 8.60 4.26 -1.22
CA THR A 15 10.03 4.42 -1.04
C THR A 15 10.47 3.97 0.34
N PHE A 16 9.54 3.37 1.09
CA PHE A 16 9.83 2.90 2.44
C PHE A 16 9.05 1.62 2.74
N THR A 17 9.78 0.56 3.08
CA THR A 17 9.16 -0.72 3.40
C THR A 17 9.92 -1.43 4.51
N ASP A 18 9.30 -1.55 5.67
CA ASP A 18 9.92 -2.21 6.82
C ASP A 18 8.87 -2.94 7.65
N ALA A 19 9.29 -3.98 8.36
CA ALA A 19 8.40 -4.75 9.20
C ALA A 19 8.47 -4.29 10.65
N VAL A 20 7.43 -3.61 11.11
CA VAL A 20 7.38 -3.12 12.48
C VAL A 20 7.32 -4.28 13.48
N ASN A 21 6.76 -5.40 13.05
CA ASN A 21 6.64 -6.58 13.89
C ASN A 21 6.38 -7.83 13.07
N GLU A 22 6.17 -8.95 13.75
CA GLU A 22 5.90 -10.22 13.07
C GLU A 22 4.53 -10.19 12.40
N THR A 23 3.67 -9.27 12.85
CA THR A 23 2.33 -9.15 12.30
C THR A 23 2.02 -7.71 11.93
N THR A 24 3.07 -6.89 11.82
CA THR A 24 2.90 -5.48 11.47
C THR A 24 3.98 -5.03 10.49
N ILE A 25 3.62 -4.08 9.63
CA ILE A 25 4.55 -3.57 8.63
C ILE A 25 4.33 -2.08 8.41
N MET A 26 5.44 -1.33 8.36
CA MET A 26 5.36 0.12 8.13
C MET A 26 5.88 0.48 6.75
N LEU A 27 5.03 1.14 5.96
CA LEU A 27 5.40 1.55 4.61
C LEU A 27 4.98 2.98 4.34
N LYS A 28 5.83 3.72 3.64
CA LYS A 28 5.55 5.12 3.30
C LYS A 28 5.55 5.33 1.80
N TRP A 29 4.66 6.19 1.32
CA TRP A 29 4.58 6.48 -0.11
C TRP A 29 4.82 7.96 -0.37
N MET A 30 5.24 8.28 -1.59
CA MET A 30 5.51 9.66 -1.97
C MET A 30 4.60 10.09 -3.12
N TYR A 31 4.47 11.40 -3.31
CA TYR A 31 3.63 11.94 -4.37
C TYR A 31 4.46 12.77 -5.35
N ILE A 32 4.17 12.62 -6.64
CA ILE A 32 4.88 13.35 -7.68
C ILE A 32 4.05 14.52 -8.19
N PRO A 33 4.31 15.72 -7.65
CA PRO A 33 3.60 16.94 -8.04
C PRO A 33 3.97 17.39 -9.45
N ALA A 34 5.14 16.98 -9.91
CA ALA A 34 5.60 17.35 -11.25
C ALA A 34 4.56 17.01 -12.30
N SER A 35 4.38 15.72 -12.57
CA SER A 35 3.42 15.27 -13.56
C SER A 35 2.03 15.13 -12.95
N ASN A 36 1.69 16.06 -12.06
CA ASN A 36 0.39 16.04 -11.39
C ASN A 36 -0.56 17.06 -12.01
N ASN A 37 -1.86 16.82 -11.89
CA ASN A 37 -2.86 17.72 -12.43
C ASN A 37 -3.42 18.64 -11.35
N ASN A 38 -2.59 18.93 -10.35
CA ASN A 38 -3.00 19.81 -9.25
C ASN A 38 -4.41 19.45 -8.78
N THR A 39 -4.70 18.16 -8.66
CA THR A 39 -6.01 17.71 -8.23
C THR A 39 -5.93 17.08 -6.84
N PRO A 40 -6.92 17.41 -5.99
CA PRO A 40 -6.99 16.90 -4.62
C PRO A 40 -7.33 15.41 -4.57
N ILE A 41 -6.77 14.72 -3.60
CA ILE A 41 -7.01 13.28 -3.44
C ILE A 41 -7.92 13.01 -2.25
N HIS A 42 -8.76 11.99 -2.39
CA HIS A 42 -9.69 11.62 -1.32
C HIS A 42 -8.97 10.89 -0.20
N GLY A 43 -8.09 9.96 -0.58
CA GLY A 43 -7.34 9.21 0.41
C GLY A 43 -6.27 8.33 -0.21
N PHE A 44 -5.90 7.26 0.48
CA PHE A 44 -4.88 6.35 -0.01
C PHE A 44 -5.25 4.90 0.28
N TYR A 45 -5.36 4.09 -0.77
CA TYR A 45 -5.71 2.68 -0.61
C TYR A 45 -4.46 1.81 -0.58
N ILE A 46 -4.47 0.83 0.31
CA ILE A 46 -3.34 -0.08 0.45
C ILE A 46 -3.79 -1.54 0.37
N TYR A 47 -3.20 -2.29 -0.56
CA TYR A 47 -3.54 -3.70 -0.74
C TYR A 47 -2.41 -4.60 -0.26
N TYR A 48 -2.76 -5.75 0.28
CA TYR A 48 -1.78 -6.71 0.77
C TYR A 48 -2.36 -8.12 0.82
N ARG A 49 -1.48 -9.11 0.75
CA ARG A 49 -1.90 -10.51 0.78
C ARG A 49 -0.69 -11.44 0.81
N PRO A 50 -0.82 -12.54 1.56
CA PRO A 50 0.26 -13.53 1.70
C PRO A 50 0.47 -14.32 0.41
N THR A 51 1.74 -14.58 0.08
CA THR A 51 2.08 -15.32 -1.13
C THR A 51 1.40 -16.68 -1.14
N ASP A 52 1.07 -17.19 0.04
CA ASP A 52 0.41 -18.49 0.16
C ASP A 52 -1.01 -18.43 -0.36
N SER A 53 -1.53 -17.20 -0.53
CA SER A 53 -2.89 -17.01 -1.02
C SER A 53 -3.08 -17.72 -2.37
N ASP A 54 -4.26 -17.53 -2.96
CA ASP A 54 -4.58 -18.14 -4.24
C ASP A 54 -4.45 -17.12 -5.37
N ASN A 55 -5.18 -16.02 -5.24
CA ASN A 55 -5.16 -14.96 -6.26
C ASN A 55 -5.48 -13.60 -5.65
N ASP A 56 -5.57 -12.58 -6.50
CA ASP A 56 -5.87 -11.23 -6.04
C ASP A 56 -7.15 -11.22 -5.20
N SER A 57 -7.92 -12.29 -5.29
CA SER A 57 -9.17 -12.39 -4.55
C SER A 57 -8.94 -12.22 -3.05
N ASP A 58 -7.67 -12.29 -2.66
CA ASP A 58 -7.30 -12.14 -1.25
C ASP A 58 -6.88 -10.71 -0.95
N TYR A 59 -6.25 -10.06 -1.93
CA TYR A 59 -5.77 -8.70 -1.78
C TYR A 59 -6.82 -7.84 -1.06
N LYS A 60 -6.41 -7.25 0.07
CA LYS A 60 -7.31 -6.42 0.85
C LYS A 60 -7.18 -4.94 0.43
N LYS A 61 -7.87 -4.07 1.15
CA LYS A 61 -7.84 -2.64 0.85
C LYS A 61 -7.91 -1.82 2.13
N ASP A 62 -6.96 -0.90 2.29
CA ASP A 62 -6.92 -0.05 3.47
C ASP A 62 -6.91 1.42 3.08
N MET A 63 -7.99 2.13 3.40
CA MET A 63 -8.11 3.55 3.08
C MET A 63 -7.36 4.40 4.11
N VAL A 64 -6.68 5.43 3.62
CA VAL A 64 -5.92 6.33 4.50
C VAL A 64 -6.06 7.78 4.06
N GLU A 65 -6.15 8.68 5.03
CA GLU A 65 -6.28 10.10 4.73
C GLU A 65 -5.42 10.51 3.55
N GLY A 66 -5.89 11.48 2.78
CA GLY A 66 -5.14 11.93 1.62
C GLY A 66 -3.88 12.68 2.00
N ASP A 67 -3.85 13.22 3.22
CA ASP A 67 -2.69 13.96 3.70
C ASP A 67 -1.69 13.03 4.37
N ARG A 68 -2.14 11.80 4.67
CA ARG A 68 -1.28 10.83 5.32
C ARG A 68 -0.40 10.12 4.30
N TYR A 69 0.90 10.06 4.59
CA TYR A 69 1.85 9.42 3.69
C TYR A 69 2.49 8.21 4.36
N TRP A 70 1.88 7.75 5.44
CA TRP A 70 2.39 6.60 6.18
C TRP A 70 1.26 5.76 6.74
N HIS A 71 1.48 4.45 6.86
CA HIS A 71 0.47 3.54 7.38
C HIS A 71 1.12 2.26 7.90
N SER A 72 0.77 1.89 9.13
CA SER A 72 1.31 0.69 9.75
C SER A 72 0.31 -0.46 9.69
N ILE A 73 0.53 -1.37 8.75
CA ILE A 73 -0.36 -2.52 8.59
C ILE A 73 -0.24 -3.48 9.77
N SER A 74 -1.29 -4.26 9.99
CA SER A 74 -1.29 -5.23 11.10
C SER A 74 -2.07 -6.48 10.70
N HIS A 75 -2.17 -7.42 11.64
CA HIS A 75 -2.89 -8.67 11.40
C HIS A 75 -2.32 -9.40 10.19
N LEU A 76 -0.99 -9.57 10.17
CA LEU A 76 -0.33 -10.25 9.07
C LEU A 76 0.30 -11.56 9.53
N GLN A 77 1.02 -12.22 8.63
CA GLN A 77 1.68 -13.48 8.95
C GLN A 77 3.14 -13.25 9.31
N PRO A 78 3.62 -14.00 10.32
CA PRO A 78 5.00 -13.90 10.79
C PRO A 78 5.99 -14.46 9.78
N GLU A 79 7.20 -13.89 9.77
CA GLU A 79 8.24 -14.34 8.84
C GLU A 79 7.64 -14.78 7.52
N THR A 80 6.63 -14.05 7.06
CA THR A 80 5.97 -14.38 5.80
C THR A 80 6.31 -13.36 4.72
N SER A 81 7.17 -13.74 3.79
CA SER A 81 7.57 -12.87 2.70
C SER A 81 6.49 -12.78 1.63
N TYR A 82 5.73 -11.69 1.65
CA TYR A 82 4.67 -11.48 0.68
C TYR A 82 4.78 -10.12 0.01
N ASP A 83 4.26 -10.03 -1.22
CA ASP A 83 4.30 -8.77 -1.97
C ASP A 83 3.36 -7.74 -1.38
N ILE A 84 3.67 -6.48 -1.57
CA ILE A 84 2.84 -5.39 -1.06
C ILE A 84 2.73 -4.24 -2.06
N LYS A 85 1.53 -3.73 -2.23
CA LYS A 85 1.29 -2.64 -3.16
C LYS A 85 0.14 -1.75 -2.69
N MET A 86 0.03 -0.55 -3.27
CA MET A 86 -1.01 0.38 -2.90
C MET A 86 -1.40 1.26 -4.08
N GLN A 87 -2.44 2.06 -3.90
CA GLN A 87 -2.91 2.96 -4.96
C GLN A 87 -3.77 4.07 -4.38
N CYS A 88 -3.71 5.25 -5.01
CA CYS A 88 -4.47 6.40 -4.56
C CYS A 88 -5.77 6.52 -5.34
N PHE A 89 -6.72 7.30 -4.81
CA PHE A 89 -8.01 7.50 -5.45
C PHE A 89 -8.58 8.87 -5.12
N ASN A 90 -9.49 9.34 -5.96
CA ASN A 90 -10.12 10.64 -5.75
C ASN A 90 -11.41 10.76 -6.56
N GLU A 91 -12.18 11.80 -6.28
CA GLU A 91 -13.44 12.03 -6.98
C GLU A 91 -13.31 11.66 -8.46
N GLY A 92 -12.18 11.98 -9.04
CA GLY A 92 -11.95 11.68 -10.45
C GLY A 92 -11.96 10.18 -10.73
N GLY A 93 -11.24 9.42 -9.90
CA GLY A 93 -11.18 7.99 -10.07
C GLY A 93 -9.87 7.40 -9.59
N GLU A 94 -9.88 6.09 -9.32
CA GLU A 94 -8.68 5.41 -8.85
C GLU A 94 -7.50 5.69 -9.76
N SER A 95 -6.30 5.74 -9.18
CA SER A 95 -5.09 6.00 -9.94
C SER A 95 -4.41 4.69 -10.35
N GLU A 96 -3.26 4.82 -11.00
CA GLU A 96 -2.50 3.64 -11.44
C GLU A 96 -2.02 2.83 -10.24
N PHE A 97 -1.66 1.57 -10.50
CA PHE A 97 -1.18 0.69 -9.45
C PHE A 97 0.29 0.96 -9.14
N SER A 98 0.56 1.29 -7.87
CA SER A 98 1.92 1.58 -7.43
C SER A 98 2.84 0.38 -7.66
N ASN A 99 4.11 0.54 -7.35
CA ASN A 99 5.09 -0.52 -7.51
C ASN A 99 4.83 -1.66 -6.52
N VAL A 100 5.58 -2.75 -6.67
CA VAL A 100 5.44 -3.90 -5.78
C VAL A 100 6.63 -4.03 -4.84
N MET A 101 6.38 -3.86 -3.55
CA MET A 101 7.45 -3.96 -2.55
C MET A 101 7.24 -5.19 -1.67
N ILE A 102 8.26 -6.04 -1.62
CA ILE A 102 8.20 -7.25 -0.82
C ILE A 102 8.85 -7.05 0.55
N CYS A 103 8.02 -6.81 1.56
CA CYS A 103 8.51 -6.60 2.92
C CYS A 103 8.28 -7.84 3.78
N GLU A 104 9.37 -8.50 4.17
CA GLU A 104 9.28 -9.70 4.99
C GLU A 104 9.02 -9.34 6.45
N THR A 105 7.95 -9.90 7.00
CA THR A 105 7.59 -9.63 8.39
C THR A 105 8.63 -10.18 9.35
N LYS A 106 8.44 -9.92 10.64
CA LYS A 106 9.37 -10.40 11.66
C LYS A 106 9.07 -11.84 12.04
N ALA A 107 10.08 -12.55 12.51
CA ALA A 107 9.92 -13.95 12.92
C ALA A 107 9.31 -14.05 14.32
N ARG A 108 8.29 -14.89 14.46
CA ARG A 108 7.63 -15.08 15.74
C ARG A 108 8.55 -15.77 16.73
N SER A 109 8.65 -15.20 17.94
CA SER A 109 9.50 -15.76 18.97
C SER A 109 8.67 -16.15 20.21
N GLY A 110 8.82 -17.39 20.64
CA GLY A 110 8.09 -17.87 21.79
C GLY A 110 6.81 -18.59 21.41
N PRO A 111 6.38 -19.53 22.26
CA PRO A 111 5.16 -20.31 22.03
C PRO A 111 3.90 -19.48 22.17
N SER A 112 3.80 -18.73 23.27
CA SER A 112 2.64 -17.89 23.52
C SER A 112 2.25 -17.11 22.27
N SER A 113 1.05 -17.36 21.77
CA SER A 113 0.56 -16.69 20.57
C SER A 113 -0.92 -16.36 20.70
N GLY A 114 -1.31 -15.21 20.16
CA GLY A 114 -2.70 -14.80 20.23
C GLY A 114 -3.07 -13.82 19.13
N GLY A 1 -5.30 14.66 -29.33
CA GLY A 1 -5.32 15.05 -27.94
C GLY A 1 -6.54 14.53 -27.20
N SER A 2 -6.31 13.91 -26.05
CA SER A 2 -7.39 13.36 -25.26
C SER A 2 -8.49 14.40 -25.03
N SER A 3 -9.60 13.97 -24.43
CA SER A 3 -10.71 14.87 -24.15
C SER A 3 -10.52 15.57 -22.82
N GLY A 4 -10.20 14.80 -21.79
CA GLY A 4 -10.00 15.35 -20.46
C GLY A 4 -10.29 14.36 -19.36
N SER A 5 -9.34 13.45 -19.12
CA SER A 5 -9.49 12.43 -18.09
C SER A 5 -9.54 13.07 -16.70
N SER A 6 -10.49 12.63 -15.89
CA SER A 6 -10.64 13.16 -14.54
C SER A 6 -10.19 12.13 -13.50
N GLY A 7 -9.35 12.58 -12.58
CA GLY A 7 -8.85 11.69 -11.54
C GLY A 7 -7.35 11.47 -11.63
N PRO A 8 -6.73 11.15 -10.48
CA PRO A 8 -5.29 10.92 -10.41
C PRO A 8 -4.87 9.62 -11.10
N VAL A 9 -3.70 9.65 -11.74
CA VAL A 9 -3.20 8.47 -12.44
C VAL A 9 -1.76 8.17 -12.04
N ALA A 10 -0.96 9.22 -11.92
CA ALA A 10 0.44 9.07 -11.53
C ALA A 10 0.59 8.04 -10.42
N GLY A 11 -0.33 8.04 -9.47
CA GLY A 11 -0.28 7.11 -8.37
C GLY A 11 0.97 7.29 -7.51
N PRO A 12 0.85 6.96 -6.22
CA PRO A 12 1.96 7.08 -5.27
C PRO A 12 3.05 6.05 -5.53
N TYR A 13 4.24 6.30 -4.97
CA TYR A 13 5.36 5.38 -5.14
C TYR A 13 6.02 5.07 -3.81
N ILE A 14 6.11 3.79 -3.49
CA ILE A 14 6.72 3.35 -2.24
C ILE A 14 8.23 3.53 -2.26
N THR A 15 8.74 4.23 -1.25
CA THR A 15 10.18 4.48 -1.15
C THR A 15 10.74 4.01 0.18
N PHE A 16 9.88 3.37 0.97
CA PHE A 16 10.29 2.86 2.28
C PHE A 16 9.39 1.71 2.72
N THR A 17 10.01 0.57 3.03
CA THR A 17 9.27 -0.61 3.46
C THR A 17 10.01 -1.34 4.58
N ASP A 18 9.42 -1.34 5.76
CA ASP A 18 10.01 -2.00 6.91
C ASP A 18 8.95 -2.70 7.75
N ALA A 19 9.37 -3.72 8.50
CA ALA A 19 8.45 -4.48 9.34
C ALA A 19 8.47 -3.96 10.78
N VAL A 20 7.38 -3.32 11.18
CA VAL A 20 7.27 -2.78 12.53
C VAL A 20 7.21 -3.89 13.56
N ASN A 21 6.68 -5.04 13.16
CA ASN A 21 6.56 -6.18 14.06
C ASN A 21 6.38 -7.47 13.26
N GLU A 22 6.21 -8.59 13.97
CA GLU A 22 6.03 -9.89 13.34
C GLU A 22 4.74 -9.92 12.54
N THR A 23 3.75 -9.15 12.98
CA THR A 23 2.46 -9.10 12.30
C THR A 23 2.10 -7.68 11.91
N THR A 24 3.12 -6.82 11.82
CA THR A 24 2.92 -5.43 11.45
C THR A 24 4.01 -4.95 10.50
N ILE A 25 3.64 -4.06 9.58
CA ILE A 25 4.57 -3.53 8.60
C ILE A 25 4.30 -2.05 8.32
N MET A 26 5.37 -1.27 8.29
CA MET A 26 5.25 0.17 8.03
C MET A 26 5.83 0.53 6.67
N LEU A 27 5.00 1.11 5.80
CA LEU A 27 5.44 1.49 4.47
C LEU A 27 5.09 2.95 4.19
N LYS A 28 6.03 3.67 3.57
CA LYS A 28 5.82 5.07 3.24
C LYS A 28 5.82 5.29 1.73
N TRP A 29 4.94 6.15 1.26
CA TRP A 29 4.84 6.44 -0.17
C TRP A 29 5.04 7.93 -0.44
N MET A 30 5.58 8.25 -1.61
CA MET A 30 5.81 9.64 -1.98
C MET A 30 4.78 10.12 -2.99
N TYR A 31 4.70 11.43 -3.18
CA TYR A 31 3.74 12.02 -4.11
C TYR A 31 4.44 12.95 -5.09
N ILE A 32 4.11 12.82 -6.36
CA ILE A 32 4.70 13.65 -7.41
C ILE A 32 3.64 14.52 -8.09
N PRO A 33 3.51 15.76 -7.62
CA PRO A 33 2.54 16.72 -8.17
C PRO A 33 2.91 17.18 -9.57
N ALA A 34 4.12 16.81 -10.01
CA ALA A 34 4.59 17.18 -11.34
C ALA A 34 3.66 16.65 -12.42
N SER A 35 3.64 15.33 -12.56
CA SER A 35 2.80 14.68 -13.58
C SER A 35 1.42 14.37 -13.01
N ASN A 36 0.87 15.31 -12.25
CA ASN A 36 -0.45 15.13 -11.64
C ASN A 36 -1.45 16.10 -12.25
N ASN A 37 -2.74 15.80 -12.07
CA ASN A 37 -3.80 16.64 -12.60
C ASN A 37 -4.22 17.70 -11.58
N ASN A 38 -3.27 18.12 -10.74
CA ASN A 38 -3.54 19.12 -9.73
C ASN A 38 -4.92 18.91 -9.09
N THR A 39 -5.27 17.63 -8.89
CA THR A 39 -6.56 17.29 -8.30
C THR A 39 -6.40 16.81 -6.86
N PRO A 40 -7.34 17.21 -5.99
CA PRO A 40 -7.31 16.83 -4.57
C PRO A 40 -7.61 15.35 -4.36
N ILE A 41 -6.87 14.72 -3.46
CA ILE A 41 -7.06 13.31 -3.16
C ILE A 41 -7.91 13.12 -1.93
N HIS A 42 -8.74 12.07 -1.93
CA HIS A 42 -9.61 11.78 -0.80
C HIS A 42 -8.86 10.99 0.27
N GLY A 43 -8.04 10.05 -0.16
CA GLY A 43 -7.27 9.24 0.77
C GLY A 43 -6.20 8.41 0.08
N PHE A 44 -5.87 7.27 0.67
CA PHE A 44 -4.85 6.38 0.11
C PHE A 44 -5.21 4.92 0.36
N TYR A 45 -5.30 4.14 -0.71
CA TYR A 45 -5.62 2.73 -0.61
C TYR A 45 -4.36 1.87 -0.58
N ILE A 46 -4.42 0.76 0.14
CA ILE A 46 -3.29 -0.15 0.26
C ILE A 46 -3.73 -1.60 0.16
N TYR A 47 -3.11 -2.35 -0.74
CA TYR A 47 -3.44 -3.76 -0.94
C TYR A 47 -2.33 -4.65 -0.41
N TYR A 48 -2.71 -5.83 0.09
CA TYR A 48 -1.74 -6.78 0.62
C TYR A 48 -2.32 -8.20 0.65
N ARG A 49 -1.44 -9.18 0.57
CA ARG A 49 -1.86 -10.59 0.57
C ARG A 49 -0.66 -11.51 0.64
N PRO A 50 -0.81 -12.63 1.38
CA PRO A 50 0.26 -13.61 1.55
C PRO A 50 0.54 -14.39 0.26
N THR A 51 1.80 -14.74 0.04
CA THR A 51 2.19 -15.48 -1.15
C THR A 51 1.39 -16.77 -1.28
N ASP A 52 0.81 -17.21 -0.17
CA ASP A 52 0.02 -18.44 -0.16
C ASP A 52 -1.34 -18.22 -0.81
N SER A 53 -1.82 -16.97 -0.76
CA SER A 53 -3.11 -16.63 -1.33
C SER A 53 -3.28 -17.29 -2.70
N ASP A 54 -4.54 -17.54 -3.07
CA ASP A 54 -4.85 -18.18 -4.35
C ASP A 54 -4.62 -17.21 -5.50
N ASN A 55 -5.32 -16.08 -5.47
CA ASN A 55 -5.19 -15.08 -6.51
C ASN A 55 -5.50 -13.68 -5.97
N ASP A 56 -5.46 -12.69 -6.85
CA ASP A 56 -5.74 -11.30 -6.46
C ASP A 56 -7.01 -11.23 -5.61
N SER A 57 -7.92 -12.17 -5.83
CA SER A 57 -9.18 -12.21 -5.09
C SER A 57 -8.93 -12.06 -3.60
N ASP A 58 -7.70 -12.32 -3.18
CA ASP A 58 -7.33 -12.23 -1.77
C ASP A 58 -6.90 -10.81 -1.42
N TYR A 59 -6.17 -10.17 -2.33
CA TYR A 59 -5.69 -8.81 -2.13
C TYR A 59 -6.74 -7.97 -1.42
N LYS A 60 -6.37 -7.40 -0.28
CA LYS A 60 -7.28 -6.56 0.49
C LYS A 60 -7.14 -5.10 0.09
N LYS A 61 -7.86 -4.22 0.80
CA LYS A 61 -7.81 -2.79 0.53
C LYS A 61 -7.98 -1.98 1.80
N ASP A 62 -6.93 -1.29 2.20
CA ASP A 62 -6.96 -0.47 3.41
C ASP A 62 -6.82 1.01 3.07
N MET A 63 -7.91 1.75 3.23
CA MET A 63 -7.92 3.18 2.93
C MET A 63 -7.16 3.95 4.01
N VAL A 64 -6.62 5.11 3.63
CA VAL A 64 -5.87 5.94 4.56
C VAL A 64 -6.12 7.43 4.29
N GLU A 65 -6.11 8.23 5.35
CA GLU A 65 -6.33 9.66 5.23
C GLU A 65 -5.52 10.24 4.06
N GLY A 66 -6.11 11.22 3.38
CA GLY A 66 -5.43 11.84 2.26
C GLY A 66 -4.17 12.55 2.66
N ASP A 67 -4.19 13.17 3.84
CA ASP A 67 -3.03 13.89 4.35
C ASP A 67 -1.95 12.94 4.84
N ARG A 68 -2.36 11.69 5.09
CA ARG A 68 -1.43 10.67 5.57
C ARG A 68 -0.60 10.10 4.41
N TYR A 69 0.70 10.01 4.63
CA TYR A 69 1.60 9.48 3.61
C TYR A 69 2.23 8.17 4.06
N TRP A 70 1.75 7.64 5.17
CA TRP A 70 2.26 6.38 5.71
C TRP A 70 1.14 5.55 6.32
N HIS A 71 1.34 4.24 6.37
CA HIS A 71 0.35 3.34 6.94
C HIS A 71 1.00 2.06 7.48
N SER A 72 0.55 1.62 8.64
CA SER A 72 1.10 0.42 9.27
C SER A 72 0.08 -0.72 9.24
N ILE A 73 0.32 -1.68 8.36
CA ILE A 73 -0.57 -2.83 8.22
C ILE A 73 -0.45 -3.76 9.43
N SER A 74 -1.56 -4.40 9.78
CA SER A 74 -1.58 -5.32 10.92
C SER A 74 -2.35 -6.60 10.56
N HIS A 75 -2.30 -7.57 11.47
CA HIS A 75 -2.98 -8.84 11.26
C HIS A 75 -2.35 -9.62 10.12
N LEU A 76 -1.03 -9.68 10.11
CA LEU A 76 -0.30 -10.39 9.07
C LEU A 76 0.41 -11.62 9.65
N GLN A 77 1.10 -12.35 8.77
CA GLN A 77 1.82 -13.55 9.20
C GLN A 77 3.29 -13.24 9.46
N PRO A 78 3.84 -13.85 10.52
CA PRO A 78 5.25 -13.66 10.91
C PRO A 78 6.21 -14.29 9.92
N GLU A 79 7.44 -13.78 9.88
CA GLU A 79 8.45 -14.30 8.97
C GLU A 79 7.83 -14.76 7.66
N THR A 80 6.77 -14.07 7.24
CA THR A 80 6.08 -14.41 6.00
C THR A 80 6.35 -13.38 4.92
N SER A 81 7.17 -13.75 3.94
CA SER A 81 7.52 -12.86 2.85
C SER A 81 6.37 -12.77 1.84
N TYR A 82 5.71 -11.62 1.79
CA TYR A 82 4.60 -11.41 0.88
C TYR A 82 4.73 -10.07 0.17
N ASP A 83 4.08 -9.95 -0.99
CA ASP A 83 4.13 -8.71 -1.77
C ASP A 83 3.17 -7.67 -1.18
N ILE A 84 3.48 -6.41 -1.41
CA ILE A 84 2.65 -5.32 -0.91
C ILE A 84 2.58 -4.17 -1.92
N LYS A 85 1.37 -3.65 -2.12
CA LYS A 85 1.17 -2.55 -3.05
C LYS A 85 0.18 -1.54 -2.49
N MET A 86 -0.07 -0.48 -3.25
CA MET A 86 -1.00 0.56 -2.82
C MET A 86 -1.39 1.46 -4.00
N GLN A 87 -2.37 2.32 -3.77
CA GLN A 87 -2.85 3.22 -4.81
C GLN A 87 -3.74 4.32 -4.23
N CYS A 88 -3.70 5.49 -4.84
CA CYS A 88 -4.50 6.62 -4.38
C CYS A 88 -5.80 6.74 -5.17
N PHE A 89 -6.79 7.37 -4.58
CA PHE A 89 -8.09 7.55 -5.24
C PHE A 89 -8.69 8.91 -4.89
N ASN A 90 -9.85 9.20 -5.47
CA ASN A 90 -10.53 10.47 -5.23
C ASN A 90 -11.91 10.47 -5.88
N GLU A 91 -12.75 11.42 -5.47
CA GLU A 91 -14.10 11.53 -6.01
C GLU A 91 -14.08 11.40 -7.53
N GLY A 92 -12.99 11.83 -8.15
CA GLY A 92 -12.87 11.74 -9.59
C GLY A 92 -12.63 10.33 -10.07
N GLY A 93 -11.77 9.60 -9.37
CA GLY A 93 -11.48 8.22 -9.75
C GLY A 93 -10.20 7.71 -9.12
N GLU A 94 -9.93 6.43 -9.29
CA GLU A 94 -8.73 5.81 -8.72
C GLU A 94 -7.54 6.00 -9.66
N SER A 95 -6.34 5.79 -9.12
CA SER A 95 -5.11 5.93 -9.90
C SER A 95 -4.52 4.57 -10.23
N GLU A 96 -3.36 4.58 -10.89
CA GLU A 96 -2.69 3.35 -11.27
C GLU A 96 -2.22 2.58 -10.04
N PHE A 97 -1.94 1.30 -10.23
CA PHE A 97 -1.48 0.45 -9.13
C PHE A 97 0.00 0.67 -8.86
N SER A 98 0.30 1.16 -7.65
CA SER A 98 1.67 1.42 -7.25
C SER A 98 2.54 0.18 -7.42
N ASN A 99 3.85 0.37 -7.36
CA ASN A 99 4.80 -0.74 -7.51
C ASN A 99 4.54 -1.81 -6.46
N VAL A 100 5.18 -2.97 -6.63
CA VAL A 100 5.01 -4.08 -5.71
C VAL A 100 6.25 -4.25 -4.84
N MET A 101 6.12 -3.94 -3.55
CA MET A 101 7.23 -4.08 -2.61
C MET A 101 7.06 -5.31 -1.74
N ILE A 102 8.13 -6.07 -1.57
CA ILE A 102 8.11 -7.27 -0.74
C ILE A 102 8.76 -7.02 0.61
N CYS A 103 7.93 -6.81 1.63
CA CYS A 103 8.42 -6.56 2.98
C CYS A 103 8.21 -7.79 3.87
N GLU A 104 9.30 -8.48 4.17
CA GLU A 104 9.24 -9.68 5.01
C GLU A 104 9.03 -9.30 6.48
N THR A 105 7.98 -9.85 7.08
CA THR A 105 7.66 -9.57 8.47
C THR A 105 8.77 -10.11 9.40
N LYS A 106 8.65 -9.79 10.68
CA LYS A 106 9.64 -10.24 11.67
C LYS A 106 9.30 -11.63 12.17
N ALA A 107 10.32 -12.36 12.61
CA ALA A 107 10.13 -13.71 13.12
C ALA A 107 9.36 -13.69 14.44
N ARG A 108 8.40 -14.61 14.57
CA ARG A 108 7.58 -14.70 15.77
C ARG A 108 8.25 -15.60 16.81
N SER A 109 9.47 -16.05 16.52
CA SER A 109 10.21 -16.92 17.42
C SER A 109 10.24 -16.34 18.83
N GLY A 110 9.79 -17.13 19.80
CA GLY A 110 9.77 -16.69 21.18
C GLY A 110 8.80 -17.49 22.04
N PRO A 111 8.99 -17.42 23.36
CA PRO A 111 8.14 -18.14 24.32
C PRO A 111 6.74 -17.55 24.39
N SER A 112 5.81 -18.30 24.99
CA SER A 112 4.43 -17.86 25.12
C SER A 112 3.89 -18.20 26.50
N SER A 113 3.68 -17.17 27.33
CA SER A 113 3.15 -17.37 28.68
C SER A 113 1.68 -17.01 28.74
N GLY A 114 0.83 -18.03 28.82
CA GLY A 114 -0.60 -17.82 28.89
C GLY A 114 -1.09 -16.87 27.81
N GLY A 1 -22.72 10.16 -19.26
CA GLY A 1 -21.41 9.72 -19.68
C GLY A 1 -20.48 10.88 -19.94
N SER A 2 -20.07 11.58 -18.88
CA SER A 2 -19.18 12.71 -18.99
C SER A 2 -17.92 12.35 -19.79
N SER A 3 -17.49 13.25 -20.66
CA SER A 3 -16.31 13.01 -21.48
C SER A 3 -15.18 12.44 -20.64
N GLY A 4 -14.83 13.15 -19.56
CA GLY A 4 -13.76 12.70 -18.70
C GLY A 4 -13.90 13.21 -17.28
N SER A 5 -12.79 13.28 -16.56
CA SER A 5 -12.80 13.75 -15.18
C SER A 5 -11.37 13.92 -14.66
N SER A 6 -11.11 15.06 -14.02
CA SER A 6 -9.80 15.34 -13.47
C SER A 6 -9.46 14.38 -12.33
N GLY A 7 -8.59 13.42 -12.61
CA GLY A 7 -8.20 12.44 -11.61
C GLY A 7 -6.73 12.11 -11.66
N PRO A 8 -6.16 11.71 -10.51
CA PRO A 8 -4.75 11.35 -10.42
C PRO A 8 -4.42 10.05 -11.13
N VAL A 9 -3.29 10.02 -11.83
CA VAL A 9 -2.88 8.84 -12.56
C VAL A 9 -1.48 8.38 -12.14
N ALA A 10 -0.59 9.36 -11.93
CA ALA A 10 0.78 9.06 -11.52
C ALA A 10 0.80 8.08 -10.36
N GLY A 11 -0.17 8.21 -9.46
CA GLY A 11 -0.24 7.32 -8.30
C GLY A 11 0.97 7.45 -7.40
N PRO A 12 0.82 7.01 -6.14
CA PRO A 12 1.90 7.07 -5.16
C PRO A 12 3.03 6.08 -5.47
N TYR A 13 4.19 6.33 -4.89
CA TYR A 13 5.35 5.46 -5.12
C TYR A 13 5.99 5.07 -3.79
N ILE A 14 5.99 3.77 -3.50
CA ILE A 14 6.58 3.26 -2.27
C ILE A 14 8.10 3.34 -2.31
N THR A 15 8.68 4.03 -1.33
CA THR A 15 10.13 4.18 -1.26
C THR A 15 10.66 3.71 0.10
N PHE A 16 9.75 3.29 0.98
CA PHE A 16 10.13 2.83 2.30
C PHE A 16 9.27 1.64 2.73
N THR A 17 9.91 0.51 2.97
CA THR A 17 9.21 -0.70 3.39
C THR A 17 9.97 -1.43 4.49
N ASP A 18 9.36 -1.49 5.67
CA ASP A 18 9.98 -2.17 6.81
C ASP A 18 8.92 -2.85 7.68
N ALA A 19 9.34 -3.89 8.38
CA ALA A 19 8.42 -4.64 9.24
C ALA A 19 8.48 -4.10 10.68
N VAL A 20 7.37 -3.53 11.14
CA VAL A 20 7.29 -2.99 12.49
C VAL A 20 7.18 -4.10 13.52
N ASN A 21 6.66 -5.25 13.09
CA ASN A 21 6.50 -6.40 13.99
C ASN A 21 6.25 -7.68 13.19
N GLU A 22 6.18 -8.80 13.89
CA GLU A 22 5.94 -10.09 13.25
C GLU A 22 4.57 -10.11 12.58
N THR A 23 3.70 -9.19 12.97
CA THR A 23 2.36 -9.11 12.41
C THR A 23 2.03 -7.69 11.99
N THR A 24 3.06 -6.85 11.88
CA THR A 24 2.87 -5.46 11.47
C THR A 24 3.95 -5.03 10.49
N ILE A 25 3.58 -4.13 9.58
CA ILE A 25 4.52 -3.62 8.58
C ILE A 25 4.29 -2.15 8.30
N MET A 26 5.36 -1.37 8.35
CA MET A 26 5.28 0.06 8.10
C MET A 26 5.86 0.41 6.73
N LEU A 27 5.07 1.12 5.92
CA LEU A 27 5.51 1.52 4.59
C LEU A 27 5.12 2.97 4.30
N LYS A 28 6.01 3.69 3.64
CA LYS A 28 5.77 5.09 3.30
C LYS A 28 5.82 5.30 1.79
N TRP A 29 4.85 6.05 1.27
CA TRP A 29 4.80 6.32 -0.16
C TRP A 29 5.02 7.80 -0.44
N MET A 30 5.52 8.11 -1.63
CA MET A 30 5.77 9.49 -2.03
C MET A 30 4.82 9.93 -3.14
N TYR A 31 4.82 11.22 -3.44
CA TYR A 31 3.96 11.77 -4.47
C TYR A 31 4.74 12.70 -5.40
N ILE A 32 4.53 12.55 -6.69
CA ILE A 32 5.21 13.38 -7.69
C ILE A 32 4.28 14.48 -8.20
N PRO A 33 4.43 15.68 -7.63
CA PRO A 33 3.62 16.85 -8.02
C PRO A 33 3.97 17.35 -9.42
N ALA A 34 5.17 17.03 -9.88
CA ALA A 34 5.63 17.45 -11.19
C ALA A 34 4.59 17.12 -12.26
N SER A 35 4.46 15.83 -12.59
CA SER A 35 3.51 15.39 -13.60
C SER A 35 2.14 15.15 -12.98
N ASN A 36 1.60 16.17 -12.33
CA ASN A 36 0.29 16.06 -11.69
C ASN A 36 -0.64 17.17 -12.17
N ASN A 37 -1.94 16.99 -11.94
CA ASN A 37 -2.93 17.97 -12.36
C ASN A 37 -3.37 18.83 -11.17
N ASN A 38 -2.59 18.79 -10.10
CA ASN A 38 -2.89 19.57 -8.90
C ASN A 38 -4.32 19.30 -8.43
N THR A 39 -4.69 18.02 -8.42
CA THR A 39 -6.02 17.63 -7.98
C THR A 39 -5.99 17.05 -6.56
N PRO A 40 -7.01 17.39 -5.76
CA PRO A 40 -7.13 16.93 -4.38
C PRO A 40 -7.43 15.44 -4.29
N ILE A 41 -6.78 14.76 -3.36
CA ILE A 41 -6.98 13.33 -3.16
C ILE A 41 -7.90 13.05 -1.98
N HIS A 42 -8.84 12.14 -2.17
CA HIS A 42 -9.78 11.78 -1.12
C HIS A 42 -9.08 10.98 -0.02
N GLY A 43 -8.20 10.07 -0.42
CA GLY A 43 -7.49 9.25 0.54
C GLY A 43 -6.42 8.40 -0.11
N PHE A 44 -6.00 7.35 0.58
CA PHE A 44 -4.97 6.45 0.07
C PHE A 44 -5.31 4.99 0.38
N TYR A 45 -5.42 4.18 -0.66
CA TYR A 45 -5.75 2.77 -0.50
C TYR A 45 -4.48 1.92 -0.48
N ILE A 46 -4.48 0.89 0.37
CA ILE A 46 -3.34 0.00 0.49
C ILE A 46 -3.76 -1.46 0.41
N TYR A 47 -3.25 -2.17 -0.59
CA TYR A 47 -3.57 -3.58 -0.78
C TYR A 47 -2.42 -4.47 -0.34
N TYR A 48 -2.75 -5.64 0.18
CA TYR A 48 -1.74 -6.59 0.65
C TYR A 48 -2.28 -8.02 0.59
N ARG A 49 -1.37 -8.97 0.34
CA ARG A 49 -1.75 -10.37 0.27
C ARG A 49 -0.51 -11.27 0.37
N PRO A 50 -0.68 -12.43 1.03
CA PRO A 50 0.41 -13.39 1.22
C PRO A 50 0.79 -14.08 -0.08
N THR A 51 2.09 -14.29 -0.28
CA THR A 51 2.59 -14.94 -1.49
C THR A 51 1.89 -16.28 -1.72
N ASP A 52 1.35 -16.85 -0.65
CA ASP A 52 0.65 -18.13 -0.75
C ASP A 52 -0.72 -17.95 -1.38
N SER A 53 -1.29 -16.76 -1.23
CA SER A 53 -2.60 -16.46 -1.79
C SER A 53 -2.74 -17.06 -3.19
N ASP A 54 -3.98 -17.17 -3.65
CA ASP A 54 -4.27 -17.73 -4.97
C ASP A 54 -4.24 -16.65 -6.04
N ASN A 55 -5.09 -15.64 -5.87
CA ASN A 55 -5.16 -14.55 -6.83
C ASN A 55 -5.47 -13.23 -6.12
N ASP A 56 -5.64 -12.16 -6.91
CA ASP A 56 -5.94 -10.85 -6.36
C ASP A 56 -7.14 -10.92 -5.41
N SER A 57 -7.99 -11.93 -5.61
CA SER A 57 -9.17 -12.10 -4.78
C SER A 57 -8.83 -11.96 -3.31
N ASP A 58 -7.56 -12.14 -2.98
CA ASP A 58 -7.09 -12.04 -1.60
C ASP A 58 -6.70 -10.60 -1.26
N TYR A 59 -6.07 -9.94 -2.20
CA TYR A 59 -5.64 -8.55 -2.01
C TYR A 59 -6.69 -7.76 -1.24
N LYS A 60 -6.29 -7.18 -0.11
CA LYS A 60 -7.19 -6.39 0.71
C LYS A 60 -7.13 -4.92 0.33
N LYS A 61 -7.84 -4.09 1.09
CA LYS A 61 -7.86 -2.65 0.83
C LYS A 61 -7.99 -1.87 2.14
N ASP A 62 -7.01 -1.01 2.40
CA ASP A 62 -7.01 -0.20 3.62
C ASP A 62 -7.07 1.28 3.27
N MET A 63 -8.21 1.91 3.58
CA MET A 63 -8.39 3.33 3.31
C MET A 63 -7.59 4.18 4.29
N VAL A 64 -6.78 5.09 3.76
CA VAL A 64 -5.96 5.97 4.58
C VAL A 64 -6.24 7.43 4.27
N GLU A 65 -5.93 8.30 5.24
CA GLU A 65 -6.15 9.73 5.06
C GLU A 65 -5.48 10.24 3.79
N GLY A 66 -6.03 11.30 3.21
CA GLY A 66 -5.48 11.86 2.00
C GLY A 66 -4.26 12.72 2.26
N ASP A 67 -4.02 13.05 3.54
CA ASP A 67 -2.88 13.86 3.92
C ASP A 67 -1.79 13.01 4.56
N ARG A 68 -2.09 11.74 4.76
CA ARG A 68 -1.13 10.81 5.36
C ARG A 68 -0.32 10.10 4.29
N TYR A 69 1.00 10.13 4.42
CA TYR A 69 1.89 9.49 3.47
C TYR A 69 2.53 8.25 4.06
N TRP A 70 1.95 7.76 5.15
CA TRP A 70 2.46 6.56 5.82
C TRP A 70 1.32 5.75 6.43
N HIS A 71 1.53 4.44 6.54
CA HIS A 71 0.51 3.56 7.12
C HIS A 71 1.16 2.31 7.70
N SER A 72 0.55 1.77 8.76
CA SER A 72 1.07 0.58 9.41
C SER A 72 0.06 -0.56 9.35
N ILE A 73 0.33 -1.54 8.49
CA ILE A 73 -0.56 -2.68 8.33
C ILE A 73 -0.40 -3.65 9.49
N SER A 74 -1.50 -4.35 9.82
CA SER A 74 -1.49 -5.31 10.91
C SER A 74 -2.22 -6.58 10.52
N HIS A 75 -2.29 -7.53 11.45
CA HIS A 75 -2.97 -8.80 11.19
C HIS A 75 -2.30 -9.55 10.05
N LEU A 76 -0.97 -9.65 10.10
CA LEU A 76 -0.22 -10.33 9.05
C LEU A 76 0.41 -11.61 9.60
N GLN A 77 1.19 -12.28 8.76
CA GLN A 77 1.86 -13.52 9.15
C GLN A 77 3.33 -13.26 9.49
N PRO A 78 3.83 -13.96 10.51
CA PRO A 78 5.22 -13.83 10.96
C PRO A 78 6.21 -14.40 9.94
N GLU A 79 7.40 -13.81 9.90
CA GLU A 79 8.45 -14.26 8.97
C GLU A 79 7.82 -14.75 7.67
N THR A 80 6.85 -14.01 7.16
CA THR A 80 6.18 -14.36 5.92
C THR A 80 6.45 -13.33 4.83
N SER A 81 7.33 -13.68 3.90
CA SER A 81 7.69 -12.77 2.81
C SER A 81 6.57 -12.73 1.77
N TYR A 82 5.87 -11.61 1.71
CA TYR A 82 4.77 -11.44 0.76
C TYR A 82 4.86 -10.08 0.06
N ASP A 83 4.24 -9.99 -1.11
CA ASP A 83 4.25 -8.75 -1.87
C ASP A 83 3.29 -7.73 -1.26
N ILE A 84 3.57 -6.45 -1.49
CA ILE A 84 2.74 -5.38 -0.96
C ILE A 84 2.67 -4.20 -1.93
N LYS A 85 1.47 -3.67 -2.13
CA LYS A 85 1.27 -2.55 -3.03
C LYS A 85 0.14 -1.66 -2.54
N MET A 86 0.02 -0.48 -3.14
CA MET A 86 -1.03 0.47 -2.77
C MET A 86 -1.42 1.34 -3.95
N GLN A 87 -2.49 2.12 -3.78
CA GLN A 87 -2.97 3.00 -4.84
C GLN A 87 -3.85 4.11 -4.27
N CYS A 88 -3.74 5.30 -4.85
CA CYS A 88 -4.53 6.44 -4.41
C CYS A 88 -5.76 6.63 -5.27
N PHE A 89 -6.69 7.47 -4.80
CA PHE A 89 -7.92 7.73 -5.54
C PHE A 89 -8.45 9.13 -5.21
N ASN A 90 -9.33 9.63 -6.07
CA ASN A 90 -9.92 10.95 -5.87
C ASN A 90 -11.34 11.01 -6.44
N GLU A 91 -12.07 12.06 -6.08
CA GLU A 91 -13.44 12.23 -6.56
C GLU A 91 -13.56 11.85 -8.03
N GLY A 92 -12.48 12.08 -8.78
CA GLY A 92 -12.49 11.77 -10.20
C GLY A 92 -12.42 10.27 -10.46
N GLY A 93 -11.42 9.62 -9.89
CA GLY A 93 -11.27 8.19 -10.07
C GLY A 93 -9.96 7.66 -9.52
N GLU A 94 -9.92 6.37 -9.21
CA GLU A 94 -8.72 5.75 -8.66
C GLU A 94 -7.54 5.95 -9.60
N SER A 95 -6.33 5.92 -9.05
CA SER A 95 -5.11 6.09 -9.83
C SER A 95 -4.53 4.74 -10.24
N GLU A 96 -3.38 4.78 -10.90
CA GLU A 96 -2.72 3.55 -11.35
C GLU A 96 -2.20 2.75 -10.16
N PHE A 97 -1.82 1.50 -10.41
CA PHE A 97 -1.31 0.63 -9.37
C PHE A 97 0.15 0.95 -9.07
N SER A 98 0.43 1.28 -7.81
CA SER A 98 1.78 1.62 -7.38
C SER A 98 2.74 0.46 -7.64
N ASN A 99 3.98 0.62 -7.19
CA ASN A 99 4.99 -0.42 -7.38
C ASN A 99 4.77 -1.58 -6.42
N VAL A 100 5.54 -2.64 -6.60
CA VAL A 100 5.44 -3.82 -5.74
C VAL A 100 6.64 -3.94 -4.81
N MET A 101 6.39 -3.84 -3.51
CA MET A 101 7.45 -3.94 -2.52
C MET A 101 7.26 -5.17 -1.64
N ILE A 102 8.31 -6.01 -1.57
CA ILE A 102 8.25 -7.21 -0.76
C ILE A 102 8.86 -6.98 0.62
N CYS A 103 8.00 -6.77 1.61
CA CYS A 103 8.45 -6.54 2.97
C CYS A 103 8.27 -7.79 3.82
N GLU A 104 9.39 -8.40 4.21
CA GLU A 104 9.34 -9.61 5.03
C GLU A 104 9.15 -9.27 6.50
N THR A 105 8.08 -9.78 7.09
CA THR A 105 7.78 -9.54 8.49
C THR A 105 8.89 -10.04 9.40
N LYS A 106 8.74 -9.83 10.69
CA LYS A 106 9.73 -10.26 11.67
C LYS A 106 9.41 -11.66 12.18
N ALA A 107 10.43 -12.37 12.65
CA ALA A 107 10.26 -13.72 13.18
C ALA A 107 9.63 -13.68 14.57
N ARG A 108 8.53 -14.40 14.72
CA ARG A 108 7.82 -14.46 16.00
C ARG A 108 8.58 -15.34 16.99
N SER A 109 8.49 -14.98 18.27
CA SER A 109 9.17 -15.74 19.33
C SER A 109 8.22 -16.71 20.00
N GLY A 110 8.46 -18.00 19.80
CA GLY A 110 7.61 -19.02 20.39
C GLY A 110 8.39 -20.02 21.21
N PRO A 111 7.70 -21.06 21.71
CA PRO A 111 8.32 -22.10 22.53
C PRO A 111 9.25 -23.00 21.73
N SER A 112 8.79 -23.45 20.57
CA SER A 112 9.57 -24.31 19.70
C SER A 112 11.01 -23.81 19.59
N SER A 113 11.16 -22.60 19.05
CA SER A 113 12.48 -21.99 18.88
C SER A 113 12.36 -20.49 18.62
N GLY A 114 13.34 -19.75 19.10
CA GLY A 114 13.33 -18.30 18.90
C GLY A 114 13.95 -17.90 17.57
N GLY A 1 -5.37 2.03 -24.50
CA GLY A 1 -6.71 2.59 -24.47
C GLY A 1 -6.99 3.37 -23.20
N SER A 2 -8.18 3.19 -22.65
CA SER A 2 -8.58 3.89 -21.43
C SER A 2 -8.44 5.40 -21.60
N SER A 3 -8.85 5.90 -22.75
CA SER A 3 -8.77 7.33 -23.04
C SER A 3 -9.60 8.13 -22.05
N GLY A 4 -9.10 9.31 -21.68
CA GLY A 4 -9.81 10.15 -20.73
C GLY A 4 -9.10 10.26 -19.41
N SER A 5 -8.75 11.49 -19.02
CA SER A 5 -8.06 11.73 -17.76
C SER A 5 -8.99 11.51 -16.57
N SER A 6 -8.92 10.31 -15.98
CA SER A 6 -9.76 9.99 -14.83
C SER A 6 -9.00 10.20 -13.53
N GLY A 7 -9.26 11.31 -12.87
CA GLY A 7 -8.60 11.62 -11.61
C GLY A 7 -7.10 11.41 -11.69
N PRO A 8 -6.47 11.13 -10.55
CA PRO A 8 -5.02 10.92 -10.46
C PRO A 8 -4.59 9.61 -11.13
N VAL A 9 -3.47 9.67 -11.84
CA VAL A 9 -2.94 8.50 -12.53
C VAL A 9 -1.51 8.21 -12.12
N ALA A 10 -0.70 9.26 -11.99
CA ALA A 10 0.70 9.12 -11.60
C ALA A 10 0.84 8.07 -10.49
N GLY A 11 -0.16 7.99 -9.63
CA GLY A 11 -0.12 7.03 -8.54
C GLY A 11 1.08 7.24 -7.64
N PRO A 12 0.93 6.89 -6.34
CA PRO A 12 1.99 7.04 -5.36
C PRO A 12 3.13 6.05 -5.58
N TYR A 13 4.28 6.32 -4.97
CA TYR A 13 5.44 5.46 -5.10
C TYR A 13 6.02 5.11 -3.73
N ILE A 14 6.06 3.80 -3.43
CA ILE A 14 6.58 3.33 -2.16
C ILE A 14 8.10 3.44 -2.12
N THR A 15 8.60 4.28 -1.21
CA THR A 15 10.04 4.48 -1.06
C THR A 15 10.52 4.08 0.33
N PHE A 16 9.69 3.33 1.04
CA PHE A 16 10.02 2.87 2.38
C PHE A 16 9.17 1.67 2.78
N THR A 17 9.84 0.55 3.04
CA THR A 17 9.15 -0.68 3.43
C THR A 17 9.92 -1.42 4.50
N ASP A 18 9.38 -1.45 5.71
CA ASP A 18 10.02 -2.13 6.83
C ASP A 18 8.99 -2.79 7.73
N ALA A 19 9.29 -3.99 8.21
CA ALA A 19 8.39 -4.73 9.08
C ALA A 19 8.52 -4.26 10.54
N VAL A 20 7.50 -3.57 11.03
CA VAL A 20 7.51 -3.06 12.39
C VAL A 20 7.49 -4.21 13.40
N ASN A 21 6.91 -5.34 12.99
CA ASN A 21 6.83 -6.51 13.86
C ASN A 21 6.50 -7.75 13.06
N GLU A 22 6.30 -8.87 13.76
CA GLU A 22 5.98 -10.14 13.10
C GLU A 22 4.54 -10.13 12.58
N THR A 23 3.77 -9.14 13.01
CA THR A 23 2.37 -9.02 12.58
C THR A 23 2.04 -7.59 12.17
N THR A 24 3.08 -6.76 12.01
CA THR A 24 2.91 -5.38 11.63
C THR A 24 3.96 -4.95 10.61
N ILE A 25 3.57 -4.03 9.72
CA ILE A 25 4.48 -3.54 8.69
C ILE A 25 4.27 -2.05 8.44
N MET A 26 5.38 -1.31 8.37
CA MET A 26 5.31 0.12 8.13
C MET A 26 5.84 0.47 6.74
N LEU A 27 4.99 1.07 5.92
CA LEU A 27 5.37 1.45 4.56
C LEU A 27 5.00 2.90 4.28
N LYS A 28 5.94 3.65 3.73
CA LYS A 28 5.71 5.05 3.40
C LYS A 28 5.76 5.27 1.89
N TRP A 29 4.81 6.05 1.38
CA TRP A 29 4.75 6.35 -0.05
C TRP A 29 4.98 7.83 -0.30
N MET A 30 5.47 8.15 -1.50
CA MET A 30 5.74 9.53 -1.88
C MET A 30 4.79 9.99 -2.97
N TYR A 31 4.79 11.29 -3.25
CA TYR A 31 3.92 11.86 -4.28
C TYR A 31 4.68 12.88 -5.13
N ILE A 32 4.46 12.85 -6.43
CA ILE A 32 5.11 13.78 -7.34
C ILE A 32 4.17 14.90 -7.76
N PRO A 33 4.59 16.14 -7.50
CA PRO A 33 3.79 17.33 -7.83
C PRO A 33 3.70 17.57 -9.34
N ALA A 34 4.43 16.75 -10.09
CA ALA A 34 4.44 16.87 -11.55
C ALA A 34 3.64 15.73 -12.19
N SER A 35 3.65 15.70 -13.53
CA SER A 35 2.92 14.67 -14.26
C SER A 35 1.59 14.37 -13.59
N ASN A 36 0.88 15.41 -13.20
CA ASN A 36 -0.41 15.26 -12.54
C ASN A 36 -1.32 16.45 -12.85
N ASN A 37 -2.62 16.27 -12.63
CA ASN A 37 -3.59 17.33 -12.88
C ASN A 37 -3.89 18.10 -11.59
N ASN A 38 -2.91 18.18 -10.71
CA ASN A 38 -3.06 18.89 -9.45
C ASN A 38 -4.44 18.64 -8.85
N THR A 39 -4.97 17.44 -9.07
CA THR A 39 -6.28 17.07 -8.56
C THR A 39 -6.20 16.63 -7.10
N PRO A 40 -7.20 17.06 -6.30
CA PRO A 40 -7.26 16.72 -4.88
C PRO A 40 -7.57 15.24 -4.64
N ILE A 41 -6.85 14.62 -3.71
CA ILE A 41 -7.05 13.22 -3.39
C ILE A 41 -7.87 13.05 -2.12
N HIS A 42 -8.76 12.07 -2.11
CA HIS A 42 -9.61 11.80 -0.95
C HIS A 42 -8.83 11.03 0.12
N GLY A 43 -7.99 10.10 -0.33
CA GLY A 43 -7.21 9.32 0.61
C GLY A 43 -6.17 8.45 -0.08
N PHE A 44 -5.96 7.25 0.43
CA PHE A 44 -5.00 6.32 -0.14
C PHE A 44 -5.36 4.88 0.19
N TYR A 45 -5.43 4.05 -0.85
CA TYR A 45 -5.78 2.64 -0.67
C TYR A 45 -4.52 1.78 -0.61
N ILE A 46 -4.56 0.74 0.21
CA ILE A 46 -3.43 -0.16 0.37
C ILE A 46 -3.87 -1.63 0.31
N TYR A 47 -3.30 -2.37 -0.63
CA TYR A 47 -3.64 -3.78 -0.78
C TYR A 47 -2.51 -4.68 -0.29
N TYR A 48 -2.87 -5.82 0.26
CA TYR A 48 -1.88 -6.77 0.77
C TYR A 48 -2.43 -8.19 0.77
N ARG A 49 -1.56 -9.16 0.53
CA ARG A 49 -1.97 -10.56 0.50
C ARG A 49 -0.75 -11.48 0.62
N PRO A 50 -0.92 -12.59 1.34
CA PRO A 50 0.16 -13.58 1.54
C PRO A 50 0.50 -14.33 0.27
N THR A 51 1.78 -14.63 0.08
CA THR A 51 2.24 -15.35 -1.10
C THR A 51 1.41 -16.61 -1.33
N ASP A 52 0.76 -17.09 -0.28
CA ASP A 52 -0.07 -18.28 -0.36
C ASP A 52 -1.40 -17.98 -1.06
N SER A 53 -1.89 -16.76 -0.87
CA SER A 53 -3.15 -16.35 -1.48
C SER A 53 -3.33 -16.98 -2.84
N ASP A 54 -4.58 -17.20 -3.24
CA ASP A 54 -4.90 -17.80 -4.53
C ASP A 54 -4.89 -16.75 -5.63
N ASN A 55 -5.86 -15.85 -5.59
CA ASN A 55 -5.97 -14.79 -6.60
C ASN A 55 -6.19 -13.44 -5.93
N ASP A 56 -6.34 -12.40 -6.76
CA ASP A 56 -6.57 -11.05 -6.25
C ASP A 56 -7.70 -11.04 -5.23
N SER A 57 -8.59 -12.01 -5.34
CA SER A 57 -9.73 -12.11 -4.43
C SER A 57 -9.28 -11.93 -2.97
N ASP A 58 -8.03 -12.29 -2.70
CA ASP A 58 -7.47 -12.17 -1.36
C ASP A 58 -7.06 -10.73 -1.07
N TYR A 59 -6.31 -10.14 -1.99
CA TYR A 59 -5.84 -8.77 -1.83
C TYR A 59 -6.89 -7.91 -1.15
N LYS A 60 -6.55 -7.35 0.00
CA LYS A 60 -7.46 -6.50 0.75
C LYS A 60 -7.31 -5.04 0.35
N LYS A 61 -8.02 -4.15 1.04
CA LYS A 61 -7.97 -2.73 0.75
C LYS A 61 -8.04 -1.91 2.05
N ASP A 62 -7.04 -1.06 2.27
CA ASP A 62 -7.01 -0.23 3.46
C ASP A 62 -6.97 1.25 3.08
N MET A 63 -8.03 1.97 3.44
CA MET A 63 -8.13 3.39 3.14
C MET A 63 -7.27 4.21 4.10
N VAL A 64 -6.67 5.27 3.59
CA VAL A 64 -5.82 6.14 4.41
C VAL A 64 -6.00 7.60 4.02
N GLU A 65 -5.92 8.48 5.02
CA GLU A 65 -6.09 9.91 4.79
C GLU A 65 -5.30 10.35 3.55
N GLY A 66 -5.81 11.38 2.88
CA GLY A 66 -5.14 11.88 1.69
C GLY A 66 -3.89 12.69 2.02
N ASP A 67 -3.80 13.13 3.27
CA ASP A 67 -2.65 13.92 3.72
C ASP A 67 -1.64 13.04 4.44
N ARG A 68 -2.02 11.79 4.70
CA ARG A 68 -1.14 10.86 5.38
C ARG A 68 -0.33 10.04 4.39
N TYR A 69 0.99 10.09 4.52
CA TYR A 69 1.87 9.36 3.62
C TYR A 69 2.51 8.16 4.34
N TRP A 70 1.86 7.72 5.40
CA TRP A 70 2.36 6.59 6.18
C TRP A 70 1.21 5.73 6.68
N HIS A 71 1.45 4.42 6.78
CA HIS A 71 0.43 3.48 7.24
C HIS A 71 1.08 2.21 7.78
N SER A 72 0.66 1.81 8.98
CA SER A 72 1.20 0.61 9.62
C SER A 72 0.19 -0.53 9.56
N ILE A 73 0.41 -1.45 8.63
CA ILE A 73 -0.48 -2.60 8.47
C ILE A 73 -0.36 -3.55 9.65
N SER A 74 -1.47 -4.20 9.99
CA SER A 74 -1.49 -5.15 11.11
C SER A 74 -2.27 -6.40 10.75
N HIS A 75 -2.34 -7.34 11.68
CA HIS A 75 -3.06 -8.59 11.45
C HIS A 75 -2.48 -9.35 10.27
N LEU A 76 -1.17 -9.54 10.28
CA LEU A 76 -0.48 -10.26 9.21
C LEU A 76 0.16 -11.54 9.73
N GLN A 77 0.90 -12.22 8.86
CA GLN A 77 1.57 -13.46 9.23
C GLN A 77 3.04 -13.22 9.50
N PRO A 78 3.58 -13.93 10.51
CA PRO A 78 4.99 -13.81 10.89
C PRO A 78 5.93 -14.42 9.85
N GLU A 79 7.15 -13.89 9.79
CA GLU A 79 8.14 -14.39 8.83
C GLU A 79 7.47 -14.81 7.53
N THR A 80 6.53 -13.99 7.05
CA THR A 80 5.81 -14.29 5.82
C THR A 80 6.18 -13.29 4.72
N SER A 81 7.00 -13.73 3.78
CA SER A 81 7.44 -12.88 2.68
C SER A 81 6.35 -12.78 1.61
N TYR A 82 5.65 -11.65 1.60
CA TYR A 82 4.57 -11.43 0.63
C TYR A 82 4.70 -10.05 -0.02
N ASP A 83 4.12 -9.91 -1.19
CA ASP A 83 4.16 -8.65 -1.92
C ASP A 83 3.22 -7.63 -1.29
N ILE A 84 3.55 -6.34 -1.45
CA ILE A 84 2.74 -5.27 -0.89
C ILE A 84 2.70 -4.07 -1.83
N LYS A 85 1.49 -3.62 -2.16
CA LYS A 85 1.32 -2.48 -3.05
C LYS A 85 0.18 -1.59 -2.57
N MET A 86 0.02 -0.44 -3.22
CA MET A 86 -1.04 0.50 -2.85
C MET A 86 -1.49 1.31 -4.06
N GLN A 87 -2.56 2.08 -3.89
CA GLN A 87 -3.09 2.90 -4.97
C GLN A 87 -3.92 4.06 -4.42
N CYS A 88 -3.83 5.21 -5.08
CA CYS A 88 -4.57 6.39 -4.66
C CYS A 88 -5.86 6.54 -5.45
N PHE A 89 -6.80 7.30 -4.90
CA PHE A 89 -8.08 7.52 -5.55
C PHE A 89 -8.66 8.87 -5.16
N ASN A 90 -9.77 9.24 -5.81
CA ASN A 90 -10.43 10.51 -5.54
C ASN A 90 -11.80 10.58 -6.21
N GLU A 91 -12.62 11.53 -5.77
CA GLU A 91 -13.96 11.69 -6.33
C GLU A 91 -13.92 11.60 -7.86
N GLY A 92 -12.81 12.02 -8.45
CA GLY A 92 -12.67 11.98 -9.89
C GLY A 92 -12.47 10.57 -10.41
N GLY A 93 -11.67 9.78 -9.68
CA GLY A 93 -11.42 8.41 -10.09
C GLY A 93 -10.16 7.85 -9.45
N GLU A 94 -9.95 6.54 -9.63
CA GLU A 94 -8.79 5.88 -9.06
C GLU A 94 -7.57 6.03 -9.96
N SER A 95 -6.39 5.77 -9.42
CA SER A 95 -5.14 5.89 -10.18
C SER A 95 -4.58 4.51 -10.50
N GLU A 96 -3.40 4.50 -11.13
CA GLU A 96 -2.75 3.25 -11.50
C GLU A 96 -2.27 2.50 -10.26
N PHE A 97 -1.95 1.23 -10.43
CA PHE A 97 -1.48 0.41 -9.32
C PHE A 97 -0.01 0.69 -9.02
N SER A 98 0.27 1.12 -7.79
CA SER A 98 1.63 1.44 -7.38
C SER A 98 2.56 0.25 -7.61
N ASN A 99 3.84 0.44 -7.28
CA ASN A 99 4.83 -0.62 -7.46
C ASN A 99 4.61 -1.75 -6.45
N VAL A 100 5.42 -2.79 -6.56
CA VAL A 100 5.31 -3.93 -5.67
C VAL A 100 6.54 -4.04 -4.76
N MET A 101 6.33 -3.81 -3.47
CA MET A 101 7.42 -3.88 -2.50
C MET A 101 7.31 -5.13 -1.65
N ILE A 102 8.36 -5.94 -1.64
CA ILE A 102 8.38 -7.18 -0.87
C ILE A 102 8.97 -6.95 0.52
N CYS A 103 8.10 -6.82 1.51
CA CYS A 103 8.54 -6.59 2.88
C CYS A 103 8.28 -7.83 3.74
N GLU A 104 9.37 -8.52 4.11
CA GLU A 104 9.26 -9.72 4.93
C GLU A 104 9.04 -9.36 6.40
N THR A 105 7.94 -9.84 6.97
CA THR A 105 7.62 -9.58 8.36
C THR A 105 8.70 -10.12 9.28
N LYS A 106 8.49 -9.93 10.59
CA LYS A 106 9.45 -10.41 11.59
C LYS A 106 9.14 -11.84 12.00
N ALA A 107 10.16 -12.55 12.49
CA ALA A 107 9.98 -13.93 12.92
C ALA A 107 9.25 -14.00 14.25
N ARG A 108 8.17 -14.78 14.28
CA ARG A 108 7.37 -14.93 15.49
C ARG A 108 8.17 -15.65 16.58
N SER A 109 7.77 -15.45 17.84
CA SER A 109 8.45 -16.08 18.96
C SER A 109 7.66 -17.29 19.46
N GLY A 110 8.26 -18.03 20.39
CA GLY A 110 7.61 -19.20 20.94
C GLY A 110 6.87 -18.90 22.23
N PRO A 111 6.00 -19.83 22.65
CA PRO A 111 5.21 -19.68 23.88
C PRO A 111 6.08 -19.78 25.13
N SER A 112 7.21 -20.44 25.01
CA SER A 112 8.12 -20.62 26.13
C SER A 112 8.18 -19.36 26.98
N SER A 113 8.31 -18.21 26.33
CA SER A 113 8.37 -16.93 27.03
C SER A 113 7.01 -16.56 27.60
N GLY A 114 6.86 -16.75 28.92
CA GLY A 114 5.61 -16.42 29.57
C GLY A 114 5.78 -16.15 31.05
N GLY A 1 0.15 18.66 -17.93
CA GLY A 1 -0.95 17.78 -17.55
C GLY A 1 -1.59 17.09 -18.74
N SER A 2 -2.50 16.17 -18.46
CA SER A 2 -3.17 15.43 -19.53
C SER A 2 -4.69 15.60 -19.43
N SER A 3 -5.37 15.43 -20.55
CA SER A 3 -6.82 15.57 -20.59
C SER A 3 -7.50 14.22 -20.70
N GLY A 4 -7.15 13.46 -21.75
CA GLY A 4 -7.73 12.15 -21.95
C GLY A 4 -7.99 11.43 -20.65
N SER A 5 -6.93 11.01 -19.98
CA SER A 5 -7.05 10.29 -18.71
C SER A 5 -7.70 11.18 -17.65
N SER A 6 -8.60 10.58 -16.88
CA SER A 6 -9.30 11.32 -15.83
C SER A 6 -8.75 10.96 -14.45
N GLY A 7 -8.94 11.86 -13.49
CA GLY A 7 -8.46 11.62 -12.15
C GLY A 7 -6.97 11.38 -12.10
N PRO A 8 -6.43 11.12 -10.90
CA PRO A 8 -5.00 10.87 -10.70
C PRO A 8 -4.57 9.52 -11.27
N VAL A 9 -3.48 9.52 -12.02
CA VAL A 9 -2.96 8.31 -12.63
C VAL A 9 -1.55 8.01 -12.15
N ALA A 10 -0.71 9.04 -12.09
CA ALA A 10 0.66 8.89 -11.64
C ALA A 10 0.76 7.92 -10.47
N GLY A 11 -0.24 7.96 -9.59
CA GLY A 11 -0.25 7.07 -8.44
C GLY A 11 0.96 7.26 -7.56
N PRO A 12 0.82 6.91 -6.27
CA PRO A 12 1.91 7.03 -5.30
C PRO A 12 3.03 6.02 -5.55
N TYR A 13 4.22 6.33 -5.06
CA TYR A 13 5.38 5.45 -5.24
C TYR A 13 6.00 5.10 -3.89
N ILE A 14 5.90 3.84 -3.52
CA ILE A 14 6.45 3.36 -2.25
C ILE A 14 7.98 3.48 -2.24
N THR A 15 8.50 4.26 -1.30
CA THR A 15 9.93 4.45 -1.18
C THR A 15 10.43 4.09 0.22
N PHE A 16 9.61 3.34 0.95
CA PHE A 16 9.97 2.93 2.30
C PHE A 16 9.13 1.73 2.74
N THR A 17 9.80 0.62 3.03
CA THR A 17 9.12 -0.59 3.46
C THR A 17 9.91 -1.31 4.54
N ASP A 18 9.36 -1.35 5.75
CA ASP A 18 10.02 -2.02 6.87
C ASP A 18 9.00 -2.67 7.80
N ALA A 19 9.31 -3.88 8.25
CA ALA A 19 8.41 -4.60 9.14
C ALA A 19 8.53 -4.09 10.57
N VAL A 20 7.43 -3.56 11.10
CA VAL A 20 7.41 -3.04 12.46
C VAL A 20 7.39 -4.17 13.48
N ASN A 21 6.88 -5.32 13.07
CA ASN A 21 6.80 -6.48 13.95
C ASN A 21 6.54 -7.75 13.15
N GLU A 22 6.36 -8.86 13.87
CA GLU A 22 6.10 -10.15 13.21
C GLU A 22 4.71 -10.18 12.58
N THR A 23 3.84 -9.28 13.04
CA THR A 23 2.48 -9.21 12.52
C THR A 23 2.13 -7.77 12.11
N THR A 24 3.15 -6.93 11.99
CA THR A 24 2.96 -5.54 11.61
C THR A 24 3.98 -5.10 10.56
N ILE A 25 3.60 -4.15 9.72
CA ILE A 25 4.49 -3.64 8.68
C ILE A 25 4.20 -2.17 8.39
N MET A 26 5.26 -1.36 8.39
CA MET A 26 5.12 0.06 8.12
C MET A 26 5.69 0.41 6.75
N LEU A 27 4.90 1.12 5.95
CA LEU A 27 5.32 1.51 4.61
C LEU A 27 4.97 2.97 4.33
N LYS A 28 5.83 3.65 3.58
CA LYS A 28 5.61 5.05 3.24
C LYS A 28 5.68 5.27 1.73
N TRP A 29 4.81 6.14 1.23
CA TRP A 29 4.78 6.44 -0.20
C TRP A 29 5.04 7.92 -0.45
N MET A 30 5.54 8.24 -1.64
CA MET A 30 5.83 9.62 -2.00
C MET A 30 4.89 10.09 -3.11
N TYR A 31 4.57 11.39 -3.10
CA TYR A 31 3.68 11.97 -4.10
C TYR A 31 4.43 12.96 -4.99
N ILE A 32 4.30 12.78 -6.29
CA ILE A 32 4.97 13.66 -7.25
C ILE A 32 3.97 14.62 -7.89
N PRO A 33 3.95 15.88 -7.41
CA PRO A 33 3.04 16.91 -7.92
C PRO A 33 3.43 17.36 -9.33
N ALA A 34 4.62 16.97 -9.77
CA ALA A 34 5.10 17.32 -11.10
C ALA A 34 4.15 16.82 -12.18
N SER A 35 4.06 15.50 -12.32
CA SER A 35 3.18 14.89 -13.32
C SER A 35 1.79 14.64 -12.75
N ASN A 36 1.31 15.59 -11.95
CA ASN A 36 0.00 15.48 -11.34
C ASN A 36 -0.98 16.50 -11.94
N ASN A 37 -2.27 16.17 -11.90
CA ASN A 37 -3.29 17.06 -12.44
C ASN A 37 -3.81 18.01 -11.36
N ASN A 38 -2.94 18.38 -10.44
CA ASN A 38 -3.31 19.29 -9.36
C ASN A 38 -4.74 18.99 -8.87
N THR A 39 -5.06 17.71 -8.77
CA THR A 39 -6.39 17.30 -8.32
C THR A 39 -6.35 16.76 -6.89
N PRO A 40 -7.37 17.11 -6.09
CA PRO A 40 -7.47 16.67 -4.70
C PRO A 40 -7.74 15.18 -4.58
N ILE A 41 -6.97 14.52 -3.71
CA ILE A 41 -7.13 13.09 -3.50
C ILE A 41 -7.99 12.81 -2.28
N HIS A 42 -8.92 11.86 -2.42
CA HIS A 42 -9.80 11.49 -1.31
C HIS A 42 -9.03 10.84 -0.18
N GLY A 43 -8.09 9.95 -0.54
CA GLY A 43 -7.30 9.28 0.47
C GLY A 43 -6.20 8.42 -0.14
N PHE A 44 -5.90 7.30 0.51
CA PHE A 44 -4.86 6.39 0.03
C PHE A 44 -5.24 4.94 0.33
N TYR A 45 -5.34 4.13 -0.73
CA TYR A 45 -5.69 2.73 -0.57
C TYR A 45 -4.45 1.85 -0.58
N ILE A 46 -4.43 0.83 0.27
CA ILE A 46 -3.31 -0.08 0.35
C ILE A 46 -3.75 -1.53 0.25
N TYR A 47 -3.16 -2.27 -0.68
CA TYR A 47 -3.49 -3.67 -0.89
C TYR A 47 -2.35 -4.58 -0.47
N TYR A 48 -2.69 -5.77 0.01
CA TYR A 48 -1.69 -6.73 0.45
C TYR A 48 -2.27 -8.15 0.47
N ARG A 49 -1.41 -9.12 0.19
CA ARG A 49 -1.83 -10.52 0.17
C ARG A 49 -0.64 -11.46 0.36
N PRO A 50 -0.85 -12.55 1.11
CA PRO A 50 0.19 -13.54 1.38
C PRO A 50 0.58 -14.33 0.14
N THR A 51 1.85 -14.72 0.07
CA THR A 51 2.34 -15.49 -1.07
C THR A 51 1.55 -16.78 -1.26
N ASP A 52 0.91 -17.23 -0.19
CA ASP A 52 0.12 -18.45 -0.23
C ASP A 52 -1.27 -18.18 -0.81
N SER A 53 -1.49 -16.93 -1.22
CA SER A 53 -2.78 -16.53 -1.79
C SER A 53 -2.98 -17.17 -3.16
N ASP A 54 -4.18 -16.97 -3.72
CA ASP A 54 -4.50 -17.52 -5.03
C ASP A 54 -4.78 -16.41 -6.04
N ASN A 55 -5.83 -15.63 -5.77
CA ASN A 55 -6.21 -14.54 -6.64
C ASN A 55 -6.54 -13.28 -5.84
N ASP A 56 -6.92 -12.21 -6.53
CA ASP A 56 -7.26 -10.96 -5.89
C ASP A 56 -8.14 -11.20 -4.66
N SER A 57 -8.86 -12.32 -4.68
CA SER A 57 -9.75 -12.66 -3.58
C SER A 57 -9.04 -12.50 -2.23
N ASP A 58 -7.72 -12.48 -2.26
CA ASP A 58 -6.92 -12.33 -1.05
C ASP A 58 -6.53 -10.88 -0.84
N TYR A 59 -6.12 -10.21 -1.92
CA TYR A 59 -5.72 -8.81 -1.85
C TYR A 59 -6.75 -7.99 -1.10
N LYS A 60 -6.30 -7.28 -0.07
CA LYS A 60 -7.19 -6.44 0.74
C LYS A 60 -7.08 -4.99 0.33
N LYS A 61 -7.77 -4.11 1.05
CA LYS A 61 -7.75 -2.68 0.76
C LYS A 61 -7.86 -1.87 2.04
N ASP A 62 -6.81 -1.11 2.35
CA ASP A 62 -6.79 -0.27 3.54
C ASP A 62 -6.68 1.20 3.18
N MET A 63 -7.76 1.94 3.41
CA MET A 63 -7.79 3.37 3.10
C MET A 63 -6.99 4.16 4.13
N VAL A 64 -6.49 5.32 3.73
CA VAL A 64 -5.71 6.19 4.62
C VAL A 64 -5.95 7.65 4.31
N GLU A 65 -6.02 8.48 5.36
CA GLU A 65 -6.24 9.90 5.20
C GLU A 65 -5.48 10.44 4.00
N GLY A 66 -6.08 11.39 3.30
CA GLY A 66 -5.44 11.97 2.12
C GLY A 66 -4.16 12.71 2.48
N ASP A 67 -4.09 13.21 3.70
CA ASP A 67 -2.92 13.95 4.16
C ASP A 67 -1.85 12.99 4.70
N ARG A 68 -2.27 11.78 5.05
CA ARG A 68 -1.36 10.78 5.59
C ARG A 68 -0.56 10.12 4.47
N TYR A 69 0.75 10.03 4.65
CA TYR A 69 1.63 9.43 3.66
C TYR A 69 2.26 8.15 4.20
N TRP A 70 1.74 7.66 5.31
CA TRP A 70 2.25 6.44 5.92
C TRP A 70 1.13 5.64 6.55
N HIS A 71 1.31 4.32 6.63
CA HIS A 71 0.30 3.44 7.21
C HIS A 71 0.94 2.15 7.72
N SER A 72 0.56 1.73 8.91
CA SER A 72 1.10 0.52 9.51
C SER A 72 0.08 -0.61 9.46
N ILE A 73 0.36 -1.62 8.64
CA ILE A 73 -0.52 -2.76 8.49
C ILE A 73 -0.42 -3.69 9.69
N SER A 74 -1.48 -4.46 9.94
CA SER A 74 -1.51 -5.39 11.05
C SER A 74 -2.23 -6.68 10.67
N HIS A 75 -2.26 -7.63 11.60
CA HIS A 75 -2.91 -8.92 11.36
C HIS A 75 -2.25 -9.65 10.20
N LEU A 76 -0.92 -9.70 10.21
CA LEU A 76 -0.17 -10.37 9.16
C LEU A 76 0.50 -11.63 9.70
N GLN A 77 1.13 -12.39 8.81
CA GLN A 77 1.81 -13.62 9.19
C GLN A 77 3.28 -13.36 9.49
N PRO A 78 3.81 -14.06 10.51
CA PRO A 78 5.21 -13.93 10.92
C PRO A 78 6.17 -14.50 9.89
N GLU A 79 7.39 -13.94 9.84
CA GLU A 79 8.40 -14.39 8.91
C GLU A 79 7.77 -14.84 7.59
N THR A 80 6.75 -14.10 7.15
CA THR A 80 6.05 -14.40 5.91
C THR A 80 6.35 -13.37 4.83
N SER A 81 7.10 -13.78 3.81
CA SER A 81 7.45 -12.88 2.72
C SER A 81 6.32 -12.78 1.70
N TYR A 82 5.66 -11.64 1.68
CA TYR A 82 4.54 -11.42 0.76
C TYR A 82 4.65 -10.05 0.10
N ASP A 83 4.01 -9.90 -1.05
CA ASP A 83 4.02 -8.64 -1.79
C ASP A 83 3.14 -7.60 -1.12
N ILE A 84 3.47 -6.33 -1.32
CA ILE A 84 2.70 -5.24 -0.73
C ILE A 84 2.67 -4.03 -1.66
N LYS A 85 1.49 -3.71 -2.16
CA LYS A 85 1.31 -2.57 -3.06
C LYS A 85 0.21 -1.65 -2.56
N MET A 86 0.01 -0.54 -3.26
CA MET A 86 -1.03 0.43 -2.89
C MET A 86 -1.43 1.28 -4.09
N GLN A 87 -2.47 2.09 -3.91
CA GLN A 87 -2.95 2.95 -4.99
C GLN A 87 -3.82 4.07 -4.42
N CYS A 88 -3.76 5.24 -5.06
CA CYS A 88 -4.54 6.40 -4.63
C CYS A 88 -5.81 6.54 -5.46
N PHE A 89 -6.74 7.33 -4.96
CA PHE A 89 -8.01 7.55 -5.66
C PHE A 89 -8.64 8.88 -5.24
N ASN A 90 -9.56 9.38 -6.06
CA ASN A 90 -10.24 10.63 -5.78
C ASN A 90 -11.55 10.73 -6.55
N GLU A 91 -12.35 11.74 -6.21
CA GLU A 91 -13.64 11.93 -6.87
C GLU A 91 -13.54 11.62 -8.35
N GLY A 92 -12.38 11.89 -8.94
CA GLY A 92 -12.18 11.62 -10.35
C GLY A 92 -12.16 10.14 -10.67
N GLY A 93 -11.30 9.40 -9.97
CA GLY A 93 -11.21 7.97 -10.20
C GLY A 93 -9.89 7.40 -9.73
N GLU A 94 -9.91 6.15 -9.28
CA GLU A 94 -8.71 5.48 -8.79
C GLU A 94 -7.56 5.67 -9.77
N SER A 95 -6.33 5.63 -9.25
CA SER A 95 -5.15 5.80 -10.07
C SER A 95 -4.53 4.44 -10.44
N GLU A 96 -3.40 4.48 -11.10
CA GLU A 96 -2.72 3.25 -11.52
C GLU A 96 -2.30 2.43 -10.31
N PHE A 97 -1.82 1.21 -10.57
CA PHE A 97 -1.39 0.32 -9.50
C PHE A 97 0.07 0.57 -9.13
N SER A 98 0.29 1.02 -7.90
CA SER A 98 1.64 1.31 -7.42
C SER A 98 2.54 0.09 -7.59
N ASN A 99 3.85 0.31 -7.48
CA ASN A 99 4.82 -0.77 -7.61
C ASN A 99 4.60 -1.83 -6.55
N VAL A 100 5.34 -2.94 -6.66
CA VAL A 100 5.24 -4.03 -5.70
C VAL A 100 6.45 -4.08 -4.78
N MET A 101 6.20 -3.95 -3.48
CA MET A 101 7.28 -3.99 -2.49
C MET A 101 7.18 -5.24 -1.63
N ILE A 102 8.26 -6.04 -1.64
CA ILE A 102 8.30 -7.27 -0.85
C ILE A 102 8.90 -7.02 0.53
N CYS A 103 8.03 -6.87 1.53
CA CYS A 103 8.48 -6.64 2.90
C CYS A 103 8.24 -7.86 3.77
N GLU A 104 9.32 -8.51 4.18
CA GLU A 104 9.22 -9.70 5.02
C GLU A 104 8.98 -9.32 6.47
N THR A 105 7.97 -9.96 7.08
CA THR A 105 7.64 -9.69 8.47
C THR A 105 8.72 -10.20 9.41
N LYS A 106 8.54 -9.94 10.70
CA LYS A 106 9.50 -10.39 11.71
C LYS A 106 9.23 -11.83 12.13
N ALA A 107 10.26 -12.51 12.60
CA ALA A 107 10.13 -13.89 13.04
C ALA A 107 9.42 -13.98 14.39
N ARG A 108 8.45 -14.88 14.48
CA ARG A 108 7.69 -15.06 15.71
C ARG A 108 8.46 -15.94 16.69
N SER A 109 9.76 -15.73 16.79
CA SER A 109 10.60 -16.50 17.69
C SER A 109 9.98 -16.60 19.07
N GLY A 110 9.35 -17.74 19.36
CA GLY A 110 8.71 -17.94 20.65
C GLY A 110 7.63 -16.91 20.92
N PRO A 111 7.29 -16.73 22.21
CA PRO A 111 6.26 -15.78 22.63
C PRO A 111 6.70 -14.33 22.45
N SER A 112 5.72 -13.43 22.34
CA SER A 112 6.01 -12.01 22.16
C SER A 112 4.74 -11.18 22.29
N SER A 113 4.81 -10.10 23.05
CA SER A 113 3.68 -9.22 23.26
C SER A 113 3.98 -7.80 22.78
N GLY A 114 3.10 -7.27 21.94
CA GLY A 114 3.30 -5.93 21.42
C GLY A 114 3.26 -5.87 19.91
N GLY A 1 -16.61 17.98 -13.54
CA GLY A 1 -17.32 18.83 -12.62
C GLY A 1 -17.62 20.20 -13.22
N SER A 2 -16.58 20.90 -13.64
CA SER A 2 -16.72 22.23 -14.23
C SER A 2 -16.61 22.16 -15.74
N SER A 3 -15.58 21.48 -16.23
CA SER A 3 -15.36 21.35 -17.67
C SER A 3 -15.19 19.89 -18.06
N GLY A 4 -14.36 19.17 -17.31
CA GLY A 4 -14.13 17.76 -17.59
C GLY A 4 -12.71 17.33 -17.27
N SER A 5 -12.57 16.45 -16.29
CA SER A 5 -11.26 15.97 -15.88
C SER A 5 -11.37 14.56 -15.27
N SER A 6 -10.38 13.72 -15.57
CA SER A 6 -10.36 12.36 -15.05
C SER A 6 -9.65 12.29 -13.71
N GLY A 7 -9.80 11.16 -13.01
CA GLY A 7 -9.16 10.99 -11.73
C GLY A 7 -7.66 10.84 -11.84
N PRO A 8 -7.00 10.53 -10.71
CA PRO A 8 -5.55 10.35 -10.65
C PRO A 8 -5.10 9.08 -11.38
N VAL A 9 -3.95 9.16 -12.03
CA VAL A 9 -3.40 8.02 -12.76
C VAL A 9 -1.96 7.74 -12.35
N ALA A 10 -1.18 8.81 -12.18
CA ALA A 10 0.21 8.68 -11.79
C ALA A 10 0.38 7.67 -10.66
N GLY A 11 -0.54 7.71 -9.70
CA GLY A 11 -0.48 6.79 -8.58
C GLY A 11 0.77 6.98 -7.74
N PRO A 12 0.65 6.73 -6.43
CA PRO A 12 1.77 6.87 -5.49
C PRO A 12 2.83 5.79 -5.70
N TYR A 13 4.02 6.04 -5.15
CA TYR A 13 5.13 5.09 -5.28
C TYR A 13 5.80 4.87 -3.93
N ILE A 14 5.74 3.63 -3.44
CA ILE A 14 6.34 3.28 -2.17
C ILE A 14 7.86 3.39 -2.23
N THR A 15 8.43 4.22 -1.36
CA THR A 15 9.87 4.41 -1.32
C THR A 15 10.44 4.02 0.04
N PHE A 16 9.65 3.30 0.82
CA PHE A 16 10.08 2.86 2.14
C PHE A 16 9.20 1.70 2.63
N THR A 17 9.85 0.57 2.93
CA THR A 17 9.13 -0.61 3.41
C THR A 17 9.92 -1.32 4.51
N ASP A 18 9.41 -1.26 5.73
CA ASP A 18 10.07 -1.90 6.87
C ASP A 18 9.05 -2.58 7.77
N ALA A 19 9.39 -3.76 8.28
CA ALA A 19 8.50 -4.51 9.15
C ALA A 19 8.63 -4.02 10.60
N VAL A 20 7.52 -3.54 11.14
CA VAL A 20 7.50 -3.04 12.51
C VAL A 20 7.40 -4.19 13.51
N ASN A 21 6.84 -5.30 13.07
CA ASN A 21 6.68 -6.48 13.92
C ASN A 21 6.39 -7.72 13.09
N GLU A 22 6.19 -8.85 13.76
CA GLU A 22 5.91 -10.11 13.09
C GLU A 22 4.50 -10.09 12.49
N THR A 23 3.64 -9.22 13.01
CA THR A 23 2.27 -9.11 12.53
C THR A 23 1.95 -7.68 12.11
N THR A 24 2.97 -6.84 12.06
CA THR A 24 2.80 -5.44 11.68
C THR A 24 3.88 -5.00 10.70
N ILE A 25 3.50 -4.13 9.77
CA ILE A 25 4.44 -3.61 8.78
C ILE A 25 4.23 -2.13 8.53
N MET A 26 5.33 -1.40 8.34
CA MET A 26 5.28 0.03 8.10
C MET A 26 5.77 0.37 6.70
N LEU A 27 4.92 1.03 5.92
CA LEU A 27 5.27 1.40 4.55
C LEU A 27 4.90 2.86 4.28
N LYS A 28 5.83 3.59 3.67
CA LYS A 28 5.61 5.00 3.35
C LYS A 28 5.61 5.22 1.84
N TRP A 29 4.67 6.01 1.36
CA TRP A 29 4.56 6.30 -0.07
C TRP A 29 4.82 7.78 -0.34
N MET A 30 5.23 8.09 -1.56
CA MET A 30 5.51 9.47 -1.95
C MET A 30 4.59 9.91 -3.08
N TYR A 31 4.49 11.22 -3.29
CA TYR A 31 3.65 11.77 -4.34
C TYR A 31 4.44 12.67 -5.27
N ILE A 32 4.23 12.51 -6.57
CA ILE A 32 4.93 13.32 -7.56
C ILE A 32 3.97 14.23 -8.31
N PRO A 33 3.89 15.49 -7.87
CA PRO A 33 3.02 16.50 -8.48
C PRO A 33 3.48 16.90 -9.88
N ALA A 34 4.69 16.50 -10.23
CA ALA A 34 5.25 16.82 -11.54
C ALA A 34 4.35 16.32 -12.67
N SER A 35 4.28 14.99 -12.82
CA SER A 35 3.46 14.39 -13.86
C SER A 35 2.04 14.14 -13.35
N ASN A 36 1.52 15.09 -12.60
CA ASN A 36 0.17 14.98 -12.06
C ASN A 36 -0.76 16.04 -12.66
N ASN A 37 -2.05 15.89 -12.42
CA ASN A 37 -3.04 16.82 -12.94
C ASN A 37 -3.53 17.76 -11.84
N ASN A 38 -2.71 17.94 -10.81
CA ASN A 38 -3.06 18.82 -9.69
C ASN A 38 -4.48 18.54 -9.22
N THR A 39 -4.82 17.26 -9.11
CA THR A 39 -6.15 16.86 -8.66
C THR A 39 -6.14 16.44 -7.19
N PRO A 40 -7.18 16.85 -6.45
CA PRO A 40 -7.30 16.53 -5.02
C PRO A 40 -7.59 15.05 -4.78
N ILE A 41 -6.85 14.45 -3.85
CA ILE A 41 -7.03 13.04 -3.54
C ILE A 41 -7.91 12.86 -2.31
N HIS A 42 -8.77 11.84 -2.33
CA HIS A 42 -9.65 11.56 -1.22
C HIS A 42 -8.93 10.79 -0.12
N GLY A 43 -8.08 9.85 -0.52
CA GLY A 43 -7.33 9.07 0.44
C GLY A 43 -6.29 8.18 -0.21
N PHE A 44 -5.88 7.14 0.50
CA PHE A 44 -4.88 6.21 -0.02
C PHE A 44 -5.27 4.76 0.26
N TYR A 45 -5.24 3.94 -0.77
CA TYR A 45 -5.60 2.53 -0.64
C TYR A 45 -4.34 1.65 -0.62
N ILE A 46 -4.31 0.71 0.32
CA ILE A 46 -3.17 -0.19 0.44
C ILE A 46 -3.62 -1.65 0.33
N TYR A 47 -3.12 -2.34 -0.70
CA TYR A 47 -3.47 -3.74 -0.92
C TYR A 47 -2.33 -4.65 -0.48
N TYR A 48 -2.69 -5.82 0.04
CA TYR A 48 -1.70 -6.80 0.50
C TYR A 48 -2.27 -8.21 0.49
N ARG A 49 -1.43 -9.17 0.13
CA ARG A 49 -1.85 -10.56 0.07
C ARG A 49 -0.66 -11.50 0.21
N PRO A 50 -0.87 -12.64 0.89
CA PRO A 50 0.19 -13.64 1.11
C PRO A 50 0.57 -14.36 -0.18
N THR A 51 1.86 -14.65 -0.33
CA THR A 51 2.36 -15.34 -1.51
C THR A 51 1.63 -16.67 -1.72
N ASP A 52 1.02 -17.17 -0.65
CA ASP A 52 0.28 -18.44 -0.72
C ASP A 52 -1.08 -18.23 -1.37
N SER A 53 -1.60 -17.01 -1.29
CA SER A 53 -2.90 -16.70 -1.88
C SER A 53 -3.04 -17.32 -3.26
N ASP A 54 -4.27 -17.32 -3.78
CA ASP A 54 -4.54 -17.87 -5.10
C ASP A 54 -4.43 -16.80 -6.18
N ASN A 55 -5.29 -15.78 -6.08
CA ASN A 55 -5.28 -14.69 -7.05
C ASN A 55 -5.53 -13.35 -6.36
N ASP A 56 -5.62 -12.29 -7.16
CA ASP A 56 -5.85 -10.96 -6.63
C ASP A 56 -7.10 -10.93 -5.75
N SER A 57 -7.94 -11.94 -5.91
CA SER A 57 -9.19 -12.03 -5.13
C SER A 57 -8.89 -11.90 -3.64
N ASP A 58 -7.64 -12.11 -3.27
CA ASP A 58 -7.24 -12.02 -1.87
C ASP A 58 -6.81 -10.59 -1.52
N TYR A 59 -6.08 -9.96 -2.43
CA TYR A 59 -5.61 -8.59 -2.21
C TYR A 59 -6.64 -7.78 -1.44
N LYS A 60 -6.24 -7.30 -0.26
CA LYS A 60 -7.13 -6.50 0.58
C LYS A 60 -7.06 -5.02 0.21
N LYS A 61 -7.74 -4.19 0.97
CA LYS A 61 -7.75 -2.75 0.73
C LYS A 61 -7.85 -1.98 2.04
N ASP A 62 -6.91 -1.06 2.25
CA ASP A 62 -6.90 -0.25 3.46
C ASP A 62 -6.93 1.24 3.12
N MET A 63 -8.07 1.88 3.40
CA MET A 63 -8.24 3.30 3.12
C MET A 63 -7.45 4.15 4.12
N VAL A 64 -6.89 5.25 3.64
CA VAL A 64 -6.12 6.14 4.50
C VAL A 64 -6.33 7.59 4.09
N GLU A 65 -6.11 8.50 5.05
CA GLU A 65 -6.28 9.93 4.80
C GLU A 65 -5.51 10.35 3.54
N GLY A 66 -6.09 11.28 2.78
CA GLY A 66 -5.46 11.75 1.57
C GLY A 66 -4.24 12.61 1.85
N ASP A 67 -4.03 12.95 3.12
CA ASP A 67 -2.90 13.77 3.52
C ASP A 67 -1.84 12.92 4.22
N ARG A 68 -2.23 11.72 4.64
CA ARG A 68 -1.31 10.82 5.32
C ARG A 68 -0.47 10.04 4.31
N TYR A 69 0.85 10.07 4.50
CA TYR A 69 1.77 9.37 3.60
C TYR A 69 2.41 8.18 4.32
N TRP A 70 1.87 7.83 5.48
CA TRP A 70 2.39 6.71 6.26
C TRP A 70 1.25 5.85 6.78
N HIS A 71 1.50 4.54 6.86
CA HIS A 71 0.49 3.60 7.36
C HIS A 71 1.14 2.31 7.84
N SER A 72 0.71 1.85 9.01
CA SER A 72 1.26 0.61 9.58
C SER A 72 0.24 -0.52 9.52
N ILE A 73 0.47 -1.46 8.60
CA ILE A 73 -0.42 -2.59 8.44
C ILE A 73 -0.32 -3.56 9.61
N SER A 74 -1.39 -4.30 9.86
CA SER A 74 -1.42 -5.25 10.96
C SER A 74 -2.20 -6.51 10.57
N HIS A 75 -2.27 -7.46 11.49
CA HIS A 75 -2.99 -8.71 11.24
C HIS A 75 -2.38 -9.46 10.06
N LEU A 76 -1.06 -9.59 10.08
CA LEU A 76 -0.34 -10.29 9.01
C LEU A 76 0.34 -11.55 9.54
N GLN A 77 0.92 -12.33 8.63
CA GLN A 77 1.61 -13.56 9.01
C GLN A 77 3.06 -13.28 9.34
N PRO A 78 3.58 -13.98 10.37
CA PRO A 78 4.96 -13.83 10.80
C PRO A 78 5.96 -14.38 9.79
N GLU A 79 7.15 -13.81 9.75
CA GLU A 79 8.19 -14.25 8.83
C GLU A 79 7.58 -14.71 7.51
N THR A 80 6.53 -14.03 7.06
CA THR A 80 5.86 -14.38 5.83
C THR A 80 6.14 -13.35 4.74
N SER A 81 7.04 -13.70 3.82
CA SER A 81 7.41 -12.81 2.73
C SER A 81 6.29 -12.75 1.69
N TYR A 82 5.57 -11.63 1.70
CA TYR A 82 4.47 -11.43 0.75
C TYR A 82 4.60 -10.09 0.04
N ASP A 83 3.95 -9.98 -1.11
CA ASP A 83 3.99 -8.74 -1.90
C ASP A 83 3.10 -7.67 -1.25
N ILE A 84 3.44 -6.41 -1.50
CA ILE A 84 2.67 -5.30 -0.95
C ILE A 84 2.64 -4.12 -1.92
N LYS A 85 1.45 -3.56 -2.13
CA LYS A 85 1.29 -2.43 -3.03
C LYS A 85 0.19 -1.50 -2.53
N MET A 86 0.16 -0.28 -3.07
CA MET A 86 -0.84 0.70 -2.68
C MET A 86 -1.01 1.77 -3.77
N GLN A 87 -2.15 2.44 -3.76
CA GLN A 87 -2.44 3.47 -4.74
C GLN A 87 -3.30 4.58 -4.15
N CYS A 88 -3.52 5.63 -4.91
CA CYS A 88 -4.33 6.76 -4.45
C CYS A 88 -5.60 6.91 -5.30
N PHE A 89 -6.69 7.28 -4.65
CA PHE A 89 -7.96 7.45 -5.34
C PHE A 89 -8.61 8.78 -4.96
N ASN A 90 -9.50 9.26 -5.83
CA ASN A 90 -10.19 10.53 -5.59
C ASN A 90 -11.61 10.48 -6.13
N GLU A 91 -12.36 11.56 -5.92
CA GLU A 91 -13.74 11.64 -6.38
C GLU A 91 -13.87 11.07 -7.78
N GLY A 92 -12.84 11.27 -8.60
CA GLY A 92 -12.86 10.75 -9.96
C GLY A 92 -12.72 9.25 -10.03
N GLY A 93 -11.70 8.72 -9.34
CA GLY A 93 -11.49 7.29 -9.34
C GLY A 93 -10.10 6.93 -8.82
N GLU A 94 -9.86 5.62 -8.66
CA GLU A 94 -8.57 5.15 -8.18
C GLU A 94 -7.46 5.44 -9.19
N SER A 95 -6.23 5.09 -8.82
CA SER A 95 -5.08 5.32 -9.69
C SER A 95 -4.25 4.05 -9.83
N GLU A 96 -3.28 4.09 -10.73
CA GLU A 96 -2.40 2.95 -10.96
C GLU A 96 -1.94 2.35 -9.63
N PHE A 97 -1.51 1.09 -9.68
CA PHE A 97 -1.04 0.40 -8.49
C PHE A 97 0.46 0.61 -8.30
N SER A 98 0.84 1.19 -7.16
CA SER A 98 2.24 1.45 -6.86
C SER A 98 3.09 0.22 -7.16
N ASN A 99 4.41 0.38 -7.08
CA ASN A 99 5.33 -0.72 -7.33
C ASN A 99 5.19 -1.80 -6.28
N VAL A 100 5.48 -3.04 -6.67
CA VAL A 100 5.39 -4.17 -5.75
C VAL A 100 6.59 -4.23 -4.82
N MET A 101 6.34 -4.04 -3.53
CA MET A 101 7.40 -4.06 -2.53
C MET A 101 7.30 -5.31 -1.66
N ILE A 102 8.34 -6.12 -1.66
CA ILE A 102 8.37 -7.34 -0.87
C ILE A 102 8.94 -7.09 0.52
N CYS A 103 8.05 -6.94 1.50
CA CYS A 103 8.46 -6.69 2.87
C CYS A 103 8.22 -7.92 3.74
N GLU A 104 9.30 -8.60 4.11
CA GLU A 104 9.21 -9.80 4.94
C GLU A 104 8.95 -9.43 6.40
N THR A 105 7.85 -9.92 6.96
CA THR A 105 7.50 -9.64 8.34
C THR A 105 8.56 -10.19 9.30
N LYS A 106 8.42 -9.83 10.57
CA LYS A 106 9.37 -10.28 11.59
C LYS A 106 9.10 -11.73 11.98
N ALA A 107 10.12 -12.40 12.50
CA ALA A 107 9.99 -13.78 12.92
C ALA A 107 9.35 -13.89 14.30
N ARG A 108 8.26 -14.64 14.39
CA ARG A 108 7.56 -14.82 15.66
C ARG A 108 8.39 -15.67 16.64
N SER A 109 8.41 -15.25 17.89
CA SER A 109 9.17 -15.96 18.92
C SER A 109 8.23 -16.79 19.80
N GLY A 110 8.62 -18.05 20.04
CA GLY A 110 7.80 -18.93 20.87
C GLY A 110 8.19 -20.38 20.70
N PRO A 111 7.39 -21.28 21.31
CA PRO A 111 7.63 -22.72 21.25
C PRO A 111 7.39 -23.29 19.86
N SER A 112 6.77 -22.49 18.98
CA SER A 112 6.48 -22.91 17.62
C SER A 112 7.74 -23.44 16.94
N SER A 113 7.57 -24.47 16.12
CA SER A 113 8.69 -25.07 15.40
C SER A 113 8.39 -25.17 13.91
N GLY A 114 7.21 -25.68 13.57
CA GLY A 114 6.82 -25.81 12.19
C GLY A 114 6.29 -27.20 11.86
N GLY A 1 -9.00 16.38 -27.88
CA GLY A 1 -7.92 15.75 -27.13
C GLY A 1 -8.21 15.70 -25.64
N SER A 2 -7.94 14.55 -25.03
CA SER A 2 -8.17 14.36 -23.60
C SER A 2 -7.45 13.13 -23.08
N SER A 3 -7.52 12.91 -21.78
CA SER A 3 -6.86 11.77 -21.15
C SER A 3 -7.88 10.70 -20.76
N GLY A 4 -8.83 10.45 -21.64
CA GLY A 4 -9.86 9.46 -21.37
C GLY A 4 -10.86 9.92 -20.34
N SER A 5 -10.47 9.86 -19.07
CA SER A 5 -11.34 10.27 -17.98
C SER A 5 -10.55 10.97 -16.87
N SER A 6 -11.20 11.88 -16.18
CA SER A 6 -10.55 12.62 -15.10
C SER A 6 -10.13 11.69 -13.97
N GLY A 7 -9.19 12.14 -13.15
CA GLY A 7 -8.71 11.33 -12.04
C GLY A 7 -7.22 11.09 -12.11
N PRO A 8 -6.59 10.93 -10.94
CA PRO A 8 -5.14 10.69 -10.84
C PRO A 8 -4.75 9.31 -11.36
N VAL A 9 -3.58 9.24 -11.99
CA VAL A 9 -3.09 7.97 -12.53
C VAL A 9 -1.66 7.71 -12.10
N ALA A 10 -0.87 8.78 -12.01
CA ALA A 10 0.53 8.67 -11.60
C ALA A 10 0.69 7.66 -10.46
N GLY A 11 -0.30 7.64 -9.57
CA GLY A 11 -0.25 6.72 -8.43
C GLY A 11 0.97 6.95 -7.56
N PRO A 12 0.84 6.63 -6.27
CA PRO A 12 1.94 6.79 -5.30
C PRO A 12 3.07 5.80 -5.53
N TYR A 13 4.26 6.15 -5.06
CA TYR A 13 5.42 5.29 -5.22
C TYR A 13 6.06 4.98 -3.86
N ILE A 14 6.00 3.71 -3.46
CA ILE A 14 6.57 3.29 -2.19
C ILE A 14 8.09 3.44 -2.19
N THR A 15 8.59 4.19 -1.21
CA THR A 15 10.02 4.42 -1.09
C THR A 15 10.55 3.95 0.27
N PHE A 16 9.64 3.48 1.11
CA PHE A 16 10.02 3.00 2.44
C PHE A 16 9.18 1.78 2.84
N THR A 17 9.85 0.67 3.11
CA THR A 17 9.17 -0.56 3.49
C THR A 17 9.93 -1.28 4.61
N ASP A 18 9.32 -1.35 5.78
CA ASP A 18 9.94 -2.01 6.92
C ASP A 18 8.90 -2.76 7.75
N ALA A 19 9.35 -3.75 8.50
CA ALA A 19 8.45 -4.55 9.33
C ALA A 19 8.46 -4.06 10.77
N VAL A 20 7.35 -3.47 11.20
CA VAL A 20 7.21 -2.96 12.56
C VAL A 20 7.09 -4.09 13.57
N ASN A 21 6.53 -5.22 13.13
CA ASN A 21 6.35 -6.37 14.00
C ASN A 21 6.18 -7.64 13.17
N GLU A 22 5.94 -8.76 13.85
CA GLU A 22 5.76 -10.05 13.18
C GLU A 22 4.43 -10.08 12.43
N THR A 23 3.49 -9.25 12.86
CA THR A 23 2.17 -9.19 12.23
C THR A 23 1.86 -7.77 11.77
N THR A 24 2.82 -6.87 11.91
CA THR A 24 2.64 -5.48 11.51
C THR A 24 3.76 -5.03 10.58
N ILE A 25 3.43 -4.14 9.65
CA ILE A 25 4.40 -3.62 8.70
C ILE A 25 4.15 -2.16 8.40
N MET A 26 5.22 -1.37 8.36
CA MET A 26 5.11 0.07 8.09
C MET A 26 5.70 0.38 6.72
N LEU A 27 4.95 1.15 5.92
CA LEU A 27 5.38 1.54 4.59
C LEU A 27 5.05 3.00 4.30
N LYS A 28 5.89 3.65 3.51
CA LYS A 28 5.68 5.05 3.16
C LYS A 28 5.69 5.23 1.65
N TRP A 29 4.85 6.13 1.16
CA TRP A 29 4.76 6.41 -0.27
C TRP A 29 5.03 7.88 -0.56
N MET A 30 5.42 8.17 -1.80
CA MET A 30 5.71 9.54 -2.21
C MET A 30 4.79 9.98 -3.34
N TYR A 31 4.59 11.28 -3.47
CA TYR A 31 3.73 11.83 -4.51
C TYR A 31 4.49 12.84 -5.37
N ILE A 32 4.37 12.67 -6.69
CA ILE A 32 5.04 13.56 -7.62
C ILE A 32 4.05 14.49 -8.32
N PRO A 33 4.17 15.79 -8.05
CA PRO A 33 3.29 16.81 -8.65
C PRO A 33 3.54 16.99 -10.14
N ALA A 34 4.78 16.78 -10.55
CA ALA A 34 5.14 16.91 -11.96
C ALA A 34 4.10 16.26 -12.87
N SER A 35 4.02 14.94 -12.83
CA SER A 35 3.07 14.20 -13.65
C SER A 35 1.74 14.06 -12.92
N ASN A 36 1.26 15.16 -12.35
CA ASN A 36 -0.01 15.16 -11.63
C ASN A 36 -1.00 16.12 -12.27
N ASN A 37 -2.29 15.81 -12.16
CA ASN A 37 -3.33 16.65 -12.74
C ASN A 37 -3.84 17.65 -11.71
N ASN A 38 -2.95 18.08 -10.82
CA ASN A 38 -3.31 19.04 -9.79
C ASN A 38 -4.72 18.78 -9.26
N THR A 39 -5.05 17.50 -9.07
CA THR A 39 -6.36 17.11 -8.57
C THR A 39 -6.28 16.62 -7.13
N PRO A 40 -7.27 16.98 -6.32
CA PRO A 40 -7.34 16.59 -4.91
C PRO A 40 -7.62 15.09 -4.75
N ILE A 41 -6.88 14.45 -3.85
CA ILE A 41 -7.05 13.03 -3.60
C ILE A 41 -7.93 12.79 -2.36
N HIS A 42 -8.84 11.84 -2.48
CA HIS A 42 -9.75 11.52 -1.37
C HIS A 42 -8.97 10.89 -0.21
N GLY A 43 -8.05 9.99 -0.54
CA GLY A 43 -7.26 9.33 0.49
C GLY A 43 -6.16 8.47 -0.09
N PHE A 44 -5.88 7.34 0.56
CA PHE A 44 -4.84 6.43 0.10
C PHE A 44 -5.19 4.99 0.46
N TYR A 45 -5.29 4.14 -0.55
CA TYR A 45 -5.62 2.72 -0.34
C TYR A 45 -4.35 1.86 -0.36
N ILE A 46 -4.34 0.83 0.45
CA ILE A 46 -3.20 -0.09 0.51
C ILE A 46 -3.65 -1.54 0.44
N TYR A 47 -3.13 -2.26 -0.55
CA TYR A 47 -3.49 -3.67 -0.73
C TYR A 47 -2.34 -4.57 -0.30
N TYR A 48 -2.68 -5.72 0.26
CA TYR A 48 -1.68 -6.67 0.73
C TYR A 48 -2.24 -8.09 0.75
N ARG A 49 -1.38 -9.08 0.54
CA ARG A 49 -1.79 -10.48 0.54
C ARG A 49 -0.58 -11.41 0.57
N PRO A 50 -0.71 -12.52 1.30
CA PRO A 50 0.37 -13.50 1.43
C PRO A 50 0.61 -14.27 0.14
N THR A 51 1.88 -14.53 -0.16
CA THR A 51 2.25 -15.25 -1.37
C THR A 51 1.54 -16.61 -1.45
N ASP A 52 1.08 -17.08 -0.29
CA ASP A 52 0.38 -18.37 -0.23
C ASP A 52 -1.01 -18.26 -0.85
N SER A 53 -1.53 -17.04 -0.92
CA SER A 53 -2.86 -16.80 -1.49
C SER A 53 -2.97 -17.45 -2.87
N ASP A 54 -4.11 -17.24 -3.52
CA ASP A 54 -4.36 -17.81 -4.84
C ASP A 54 -4.33 -16.72 -5.91
N ASN A 55 -5.12 -15.66 -5.69
CA ASN A 55 -5.20 -14.56 -6.63
C ASN A 55 -5.50 -13.25 -5.91
N ASP A 56 -5.68 -12.18 -6.68
CA ASP A 56 -5.97 -10.87 -6.12
C ASP A 56 -7.23 -10.93 -5.25
N SER A 57 -7.98 -12.01 -5.37
CA SER A 57 -9.21 -12.19 -4.60
C SER A 57 -8.94 -12.02 -3.11
N ASP A 58 -7.68 -12.17 -2.72
CA ASP A 58 -7.30 -12.03 -1.32
C ASP A 58 -6.88 -10.59 -1.01
N TYR A 59 -6.17 -9.97 -1.95
CA TYR A 59 -5.71 -8.60 -1.76
C TYR A 59 -6.74 -7.78 -1.01
N LYS A 60 -6.33 -7.23 0.13
CA LYS A 60 -7.21 -6.42 0.95
C LYS A 60 -7.11 -4.94 0.57
N LYS A 61 -7.78 -4.09 1.32
CA LYS A 61 -7.77 -2.65 1.07
C LYS A 61 -7.86 -1.87 2.37
N ASP A 62 -6.89 -0.99 2.60
CA ASP A 62 -6.86 -0.18 3.81
C ASP A 62 -6.92 1.30 3.45
N MET A 63 -8.01 1.96 3.85
CA MET A 63 -8.19 3.38 3.58
C MET A 63 -7.33 4.23 4.52
N VAL A 64 -6.70 5.26 3.95
CA VAL A 64 -5.85 6.14 4.75
C VAL A 64 -6.10 7.61 4.40
N GLU A 65 -5.82 8.48 5.34
CA GLU A 65 -6.02 9.92 5.13
C GLU A 65 -5.31 10.39 3.86
N GLY A 66 -5.88 11.37 3.19
CA GLY A 66 -5.30 11.89 1.97
C GLY A 66 -4.06 12.73 2.24
N ASP A 67 -3.90 13.17 3.48
CA ASP A 67 -2.75 13.99 3.86
C ASP A 67 -1.66 13.12 4.50
N ARG A 68 -1.95 11.84 4.67
CA ARG A 68 -1.01 10.91 5.27
C ARG A 68 -0.20 10.18 4.20
N TYR A 69 1.12 10.10 4.40
CA TYR A 69 1.99 9.44 3.44
C TYR A 69 2.61 8.19 4.06
N TRP A 70 2.04 7.73 5.15
CA TRP A 70 2.54 6.55 5.84
C TRP A 70 1.40 5.75 6.46
N HIS A 71 1.52 4.43 6.46
CA HIS A 71 0.50 3.55 7.02
C HIS A 71 1.10 2.24 7.51
N SER A 72 0.62 1.76 8.65
CA SER A 72 1.12 0.52 9.23
C SER A 72 0.07 -0.58 9.13
N ILE A 73 0.35 -1.57 8.29
CA ILE A 73 -0.56 -2.69 8.11
C ILE A 73 -0.52 -3.65 9.29
N SER A 74 -1.61 -4.37 9.51
CA SER A 74 -1.69 -5.32 10.62
C SER A 74 -2.40 -6.60 10.18
N HIS A 75 -2.55 -7.53 11.12
CA HIS A 75 -3.22 -8.80 10.84
C HIS A 75 -2.51 -9.55 9.71
N LEU A 76 -1.19 -9.66 9.81
CA LEU A 76 -0.39 -10.34 8.80
C LEU A 76 0.25 -11.61 9.38
N GLN A 77 0.97 -12.33 8.53
CA GLN A 77 1.63 -13.56 8.95
C GLN A 77 3.09 -13.30 9.33
N PRO A 78 3.57 -13.99 10.37
CA PRO A 78 4.95 -13.84 10.85
C PRO A 78 5.96 -14.44 9.87
N GLU A 79 7.17 -13.87 9.87
CA GLU A 79 8.23 -14.34 8.98
C GLU A 79 7.65 -14.80 7.64
N THR A 80 6.67 -14.06 7.15
CA THR A 80 6.03 -14.39 5.87
C THR A 80 6.34 -13.35 4.81
N SER A 81 7.24 -13.70 3.89
CA SER A 81 7.63 -12.79 2.82
C SER A 81 6.56 -12.75 1.72
N TYR A 82 5.84 -11.63 1.64
CA TYR A 82 4.79 -11.47 0.64
C TYR A 82 4.88 -10.10 -0.03
N ASP A 83 4.32 -9.99 -1.22
CA ASP A 83 4.33 -8.75 -1.96
C ASP A 83 3.37 -7.73 -1.34
N ILE A 84 3.66 -6.45 -1.52
CA ILE A 84 2.83 -5.39 -0.98
C ILE A 84 2.74 -4.21 -1.94
N LYS A 85 1.53 -3.74 -2.18
CA LYS A 85 1.30 -2.62 -3.08
C LYS A 85 0.19 -1.71 -2.56
N MET A 86 0.05 -0.53 -3.16
CA MET A 86 -0.97 0.42 -2.75
C MET A 86 -1.47 1.22 -3.96
N GLN A 87 -2.51 2.02 -3.74
CA GLN A 87 -3.07 2.84 -4.80
C GLN A 87 -3.87 4.01 -4.22
N CYS A 88 -3.88 5.12 -4.95
CA CYS A 88 -4.60 6.32 -4.50
C CYS A 88 -5.90 6.48 -5.29
N PHE A 89 -6.87 7.14 -4.68
CA PHE A 89 -8.16 7.38 -5.31
C PHE A 89 -8.68 8.78 -5.00
N ASN A 90 -9.64 9.24 -5.79
CA ASN A 90 -10.22 10.56 -5.60
C ASN A 90 -11.54 10.70 -6.36
N GLU A 91 -12.23 11.80 -6.15
CA GLU A 91 -13.50 12.05 -6.83
C GLU A 91 -13.48 11.53 -8.25
N GLY A 92 -12.35 11.72 -8.93
CA GLY A 92 -12.21 11.26 -10.30
C GLY A 92 -12.29 9.75 -10.41
N GLY A 93 -11.50 9.05 -9.59
CA GLY A 93 -11.50 7.61 -9.62
C GLY A 93 -10.19 7.02 -9.15
N GLU A 94 -10.14 5.70 -9.03
CA GLU A 94 -8.93 5.01 -8.58
C GLU A 94 -7.79 5.21 -9.58
N SER A 95 -6.59 5.43 -9.06
CA SER A 95 -5.42 5.64 -9.90
C SER A 95 -4.78 4.31 -10.28
N GLU A 96 -3.67 4.38 -11.01
CA GLU A 96 -2.96 3.18 -11.43
C GLU A 96 -2.47 2.38 -10.23
N PHE A 97 -1.97 1.17 -10.49
CA PHE A 97 -1.47 0.31 -9.43
C PHE A 97 -0.02 0.62 -9.11
N SER A 98 0.25 0.96 -7.86
CA SER A 98 1.60 1.29 -7.42
C SER A 98 2.53 0.10 -7.60
N ASN A 99 3.84 0.36 -7.54
CA ASN A 99 4.84 -0.70 -7.70
C ASN A 99 4.64 -1.78 -6.65
N VAL A 100 5.43 -2.85 -6.76
CA VAL A 100 5.35 -3.96 -5.82
C VAL A 100 6.57 -3.99 -4.90
N MET A 101 6.32 -3.95 -3.60
CA MET A 101 7.38 -3.98 -2.61
C MET A 101 7.28 -5.21 -1.71
N ILE A 102 8.31 -6.04 -1.71
CA ILE A 102 8.32 -7.25 -0.89
C ILE A 102 8.93 -6.98 0.48
N CYS A 103 8.07 -6.86 1.48
CA CYS A 103 8.52 -6.60 2.85
C CYS A 103 8.27 -7.82 3.73
N GLU A 104 9.36 -8.48 4.14
CA GLU A 104 9.25 -9.66 4.99
C GLU A 104 8.95 -9.27 6.43
N THR A 105 7.91 -9.87 7.00
CA THR A 105 7.52 -9.59 8.38
C THR A 105 8.57 -10.07 9.36
N LYS A 106 8.30 -9.88 10.65
CA LYS A 106 9.23 -10.29 11.70
C LYS A 106 8.90 -11.69 12.19
N ALA A 107 9.90 -12.36 12.76
CA ALA A 107 9.71 -13.71 13.27
C ALA A 107 8.92 -13.70 14.58
N ARG A 108 7.93 -14.57 14.67
CA ARG A 108 7.09 -14.66 15.86
C ARG A 108 7.77 -15.52 16.94
N SER A 109 8.96 -15.11 17.34
CA SER A 109 9.71 -15.84 18.36
C SER A 109 9.35 -15.34 19.76
N GLY A 110 8.72 -16.21 20.54
CA GLY A 110 8.33 -15.84 21.89
C GLY A 110 8.88 -16.80 22.93
N PRO A 111 9.07 -16.28 24.16
CA PRO A 111 9.60 -17.08 25.27
C PRO A 111 8.63 -18.15 25.74
N SER A 112 7.33 -17.88 25.56
CA SER A 112 6.29 -18.81 25.98
C SER A 112 6.34 -20.09 25.16
N SER A 113 6.32 -19.93 23.84
CA SER A 113 6.36 -21.08 22.93
C SER A 113 7.74 -21.73 22.93
N GLY A 114 7.76 -23.06 23.00
CA GLY A 114 9.02 -23.77 23.02
C GLY A 114 9.31 -24.41 24.37
N GLY A 1 -12.84 21.66 -26.13
CA GLY A 1 -12.61 20.26 -25.81
C GLY A 1 -12.88 19.95 -24.35
N SER A 2 -11.85 19.48 -23.66
CA SER A 2 -11.98 19.13 -22.24
C SER A 2 -10.67 19.35 -21.51
N SER A 3 -10.74 19.46 -20.18
CA SER A 3 -9.56 19.67 -19.36
C SER A 3 -9.01 18.34 -18.85
N GLY A 4 -9.90 17.49 -18.37
CA GLY A 4 -9.49 16.19 -17.85
C GLY A 4 -10.41 15.69 -16.77
N SER A 5 -11.29 14.75 -17.12
CA SER A 5 -12.24 14.19 -16.17
C SER A 5 -11.58 13.12 -15.31
N SER A 6 -11.02 12.10 -15.97
CA SER A 6 -10.35 11.02 -15.27
C SER A 6 -9.53 11.54 -14.10
N GLY A 7 -9.54 10.80 -13.00
CA GLY A 7 -8.79 11.21 -11.83
C GLY A 7 -7.31 10.97 -11.97
N PRO A 8 -6.61 10.83 -10.84
CA PRO A 8 -5.16 10.59 -10.83
C PRO A 8 -4.79 9.21 -11.34
N VAL A 9 -3.64 9.12 -12.00
CA VAL A 9 -3.17 7.86 -12.55
C VAL A 9 -1.73 7.58 -12.14
N ALA A 10 -0.91 8.62 -12.15
CA ALA A 10 0.50 8.50 -11.78
C ALA A 10 0.67 7.53 -10.62
N GLY A 11 -0.28 7.55 -9.69
CA GLY A 11 -0.21 6.67 -8.54
C GLY A 11 1.02 6.92 -7.69
N PRO A 12 0.91 6.62 -6.38
CA PRO A 12 2.02 6.82 -5.44
C PRO A 12 3.15 5.82 -5.67
N TYR A 13 4.33 6.12 -5.11
CA TYR A 13 5.49 5.27 -5.26
C TYR A 13 6.13 4.97 -3.90
N ILE A 14 6.01 3.72 -3.47
CA ILE A 14 6.58 3.30 -2.19
C ILE A 14 8.10 3.37 -2.21
N THR A 15 8.66 4.25 -1.39
CA THR A 15 10.11 4.41 -1.31
C THR A 15 10.64 3.96 0.04
N PHE A 16 9.78 3.31 0.82
CA PHE A 16 10.17 2.83 2.15
C PHE A 16 9.28 1.68 2.59
N THR A 17 9.91 0.57 2.98
CA THR A 17 9.17 -0.61 3.42
C THR A 17 9.93 -1.34 4.52
N ASP A 18 9.36 -1.31 5.73
CA ASP A 18 9.99 -1.97 6.88
C ASP A 18 8.92 -2.64 7.74
N ALA A 19 9.29 -3.76 8.36
CA ALA A 19 8.38 -4.49 9.23
C ALA A 19 8.44 -3.97 10.66
N VAL A 20 7.30 -3.51 11.16
CA VAL A 20 7.22 -2.97 12.51
C VAL A 20 7.16 -4.11 13.54
N ASN A 21 6.70 -5.27 13.10
CA ASN A 21 6.58 -6.43 13.98
C ASN A 21 6.35 -7.71 13.17
N GLU A 22 6.16 -8.82 13.87
CA GLU A 22 5.93 -10.11 13.22
C GLU A 22 4.54 -10.16 12.61
N THR A 23 3.70 -9.20 12.98
CA THR A 23 2.33 -9.14 12.47
C THR A 23 1.98 -7.73 12.02
N THR A 24 2.98 -6.85 12.00
CA THR A 24 2.76 -5.47 11.58
C THR A 24 3.85 -5.01 10.62
N ILE A 25 3.47 -4.15 9.67
CA ILE A 25 4.41 -3.64 8.69
C ILE A 25 4.20 -2.15 8.44
N MET A 26 5.29 -1.39 8.42
CA MET A 26 5.22 0.05 8.20
C MET A 26 5.77 0.41 6.82
N LEU A 27 4.91 0.97 5.97
CA LEU A 27 5.30 1.36 4.63
C LEU A 27 4.98 2.83 4.37
N LYS A 28 5.86 3.51 3.64
CA LYS A 28 5.66 4.91 3.32
C LYS A 28 5.67 5.13 1.80
N TRP A 29 4.82 6.04 1.33
CA TRP A 29 4.72 6.34 -0.08
C TRP A 29 5.00 7.82 -0.35
N MET A 30 5.37 8.14 -1.58
CA MET A 30 5.66 9.52 -1.96
C MET A 30 4.71 10.00 -3.05
N TYR A 31 4.70 11.30 -3.28
CA TYR A 31 3.82 11.89 -4.29
C TYR A 31 4.58 12.89 -5.15
N ILE A 32 4.27 12.92 -6.44
CA ILE A 32 4.93 13.83 -7.37
C ILE A 32 3.92 14.80 -7.99
N PRO A 33 4.08 16.10 -7.68
CA PRO A 33 3.19 17.15 -8.20
C PRO A 33 3.38 17.37 -9.69
N ALA A 34 4.55 17.01 -10.21
CA ALA A 34 4.85 17.18 -11.62
C ALA A 34 4.01 16.24 -12.47
N SER A 35 4.27 14.93 -12.34
CA SER A 35 3.53 13.94 -13.11
C SER A 35 2.13 13.73 -12.53
N ASN A 36 1.43 14.83 -12.30
CA ASN A 36 0.08 14.78 -11.75
C ASN A 36 -0.92 15.45 -12.68
N ASN A 37 -2.20 15.23 -12.42
CA ASN A 37 -3.26 15.83 -13.23
C ASN A 37 -3.89 17.03 -12.52
N ASN A 38 -3.15 17.60 -11.58
CA ASN A 38 -3.63 18.75 -10.83
C ASN A 38 -5.03 18.49 -10.26
N THR A 39 -5.20 17.33 -9.63
CA THR A 39 -6.47 16.95 -9.05
C THR A 39 -6.31 16.51 -7.59
N PRO A 40 -7.27 16.91 -6.75
CA PRO A 40 -7.25 16.57 -5.32
C PRO A 40 -7.51 15.09 -5.07
N ILE A 41 -6.87 14.55 -4.04
CA ILE A 41 -7.03 13.14 -3.69
C ILE A 41 -7.90 12.98 -2.45
N HIS A 42 -8.80 12.01 -2.49
CA HIS A 42 -9.70 11.75 -1.36
C HIS A 42 -8.94 11.09 -0.21
N GLY A 43 -8.06 10.14 -0.55
CA GLY A 43 -7.29 9.45 0.46
C GLY A 43 -6.19 8.59 -0.14
N PHE A 44 -5.92 7.46 0.50
CA PHE A 44 -4.88 6.55 0.03
C PHE A 44 -5.22 5.10 0.39
N TYR A 45 -5.37 4.26 -0.63
CA TYR A 45 -5.69 2.86 -0.42
C TYR A 45 -4.44 1.99 -0.45
N ILE A 46 -4.41 0.97 0.40
CA ILE A 46 -3.26 0.07 0.47
C ILE A 46 -3.70 -1.38 0.35
N TYR A 47 -3.09 -2.10 -0.60
CA TYR A 47 -3.42 -3.50 -0.83
C TYR A 47 -2.29 -4.40 -0.36
N TYR A 48 -2.65 -5.57 0.16
CA TYR A 48 -1.67 -6.53 0.65
C TYR A 48 -2.25 -7.94 0.66
N ARG A 49 -1.36 -8.93 0.55
CA ARG A 49 -1.78 -10.33 0.55
C ARG A 49 -0.58 -11.26 0.63
N PRO A 50 -0.73 -12.37 1.36
CA PRO A 50 0.34 -13.36 1.53
C PRO A 50 0.62 -14.13 0.25
N THR A 51 1.89 -14.52 0.06
CA THR A 51 2.28 -15.26 -1.13
C THR A 51 1.50 -16.55 -1.25
N ASP A 52 0.93 -17.02 -0.14
CA ASP A 52 0.16 -18.25 -0.13
C ASP A 52 -1.24 -18.01 -0.70
N SER A 53 -1.72 -16.77 -0.61
CA SER A 53 -3.03 -16.42 -1.12
C SER A 53 -3.32 -17.13 -2.43
N ASP A 54 -4.60 -17.35 -2.72
CA ASP A 54 -5.01 -18.02 -3.95
C ASP A 54 -4.73 -17.14 -5.16
N ASN A 55 -5.22 -15.92 -5.13
CA ASN A 55 -5.03 -14.98 -6.24
C ASN A 55 -5.29 -13.55 -5.78
N ASP A 56 -5.22 -12.61 -6.73
CA ASP A 56 -5.44 -11.21 -6.43
C ASP A 56 -6.74 -11.01 -5.66
N SER A 57 -7.68 -11.92 -5.87
CA SER A 57 -8.98 -11.85 -5.19
C SER A 57 -8.80 -11.73 -3.68
N ASP A 58 -7.60 -12.05 -3.21
CA ASP A 58 -7.30 -11.97 -1.78
C ASP A 58 -6.87 -10.55 -1.39
N TYR A 59 -6.14 -9.90 -2.28
CA TYR A 59 -5.66 -8.54 -2.04
C TYR A 59 -6.70 -7.73 -1.27
N LYS A 60 -6.29 -7.14 -0.15
CA LYS A 60 -7.18 -6.34 0.67
C LYS A 60 -7.07 -4.86 0.31
N LYS A 61 -7.76 -4.01 1.06
CA LYS A 61 -7.73 -2.58 0.83
C LYS A 61 -7.88 -1.81 2.14
N ASP A 62 -6.94 -0.92 2.42
CA ASP A 62 -6.96 -0.12 3.63
C ASP A 62 -7.01 1.37 3.31
N MET A 63 -8.11 2.01 3.69
CA MET A 63 -8.28 3.44 3.43
C MET A 63 -7.40 4.27 4.35
N VAL A 64 -6.83 5.35 3.81
CA VAL A 64 -5.97 6.23 4.58
C VAL A 64 -6.24 7.69 4.26
N GLU A 65 -5.94 8.57 5.22
CA GLU A 65 -6.15 9.99 5.05
C GLU A 65 -5.44 10.50 3.80
N GLY A 66 -6.00 11.53 3.17
CA GLY A 66 -5.41 12.09 1.98
C GLY A 66 -4.18 12.91 2.28
N ASP A 67 -4.02 13.32 3.53
CA ASP A 67 -2.88 14.11 3.94
C ASP A 67 -1.79 13.23 4.57
N ARG A 68 -2.17 12.02 4.93
CA ARG A 68 -1.23 11.08 5.53
C ARG A 68 -0.49 10.29 4.47
N TYR A 69 0.84 10.25 4.59
CA TYR A 69 1.67 9.53 3.63
C TYR A 69 2.34 8.33 4.28
N TRP A 70 1.73 7.83 5.35
CA TRP A 70 2.27 6.68 6.07
C TRP A 70 1.15 5.80 6.62
N HIS A 71 1.41 4.50 6.68
CA HIS A 71 0.42 3.56 7.19
C HIS A 71 1.09 2.28 7.67
N SER A 72 0.51 1.67 8.71
CA SER A 72 1.06 0.44 9.27
C SER A 72 0.01 -0.68 9.25
N ILE A 73 0.26 -1.68 8.41
CA ILE A 73 -0.66 -2.81 8.29
C ILE A 73 -0.52 -3.76 9.48
N SER A 74 -1.61 -4.46 9.80
CA SER A 74 -1.61 -5.40 10.91
C SER A 74 -2.33 -6.68 10.54
N HIS A 75 -2.38 -7.62 11.48
CA HIS A 75 -3.05 -8.89 11.25
C HIS A 75 -2.41 -9.65 10.09
N LEU A 76 -1.07 -9.68 10.08
CA LEU A 76 -0.34 -10.37 9.03
C LEU A 76 0.31 -11.64 9.56
N GLN A 77 1.09 -12.30 8.70
CA GLN A 77 1.76 -13.53 9.09
C GLN A 77 3.24 -13.26 9.39
N PRO A 78 3.77 -13.97 10.41
CA PRO A 78 5.17 -13.82 10.82
C PRO A 78 6.14 -14.40 9.79
N GLU A 79 7.34 -13.83 9.74
CA GLU A 79 8.36 -14.29 8.80
C GLU A 79 7.72 -14.76 7.49
N THR A 80 6.76 -13.98 7.00
CA THR A 80 6.07 -14.31 5.76
C THR A 80 6.39 -13.31 4.66
N SER A 81 7.26 -13.70 3.73
CA SER A 81 7.65 -12.82 2.64
C SER A 81 6.55 -12.76 1.58
N TYR A 82 5.78 -11.68 1.59
CA TYR A 82 4.70 -11.48 0.65
C TYR A 82 4.78 -10.11 -0.02
N ASP A 83 4.27 -10.02 -1.25
CA ASP A 83 4.29 -8.77 -1.99
C ASP A 83 3.33 -7.75 -1.35
N ILE A 84 3.69 -6.48 -1.46
CA ILE A 84 2.88 -5.41 -0.89
C ILE A 84 2.83 -4.20 -1.83
N LYS A 85 1.64 -3.68 -2.05
CA LYS A 85 1.46 -2.52 -2.92
C LYS A 85 0.31 -1.64 -2.42
N MET A 86 0.09 -0.53 -3.12
CA MET A 86 -0.98 0.40 -2.74
C MET A 86 -1.44 1.21 -3.95
N GLN A 87 -2.52 1.96 -3.78
CA GLN A 87 -3.06 2.78 -4.86
C GLN A 87 -3.90 3.93 -4.30
N CYS A 88 -3.80 5.10 -4.94
CA CYS A 88 -4.54 6.27 -4.50
C CYS A 88 -5.86 6.39 -5.26
N PHE A 89 -6.80 7.15 -4.70
CA PHE A 89 -8.10 7.35 -5.33
C PHE A 89 -8.64 8.74 -5.02
N ASN A 90 -9.60 9.18 -5.83
CA ASN A 90 -10.21 10.50 -5.65
C ASN A 90 -11.64 10.52 -6.17
N GLU A 91 -12.28 11.67 -6.06
CA GLU A 91 -13.66 11.82 -6.53
C GLU A 91 -13.83 11.28 -7.95
N GLY A 92 -12.79 11.45 -8.76
CA GLY A 92 -12.83 10.98 -10.12
C GLY A 92 -12.81 9.46 -10.22
N GLY A 93 -11.71 8.86 -9.78
CA GLY A 93 -11.58 7.41 -9.83
C GLY A 93 -10.29 6.92 -9.21
N GLU A 94 -10.06 5.62 -9.28
CA GLU A 94 -8.85 5.01 -8.72
C GLU A 94 -7.68 5.17 -9.69
N SER A 95 -6.49 5.38 -9.14
CA SER A 95 -5.29 5.56 -9.94
C SER A 95 -4.69 4.21 -10.31
N GLU A 96 -3.54 4.23 -10.98
CA GLU A 96 -2.86 3.01 -11.40
C GLU A 96 -2.37 2.22 -10.17
N PHE A 97 -1.97 0.98 -10.41
CA PHE A 97 -1.49 0.12 -9.34
C PHE A 97 -0.01 0.41 -9.03
N SER A 98 0.25 0.85 -7.81
CA SER A 98 1.61 1.17 -7.39
C SER A 98 2.55 -0.02 -7.63
N ASN A 99 3.84 0.19 -7.41
CA ASN A 99 4.83 -0.86 -7.59
C ASN A 99 4.62 -1.98 -6.58
N VAL A 100 5.41 -3.05 -6.72
CA VAL A 100 5.32 -4.19 -5.82
C VAL A 100 6.54 -4.27 -4.92
N MET A 101 6.33 -4.01 -3.63
CA MET A 101 7.42 -4.06 -2.65
C MET A 101 7.33 -5.33 -1.80
N ILE A 102 8.46 -6.03 -1.68
CA ILE A 102 8.51 -7.25 -0.89
C ILE A 102 9.07 -6.99 0.50
N CYS A 103 8.18 -6.83 1.47
CA CYS A 103 8.58 -6.59 2.85
C CYS A 103 8.33 -7.81 3.72
N GLU A 104 9.41 -8.46 4.14
CA GLU A 104 9.31 -9.65 4.98
C GLU A 104 9.02 -9.27 6.43
N THR A 105 7.99 -9.88 7.00
CA THR A 105 7.61 -9.61 8.38
C THR A 105 8.66 -10.14 9.35
N LYS A 106 8.47 -9.85 10.64
CA LYS A 106 9.39 -10.29 11.68
C LYS A 106 9.11 -11.75 12.05
N ALA A 107 10.13 -12.42 12.59
CA ALA A 107 10.00 -13.81 12.99
C ALA A 107 9.25 -13.92 14.33
N ARG A 108 8.19 -14.72 14.33
CA ARG A 108 7.39 -14.91 15.53
C ARG A 108 8.23 -15.49 16.66
N SER A 109 8.85 -14.61 17.45
CA SER A 109 9.68 -15.04 18.56
C SER A 109 9.04 -14.68 19.89
N GLY A 110 9.25 -15.54 20.89
CA GLY A 110 8.68 -15.30 22.21
C GLY A 110 9.64 -15.64 23.33
N PRO A 111 9.16 -15.55 24.58
CA PRO A 111 9.97 -15.84 25.76
C PRO A 111 10.30 -17.33 25.89
N SER A 112 9.84 -18.12 24.92
CA SER A 112 10.09 -19.56 24.92
C SER A 112 11.46 -19.88 25.51
N SER A 113 12.46 -19.10 25.10
CA SER A 113 13.83 -19.30 25.59
C SER A 113 14.07 -18.52 26.88
N GLY A 114 14.35 -19.25 27.96
CA GLY A 114 14.60 -18.62 29.23
C GLY A 114 14.11 -19.46 30.40
N GLY A 1 -9.64 18.76 -22.28
CA GLY A 1 -8.90 19.17 -23.46
C GLY A 1 -7.40 19.24 -23.22
N SER A 2 -6.87 20.45 -23.14
CA SER A 2 -5.44 20.65 -22.91
C SER A 2 -5.04 20.18 -21.52
N SER A 3 -4.26 19.11 -21.47
CA SER A 3 -3.80 18.55 -20.20
C SER A 3 -4.95 18.49 -19.19
N GLY A 4 -6.11 18.02 -19.64
CA GLY A 4 -7.26 17.92 -18.77
C GLY A 4 -7.67 16.49 -18.50
N SER A 5 -6.92 15.82 -17.62
CA SER A 5 -7.20 14.43 -17.28
C SER A 5 -7.96 14.34 -15.97
N SER A 6 -8.98 13.51 -15.93
CA SER A 6 -9.80 13.32 -14.73
C SER A 6 -9.16 12.29 -13.80
N GLY A 7 -9.11 12.62 -12.51
CA GLY A 7 -8.54 11.71 -11.54
C GLY A 7 -7.05 11.53 -11.73
N PRO A 8 -6.34 11.21 -10.63
CA PRO A 8 -4.89 11.00 -10.66
C PRO A 8 -4.50 9.73 -11.41
N VAL A 9 -3.35 9.76 -12.08
CA VAL A 9 -2.87 8.60 -12.83
C VAL A 9 -1.46 8.23 -12.40
N ALA A 10 -0.63 9.24 -12.16
CA ALA A 10 0.74 9.03 -11.75
C ALA A 10 0.83 8.03 -10.59
N GLY A 11 -0.19 8.05 -9.73
CA GLY A 11 -0.20 7.15 -8.59
C GLY A 11 1.01 7.30 -7.71
N PRO A 12 0.84 7.00 -6.41
CA PRO A 12 1.93 7.10 -5.43
C PRO A 12 3.00 6.03 -5.63
N TYR A 13 4.16 6.24 -5.05
CA TYR A 13 5.27 5.29 -5.17
C TYR A 13 5.90 5.01 -3.81
N ILE A 14 5.83 3.75 -3.38
CA ILE A 14 6.39 3.35 -2.10
C ILE A 14 7.92 3.43 -2.12
N THR A 15 8.47 4.21 -1.19
CA THR A 15 9.91 4.38 -1.09
C THR A 15 10.43 3.92 0.26
N PHE A 16 9.56 3.29 1.05
CA PHE A 16 9.93 2.80 2.37
C PHE A 16 9.12 1.57 2.74
N THR A 17 9.83 0.49 3.07
CA THR A 17 9.18 -0.77 3.44
C THR A 17 9.96 -1.49 4.53
N ASP A 18 9.39 -1.53 5.73
CA ASP A 18 10.04 -2.20 6.86
C ASP A 18 9.01 -2.83 7.78
N ALA A 19 9.27 -4.06 8.21
CA ALA A 19 8.37 -4.77 9.09
C ALA A 19 8.51 -4.28 10.53
N VAL A 20 7.44 -3.68 11.05
CA VAL A 20 7.44 -3.16 12.41
C VAL A 20 7.38 -4.29 13.43
N ASN A 21 6.86 -5.44 13.00
CA ASN A 21 6.75 -6.60 13.88
C ASN A 21 6.43 -7.85 13.07
N GLU A 22 6.34 -8.99 13.77
CA GLU A 22 6.04 -10.26 13.11
C GLU A 22 4.64 -10.25 12.50
N THR A 23 3.83 -9.29 12.93
CA THR A 23 2.47 -9.16 12.42
C THR A 23 2.14 -7.72 12.07
N THR A 24 3.18 -6.90 11.92
CA THR A 24 3.01 -5.50 11.57
C THR A 24 4.04 -5.05 10.54
N ILE A 25 3.63 -4.15 9.65
CA ILE A 25 4.52 -3.65 8.61
C ILE A 25 4.29 -2.16 8.38
N MET A 26 5.38 -1.40 8.32
CA MET A 26 5.30 0.04 8.10
C MET A 26 5.77 0.40 6.69
N LEU A 27 4.88 1.03 5.92
CA LEU A 27 5.22 1.43 4.56
C LEU A 27 4.82 2.88 4.31
N LYS A 28 5.71 3.63 3.67
CA LYS A 28 5.46 5.03 3.37
C LYS A 28 5.54 5.28 1.87
N TRP A 29 4.63 6.09 1.35
CA TRP A 29 4.60 6.42 -0.07
C TRP A 29 4.94 7.90 -0.30
N MET A 30 5.26 8.23 -1.54
CA MET A 30 5.59 9.62 -1.89
C MET A 30 4.67 10.14 -2.99
N TYR A 31 4.67 11.45 -3.18
CA TYR A 31 3.83 12.08 -4.20
C TYR A 31 4.63 13.07 -5.02
N ILE A 32 4.50 12.99 -6.34
CA ILE A 32 5.21 13.89 -7.24
C ILE A 32 4.24 14.82 -7.96
N PRO A 33 4.12 16.06 -7.45
CA PRO A 33 3.22 17.07 -8.02
C PRO A 33 3.72 17.57 -9.37
N ALA A 34 4.98 17.27 -9.69
CA ALA A 34 5.58 17.69 -10.95
C ALA A 34 4.73 17.24 -12.13
N SER A 35 4.62 15.93 -12.31
CA SER A 35 3.84 15.36 -13.41
C SER A 35 2.42 15.04 -12.96
N ASN A 36 1.86 15.90 -12.11
CA ASN A 36 0.51 15.71 -11.60
C ASN A 36 -0.43 16.79 -12.12
N ASN A 37 -1.73 16.50 -12.12
CA ASN A 37 -2.73 17.45 -12.59
C ASN A 37 -3.28 18.28 -11.43
N ASN A 38 -2.43 18.55 -10.43
CA ASN A 38 -2.84 19.32 -9.28
C ASN A 38 -4.28 19.02 -8.89
N THR A 39 -4.63 17.74 -8.89
CA THR A 39 -5.98 17.31 -8.54
C THR A 39 -6.03 16.78 -7.11
N PRO A 40 -7.13 17.11 -6.40
CA PRO A 40 -7.33 16.67 -5.02
C PRO A 40 -7.58 15.18 -4.91
N ILE A 41 -6.92 14.53 -3.95
CA ILE A 41 -7.10 13.10 -3.75
C ILE A 41 -8.00 12.81 -2.55
N HIS A 42 -8.89 11.83 -2.71
CA HIS A 42 -9.82 11.47 -1.65
C HIS A 42 -9.07 10.84 -0.47
N GLY A 43 -8.14 9.95 -0.77
CA GLY A 43 -7.36 9.29 0.27
C GLY A 43 -6.25 8.44 -0.28
N PHE A 44 -5.97 7.32 0.38
CA PHE A 44 -4.91 6.41 -0.06
C PHE A 44 -5.28 4.96 0.25
N TYR A 45 -5.36 4.15 -0.81
CA TYR A 45 -5.71 2.74 -0.65
C TYR A 45 -4.45 1.87 -0.60
N ILE A 46 -4.45 0.91 0.31
CA ILE A 46 -3.31 0.00 0.46
C ILE A 46 -3.76 -1.45 0.45
N TYR A 47 -3.19 -2.23 -0.46
CA TYR A 47 -3.53 -3.64 -0.59
C TYR A 47 -2.40 -4.52 -0.04
N TYR A 48 -2.77 -5.67 0.51
CA TYR A 48 -1.80 -6.60 1.06
C TYR A 48 -2.36 -8.01 1.12
N ARG A 49 -1.50 -8.99 0.89
CA ARG A 49 -1.91 -10.39 0.90
C ARG A 49 -0.69 -11.31 0.94
N PRO A 50 -0.79 -12.40 1.74
CA PRO A 50 0.29 -13.37 1.87
C PRO A 50 0.49 -14.21 0.60
N THR A 51 1.73 -14.58 0.34
CA THR A 51 2.05 -15.38 -0.84
C THR A 51 1.22 -16.66 -0.88
N ASP A 52 0.72 -17.08 0.28
CA ASP A 52 -0.10 -18.28 0.38
C ASP A 52 -1.49 -18.03 -0.21
N SER A 53 -1.90 -16.77 -0.22
CA SER A 53 -3.21 -16.41 -0.75
C SER A 53 -3.48 -17.09 -2.09
N ASP A 54 -4.75 -17.34 -2.38
CA ASP A 54 -5.13 -17.99 -3.63
C ASP A 54 -4.75 -17.13 -4.83
N ASN A 55 -5.26 -15.90 -4.86
CA ASN A 55 -4.97 -14.98 -5.95
C ASN A 55 -5.24 -13.53 -5.52
N ASP A 56 -5.11 -12.61 -6.47
CA ASP A 56 -5.33 -11.20 -6.20
C ASP A 56 -6.64 -11.00 -5.44
N SER A 57 -7.65 -11.79 -5.78
CA SER A 57 -8.96 -11.70 -5.13
C SER A 57 -8.80 -11.55 -3.63
N ASP A 58 -7.66 -11.99 -3.11
CA ASP A 58 -7.39 -11.91 -1.68
C ASP A 58 -6.95 -10.50 -1.29
N TYR A 59 -6.13 -9.88 -2.12
CA TYR A 59 -5.64 -8.53 -1.86
C TYR A 59 -6.70 -7.70 -1.17
N LYS A 60 -6.37 -7.19 0.02
CA LYS A 60 -7.31 -6.37 0.78
C LYS A 60 -7.19 -4.91 0.39
N LYS A 61 -7.92 -4.04 1.09
CA LYS A 61 -7.89 -2.61 0.82
C LYS A 61 -8.05 -1.81 2.10
N ASP A 62 -7.09 -0.92 2.37
CA ASP A 62 -7.13 -0.09 3.57
C ASP A 62 -7.10 1.40 3.19
N MET A 63 -8.21 2.08 3.44
CA MET A 63 -8.31 3.50 3.14
C MET A 63 -7.53 4.34 4.14
N VAL A 64 -6.82 5.34 3.66
CA VAL A 64 -6.03 6.22 4.52
C VAL A 64 -6.18 7.68 4.12
N GLU A 65 -6.22 8.56 5.11
CA GLU A 65 -6.37 9.99 4.86
C GLU A 65 -5.54 10.41 3.66
N GLY A 66 -6.01 11.43 2.94
CA GLY A 66 -5.28 11.92 1.79
C GLY A 66 -4.02 12.66 2.15
N ASP A 67 -3.98 13.22 3.36
CA ASP A 67 -2.82 13.96 3.84
C ASP A 67 -1.84 13.03 4.54
N ARG A 68 -2.21 11.75 4.64
CA ARG A 68 -1.37 10.76 5.31
C ARG A 68 -0.46 10.07 4.29
N TYR A 69 0.83 10.04 4.59
CA TYR A 69 1.81 9.40 3.71
C TYR A 69 2.45 8.19 4.38
N TRP A 70 1.85 7.75 5.49
CA TRP A 70 2.37 6.61 6.22
C TRP A 70 1.23 5.75 6.76
N HIS A 71 1.46 4.45 6.85
CA HIS A 71 0.46 3.52 7.33
C HIS A 71 1.11 2.23 7.84
N SER A 72 0.71 1.81 9.04
CA SER A 72 1.26 0.60 9.64
C SER A 72 0.24 -0.54 9.59
N ILE A 73 0.45 -1.49 8.70
CA ILE A 73 -0.44 -2.62 8.55
C ILE A 73 -0.28 -3.61 9.71
N SER A 74 -1.38 -4.24 10.10
CA SER A 74 -1.36 -5.20 11.20
C SER A 74 -2.09 -6.49 10.82
N HIS A 75 -2.16 -7.42 11.76
CA HIS A 75 -2.84 -8.69 11.51
C HIS A 75 -2.25 -9.40 10.29
N LEU A 76 -0.93 -9.54 10.27
CA LEU A 76 -0.25 -10.19 9.17
C LEU A 76 0.37 -11.52 9.60
N GLN A 77 1.08 -12.16 8.69
CA GLN A 77 1.72 -13.45 8.98
C GLN A 77 3.19 -13.25 9.34
N PRO A 78 3.66 -14.02 10.33
CA PRO A 78 5.05 -13.95 10.79
C PRO A 78 6.03 -14.52 9.76
N GLU A 79 7.23 -13.96 9.73
CA GLU A 79 8.25 -14.41 8.78
C GLU A 79 7.62 -14.85 7.48
N THR A 80 6.66 -14.07 7.00
CA THR A 80 5.97 -14.38 5.74
C THR A 80 6.30 -13.35 4.67
N SER A 81 7.19 -13.73 3.75
CA SER A 81 7.59 -12.85 2.67
C SER A 81 6.51 -12.76 1.60
N TYR A 82 5.74 -11.68 1.62
CA TYR A 82 4.68 -11.47 0.65
C TYR A 82 4.79 -10.11 -0.02
N ASP A 83 4.23 -9.99 -1.22
CA ASP A 83 4.26 -8.74 -1.97
C ASP A 83 3.31 -7.71 -1.35
N ILE A 84 3.63 -6.44 -1.55
CA ILE A 84 2.80 -5.36 -1.02
C ILE A 84 2.74 -4.19 -1.99
N LYS A 85 1.53 -3.72 -2.26
CA LYS A 85 1.32 -2.60 -3.18
C LYS A 85 0.18 -1.71 -2.70
N MET A 86 0.11 -0.50 -3.25
CA MET A 86 -0.94 0.45 -2.89
C MET A 86 -1.35 1.29 -4.08
N GLN A 87 -2.34 2.15 -3.89
CA GLN A 87 -2.83 3.02 -4.95
C GLN A 87 -3.73 4.12 -4.39
N CYS A 88 -3.66 5.30 -4.99
CA CYS A 88 -4.46 6.43 -4.55
C CYS A 88 -5.66 6.65 -5.48
N PHE A 89 -6.71 7.25 -4.94
CA PHE A 89 -7.92 7.51 -5.71
C PHE A 89 -8.48 8.89 -5.40
N ASN A 90 -9.52 9.28 -6.13
CA ASN A 90 -10.16 10.58 -5.93
C ASN A 90 -11.43 10.69 -6.75
N GLU A 91 -12.21 11.73 -6.48
CA GLU A 91 -13.46 11.95 -7.19
C GLU A 91 -13.33 11.55 -8.67
N GLY A 92 -12.18 11.84 -9.25
CA GLY A 92 -11.95 11.50 -10.64
C GLY A 92 -11.93 10.01 -10.88
N GLY A 93 -11.23 9.28 -10.01
CA GLY A 93 -11.15 7.85 -10.16
C GLY A 93 -9.91 7.26 -9.50
N GLU A 94 -9.62 6.00 -9.78
CA GLU A 94 -8.46 5.33 -9.21
C GLU A 94 -7.23 5.55 -10.08
N SER A 95 -6.06 5.52 -9.45
CA SER A 95 -4.81 5.71 -10.16
C SER A 95 -4.16 4.38 -10.51
N GLU A 96 -2.95 4.44 -11.07
CA GLU A 96 -2.23 3.22 -11.44
C GLU A 96 -1.80 2.44 -10.20
N PHE A 97 -1.50 1.16 -10.40
CA PHE A 97 -1.08 0.31 -9.30
C PHE A 97 0.39 0.54 -8.94
N SER A 98 0.63 1.05 -7.73
CA SER A 98 1.98 1.33 -7.28
C SER A 98 2.89 0.12 -7.46
N ASN A 99 4.19 0.35 -7.38
CA ASN A 99 5.17 -0.73 -7.54
C ASN A 99 4.96 -1.81 -6.47
N VAL A 100 5.53 -2.99 -6.72
CA VAL A 100 5.42 -4.09 -5.79
C VAL A 100 6.62 -4.14 -4.85
N MET A 101 6.38 -3.88 -3.57
CA MET A 101 7.44 -3.90 -2.57
C MET A 101 7.34 -5.15 -1.70
N ILE A 102 8.40 -5.95 -1.70
CA ILE A 102 8.44 -7.17 -0.91
C ILE A 102 8.99 -6.91 0.49
N CYS A 103 8.09 -6.81 1.46
CA CYS A 103 8.48 -6.56 2.84
C CYS A 103 8.27 -7.80 3.70
N GLU A 104 9.36 -8.44 4.10
CA GLU A 104 9.28 -9.64 4.92
C GLU A 104 9.03 -9.28 6.39
N THR A 105 8.02 -9.91 6.98
CA THR A 105 7.68 -9.66 8.38
C THR A 105 8.73 -10.23 9.31
N LYS A 106 8.52 -10.05 10.61
CA LYS A 106 9.45 -10.55 11.61
C LYS A 106 9.13 -11.99 11.99
N ALA A 107 10.15 -12.73 12.43
CA ALA A 107 9.97 -14.12 12.82
C ALA A 107 9.31 -14.23 14.18
N ARG A 108 8.30 -15.09 14.29
CA ARG A 108 7.59 -15.29 15.54
C ARG A 108 8.41 -16.11 16.52
N SER A 109 9.37 -15.45 17.16
CA SER A 109 10.24 -16.13 18.13
C SER A 109 10.10 -15.52 19.52
N GLY A 110 10.08 -16.37 20.54
CA GLY A 110 9.94 -15.90 21.90
C GLY A 110 8.57 -15.30 22.17
N PRO A 111 8.18 -15.27 23.46
CA PRO A 111 6.89 -14.72 23.87
C PRO A 111 6.82 -13.21 23.71
N SER A 112 5.76 -12.74 23.05
CA SER A 112 5.58 -11.31 22.84
C SER A 112 5.40 -10.56 24.15
N SER A 113 6.38 -9.72 24.49
CA SER A 113 6.33 -8.96 25.73
C SER A 113 7.07 -7.64 25.58
N GLY A 114 6.32 -6.53 25.56
CA GLY A 114 6.92 -5.23 25.41
C GLY A 114 6.02 -4.12 25.95
N GLY A 1 -21.77 10.75 -23.21
CA GLY A 1 -21.69 9.46 -22.54
C GLY A 1 -21.74 9.58 -21.04
N SER A 2 -21.01 8.72 -20.34
CA SER A 2 -20.99 8.73 -18.89
C SER A 2 -19.56 8.87 -18.37
N SER A 3 -18.78 9.73 -19.01
CA SER A 3 -17.39 9.95 -18.62
C SER A 3 -17.10 11.45 -18.48
N GLY A 4 -16.01 11.77 -17.80
CA GLY A 4 -15.64 13.16 -17.61
C GLY A 4 -14.14 13.35 -17.49
N SER A 5 -13.73 14.31 -16.68
CA SER A 5 -12.31 14.60 -16.49
C SER A 5 -11.53 13.32 -16.17
N SER A 6 -10.21 13.44 -16.11
CA SER A 6 -9.36 12.30 -15.82
C SER A 6 -8.65 12.48 -14.48
N GLY A 7 -9.09 11.71 -13.48
CA GLY A 7 -8.49 11.80 -12.15
C GLY A 7 -6.99 11.54 -12.18
N PRO A 8 -6.42 11.24 -11.01
CA PRO A 8 -4.99 10.97 -10.87
C PRO A 8 -4.59 9.64 -11.51
N VAL A 9 -3.42 9.62 -12.13
CA VAL A 9 -2.91 8.42 -12.79
C VAL A 9 -1.49 8.11 -12.35
N ALA A 10 -0.69 9.16 -12.16
CA ALA A 10 0.69 8.99 -11.74
C ALA A 10 0.81 7.96 -10.62
N GLY A 11 -0.15 7.99 -9.69
CA GLY A 11 -0.14 7.06 -8.58
C GLY A 11 1.11 7.18 -7.73
N PRO A 12 0.97 6.91 -6.42
CA PRO A 12 2.08 6.99 -5.47
C PRO A 12 3.12 5.89 -5.70
N TYR A 13 4.31 6.08 -5.14
CA TYR A 13 5.39 5.10 -5.29
C TYR A 13 6.08 4.86 -3.95
N ILE A 14 5.97 3.63 -3.45
CA ILE A 14 6.58 3.27 -2.18
C ILE A 14 8.11 3.37 -2.26
N THR A 15 8.69 4.09 -1.31
CA THR A 15 10.14 4.26 -1.27
C THR A 15 10.72 3.75 0.05
N PHE A 16 9.85 3.29 0.93
CA PHE A 16 10.27 2.76 2.22
C PHE A 16 9.36 1.62 2.67
N THR A 17 9.98 0.49 3.03
CA THR A 17 9.23 -0.67 3.48
C THR A 17 9.97 -1.41 4.59
N ASP A 18 9.42 -1.35 5.80
CA ASP A 18 10.03 -2.01 6.95
C ASP A 18 8.96 -2.65 7.84
N ALA A 19 9.25 -3.84 8.33
CA ALA A 19 8.32 -4.56 9.19
C ALA A 19 8.41 -4.07 10.64
N VAL A 20 7.32 -3.49 11.13
CA VAL A 20 7.28 -2.97 12.49
C VAL A 20 7.20 -4.11 13.50
N ASN A 21 6.65 -5.24 13.08
CA ASN A 21 6.53 -6.40 13.95
C ASN A 21 6.24 -7.65 13.15
N GLU A 22 6.09 -8.78 13.85
CA GLU A 22 5.82 -10.05 13.19
C GLU A 22 4.41 -10.06 12.60
N THR A 23 3.58 -9.12 13.03
CA THR A 23 2.21 -9.02 12.56
C THR A 23 1.88 -7.60 12.13
N THR A 24 2.91 -6.77 12.01
CA THR A 24 2.72 -5.38 11.61
C THR A 24 3.78 -4.95 10.61
N ILE A 25 3.41 -4.03 9.72
CA ILE A 25 4.34 -3.55 8.70
C ILE A 25 4.10 -2.06 8.42
N MET A 26 5.18 -1.30 8.37
CA MET A 26 5.10 0.13 8.12
C MET A 26 5.71 0.48 6.76
N LEU A 27 4.92 1.10 5.89
CA LEU A 27 5.39 1.49 4.57
C LEU A 27 5.06 2.95 4.28
N LYS A 28 6.00 3.65 3.65
CA LYS A 28 5.81 5.05 3.31
C LYS A 28 5.85 5.25 1.80
N TRP A 29 4.92 6.06 1.30
CA TRP A 29 4.85 6.34 -0.14
C TRP A 29 5.09 7.82 -0.42
N MET A 30 5.50 8.13 -1.64
CA MET A 30 5.76 9.50 -2.04
C MET A 30 4.81 9.93 -3.16
N TYR A 31 4.74 11.24 -3.38
CA TYR A 31 3.87 11.78 -4.43
C TYR A 31 4.63 12.77 -5.30
N ILE A 32 4.46 12.64 -6.61
CA ILE A 32 5.13 13.52 -7.56
C ILE A 32 4.13 14.47 -8.23
N PRO A 33 4.18 15.75 -7.84
CA PRO A 33 3.30 16.78 -8.39
C PRO A 33 3.61 17.11 -9.84
N ALA A 34 4.82 16.78 -10.28
CA ALA A 34 5.24 17.03 -11.65
C ALA A 34 4.20 16.52 -12.65
N SER A 35 4.14 15.20 -12.80
CA SER A 35 3.19 14.59 -13.73
C SER A 35 1.82 14.43 -13.08
N ASN A 36 1.36 15.48 -12.41
CA ASN A 36 0.07 15.45 -11.73
C ASN A 36 -0.87 16.50 -12.33
N ASN A 37 -2.17 16.28 -12.16
CA ASN A 37 -3.17 17.20 -12.69
C ASN A 37 -3.66 18.15 -11.60
N ASN A 38 -2.84 18.33 -10.57
CA ASN A 38 -3.18 19.22 -9.46
C ASN A 38 -4.59 18.92 -8.94
N THR A 39 -4.89 17.64 -8.77
CA THR A 39 -6.20 17.23 -8.29
C THR A 39 -6.12 16.73 -6.84
N PRO A 40 -7.10 17.14 -6.03
CA PRO A 40 -7.16 16.75 -4.61
C PRO A 40 -7.49 15.27 -4.43
N ILE A 41 -6.77 14.61 -3.54
CA ILE A 41 -6.99 13.20 -3.26
C ILE A 41 -7.82 13.00 -2.00
N HIS A 42 -8.72 12.03 -2.03
CA HIS A 42 -9.57 11.73 -0.89
C HIS A 42 -8.79 10.97 0.19
N GLY A 43 -7.99 10.01 -0.24
CA GLY A 43 -7.21 9.22 0.70
C GLY A 43 -6.16 8.37 0.01
N PHE A 44 -5.87 7.21 0.58
CA PHE A 44 -4.88 6.30 0.01
C PHE A 44 -5.22 4.85 0.33
N TYR A 45 -5.31 4.03 -0.71
CA TYR A 45 -5.63 2.62 -0.54
C TYR A 45 -4.37 1.76 -0.53
N ILE A 46 -4.35 0.76 0.33
CA ILE A 46 -3.20 -0.13 0.43
C ILE A 46 -3.63 -1.60 0.38
N TYR A 47 -3.18 -2.30 -0.66
CA TYR A 47 -3.52 -3.71 -0.83
C TYR A 47 -2.37 -4.60 -0.37
N TYR A 48 -2.71 -5.81 0.08
CA TYR A 48 -1.72 -6.76 0.56
C TYR A 48 -2.27 -8.17 0.54
N ARG A 49 -1.40 -9.15 0.26
CA ARG A 49 -1.79 -10.55 0.22
C ARG A 49 -0.57 -11.47 0.30
N PRO A 50 -0.74 -12.60 1.00
CA PRO A 50 0.33 -13.58 1.17
C PRO A 50 0.68 -14.30 -0.13
N THR A 51 1.96 -14.65 -0.29
CA THR A 51 2.41 -15.34 -1.49
C THR A 51 1.59 -16.59 -1.75
N ASP A 52 1.06 -17.18 -0.68
CA ASP A 52 0.25 -18.39 -0.79
C ASP A 52 -1.07 -18.08 -1.50
N SER A 53 -1.57 -16.86 -1.33
CA SER A 53 -2.83 -16.46 -1.95
C SER A 53 -2.98 -17.09 -3.32
N ASP A 54 -4.23 -17.32 -3.72
CA ASP A 54 -4.52 -17.92 -5.02
C ASP A 54 -4.49 -16.87 -6.13
N ASN A 55 -5.29 -15.82 -5.96
CA ASN A 55 -5.36 -14.75 -6.95
C ASN A 55 -5.68 -13.42 -6.28
N ASP A 56 -5.67 -12.35 -7.07
CA ASP A 56 -5.96 -11.01 -6.56
C ASP A 56 -7.19 -11.03 -5.65
N SER A 57 -8.03 -12.05 -5.83
CA SER A 57 -9.25 -12.19 -5.03
C SER A 57 -8.94 -12.06 -3.55
N ASP A 58 -7.67 -12.23 -3.20
CA ASP A 58 -7.24 -12.13 -1.80
C ASP A 58 -6.84 -10.70 -1.46
N TYR A 59 -6.11 -10.06 -2.36
CA TYR A 59 -5.66 -8.68 -2.15
C TYR A 59 -6.70 -7.89 -1.38
N LYS A 60 -6.30 -7.35 -0.24
CA LYS A 60 -7.20 -6.54 0.60
C LYS A 60 -7.09 -5.06 0.24
N LYS A 61 -7.80 -4.23 0.99
CA LYS A 61 -7.79 -2.80 0.76
C LYS A 61 -7.88 -2.03 2.08
N ASP A 62 -6.96 -1.09 2.28
CA ASP A 62 -6.94 -0.28 3.50
C ASP A 62 -6.93 1.20 3.16
N MET A 63 -8.02 1.89 3.48
CA MET A 63 -8.12 3.32 3.23
C MET A 63 -7.32 4.12 4.23
N VAL A 64 -6.65 5.18 3.76
CA VAL A 64 -5.84 6.03 4.62
C VAL A 64 -6.07 7.50 4.31
N GLU A 65 -5.89 8.35 5.31
CA GLU A 65 -6.08 9.78 5.16
C GLU A 65 -5.31 10.29 3.93
N GLY A 66 -5.87 11.30 3.27
CA GLY A 66 -5.23 11.86 2.09
C GLY A 66 -3.98 12.63 2.44
N ASP A 67 -3.96 13.25 3.62
CA ASP A 67 -2.81 14.03 4.06
C ASP A 67 -1.72 13.12 4.62
N ARG A 68 -2.11 11.90 4.97
CA ARG A 68 -1.16 10.93 5.52
C ARG A 68 -0.39 10.23 4.42
N TYR A 69 0.93 10.15 4.56
CA TYR A 69 1.78 9.51 3.57
C TYR A 69 2.42 8.25 4.14
N TRP A 70 1.90 7.79 5.27
CA TRP A 70 2.41 6.59 5.92
C TRP A 70 1.28 5.77 6.55
N HIS A 71 1.45 4.46 6.59
CA HIS A 71 0.46 3.57 7.17
C HIS A 71 1.10 2.29 7.69
N SER A 72 0.56 1.77 8.79
CA SER A 72 1.08 0.56 9.39
C SER A 72 0.04 -0.56 9.34
N ILE A 73 0.27 -1.52 8.45
CA ILE A 73 -0.64 -2.65 8.30
C ILE A 73 -0.55 -3.59 9.49
N SER A 74 -1.67 -4.25 9.81
CA SER A 74 -1.71 -5.19 10.93
C SER A 74 -2.45 -6.47 10.54
N HIS A 75 -2.50 -7.42 11.47
CA HIS A 75 -3.17 -8.69 11.22
C HIS A 75 -2.53 -9.42 10.05
N LEU A 76 -1.21 -9.50 10.05
CA LEU A 76 -0.47 -10.18 8.99
C LEU A 76 0.19 -11.46 9.51
N GLN A 77 0.91 -12.14 8.64
CA GLN A 77 1.59 -13.39 9.01
C GLN A 77 3.06 -13.13 9.32
N PRO A 78 3.56 -13.79 10.37
CA PRO A 78 4.96 -13.65 10.80
C PRO A 78 5.93 -14.28 9.81
N GLU A 79 7.17 -13.76 9.80
CA GLU A 79 8.19 -14.27 8.89
C GLU A 79 7.58 -14.72 7.57
N THR A 80 6.59 -13.97 7.09
CA THR A 80 5.91 -14.30 5.83
C THR A 80 6.25 -13.29 4.75
N SER A 81 7.11 -13.69 3.82
CA SER A 81 7.52 -12.80 2.73
C SER A 81 6.43 -12.72 1.66
N TYR A 82 5.75 -11.58 1.63
CA TYR A 82 4.67 -11.37 0.66
C TYR A 82 4.80 -10.00 0.00
N ASP A 83 4.24 -9.87 -1.20
CA ASP A 83 4.28 -8.62 -1.93
C ASP A 83 3.29 -7.61 -1.35
N ILE A 84 3.61 -6.32 -1.51
CA ILE A 84 2.74 -5.26 -1.00
C ILE A 84 2.69 -4.08 -1.96
N LYS A 85 1.49 -3.56 -2.18
CA LYS A 85 1.31 -2.43 -3.08
C LYS A 85 0.20 -1.50 -2.57
N MET A 86 0.01 -0.38 -3.26
CA MET A 86 -1.02 0.57 -2.87
C MET A 86 -1.47 1.40 -4.08
N GLN A 87 -2.45 2.27 -3.86
CA GLN A 87 -2.97 3.12 -4.93
C GLN A 87 -3.83 4.24 -4.36
N CYS A 88 -3.77 5.41 -4.99
CA CYS A 88 -4.55 6.55 -4.55
C CYS A 88 -5.89 6.62 -5.29
N PHE A 89 -6.88 7.22 -4.66
CA PHE A 89 -8.21 7.36 -5.25
C PHE A 89 -8.93 8.58 -4.71
N ASN A 90 -9.84 9.13 -5.50
CA ASN A 90 -10.60 10.31 -5.10
C ASN A 90 -11.73 10.60 -6.09
N GLU A 91 -12.46 11.67 -5.85
CA GLU A 91 -13.57 12.06 -6.71
C GLU A 91 -13.20 11.88 -8.18
N GLY A 92 -11.92 12.13 -8.50
CA GLY A 92 -11.46 11.99 -9.86
C GLY A 92 -11.56 10.57 -10.37
N GLY A 93 -11.08 9.62 -9.58
CA GLY A 93 -11.12 8.22 -9.98
C GLY A 93 -9.87 7.46 -9.58
N GLU A 94 -10.04 6.21 -9.19
CA GLU A 94 -8.92 5.37 -8.78
C GLU A 94 -7.72 5.59 -9.70
N SER A 95 -6.53 5.66 -9.11
CA SER A 95 -5.31 5.87 -9.87
C SER A 95 -4.64 4.53 -10.20
N GLU A 96 -3.52 4.60 -10.91
CA GLU A 96 -2.78 3.40 -11.30
C GLU A 96 -2.24 2.69 -10.06
N PHE A 97 -1.87 1.42 -10.23
CA PHE A 97 -1.32 0.63 -9.13
C PHE A 97 0.17 0.88 -8.97
N SER A 98 0.56 1.40 -7.81
CA SER A 98 1.96 1.69 -7.54
C SER A 98 2.82 0.46 -7.75
N ASN A 99 4.11 0.57 -7.43
CA ASN A 99 5.04 -0.54 -7.59
C ASN A 99 4.81 -1.60 -6.52
N VAL A 100 5.48 -2.74 -6.67
CA VAL A 100 5.34 -3.83 -5.72
C VAL A 100 6.55 -3.91 -4.79
N MET A 101 6.31 -3.83 -3.50
CA MET A 101 7.38 -3.89 -2.51
C MET A 101 7.27 -5.15 -1.66
N ILE A 102 8.36 -5.91 -1.59
CA ILE A 102 8.38 -7.15 -0.82
C ILE A 102 8.97 -6.92 0.56
N CYS A 103 8.11 -6.77 1.55
CA CYS A 103 8.54 -6.54 2.93
C CYS A 103 8.29 -7.79 3.79
N GLU A 104 9.37 -8.44 4.21
CA GLU A 104 9.27 -9.63 5.03
C GLU A 104 8.97 -9.26 6.48
N THR A 105 7.90 -9.84 7.03
CA THR A 105 7.52 -9.57 8.42
C THR A 105 8.54 -10.14 9.39
N LYS A 106 8.36 -9.85 10.68
CA LYS A 106 9.26 -10.32 11.71
C LYS A 106 8.94 -11.77 12.10
N ALA A 107 9.95 -12.48 12.59
CA ALA A 107 9.76 -13.87 13.00
C ALA A 107 9.12 -13.95 14.39
N ARG A 108 8.05 -14.73 14.50
CA ARG A 108 7.35 -14.89 15.76
C ARG A 108 8.24 -15.56 16.80
N SER A 109 8.41 -14.90 17.94
CA SER A 109 9.24 -15.42 19.02
C SER A 109 8.44 -15.59 20.30
N GLY A 110 8.39 -16.81 20.82
CA GLY A 110 7.66 -17.08 22.05
C GLY A 110 7.25 -18.53 22.17
N PRO A 111 6.49 -18.85 23.22
CA PRO A 111 6.01 -20.21 23.48
C PRO A 111 4.96 -20.66 22.47
N SER A 112 4.68 -21.97 22.45
CA SER A 112 3.71 -22.52 21.52
C SER A 112 2.30 -22.48 22.13
N SER A 113 2.17 -23.07 23.32
CA SER A 113 0.88 -23.12 24.01
C SER A 113 1.08 -23.20 25.51
N GLY A 114 0.11 -22.70 26.26
CA GLY A 114 0.19 -22.73 27.71
C GLY A 114 0.43 -21.35 28.31
N GLY A 1 -8.91 8.74 -28.40
CA GLY A 1 -8.20 9.52 -27.42
C GLY A 1 -9.04 9.82 -26.19
N SER A 2 -8.38 10.30 -25.13
CA SER A 2 -9.08 10.61 -23.88
C SER A 2 -9.57 12.05 -23.88
N SER A 3 -10.78 12.27 -23.38
CA SER A 3 -11.36 13.60 -23.33
C SER A 3 -12.45 13.67 -22.25
N GLY A 4 -12.15 14.37 -21.16
CA GLY A 4 -13.11 14.51 -20.09
C GLY A 4 -12.45 14.68 -18.74
N SER A 5 -12.73 13.77 -17.82
CA SER A 5 -12.16 13.82 -16.48
C SER A 5 -10.75 13.21 -16.46
N SER A 6 -9.81 13.95 -15.89
CA SER A 6 -8.43 13.48 -15.81
C SER A 6 -7.98 13.36 -14.35
N GLY A 7 -8.20 12.18 -13.77
CA GLY A 7 -7.81 11.94 -12.39
C GLY A 7 -6.33 11.70 -12.24
N PRO A 8 -5.88 11.53 -10.99
CA PRO A 8 -4.47 11.28 -10.68
C PRO A 8 -4.01 9.89 -11.14
N VAL A 9 -3.25 9.86 -12.23
CA VAL A 9 -2.74 8.60 -12.77
C VAL A 9 -1.35 8.30 -12.24
N ALA A 10 -0.50 9.33 -12.22
CA ALA A 10 0.88 9.17 -11.74
C ALA A 10 0.95 8.14 -10.62
N GLY A 11 -0.07 8.13 -9.76
CA GLY A 11 -0.09 7.19 -8.65
C GLY A 11 1.11 7.32 -7.75
N PRO A 12 0.95 6.94 -6.47
CA PRO A 12 2.02 7.01 -5.48
C PRO A 12 3.12 5.99 -5.75
N TYR A 13 4.28 6.20 -5.12
CA TYR A 13 5.42 5.30 -5.29
C TYR A 13 6.07 4.99 -3.95
N ILE A 14 5.93 3.75 -3.50
CA ILE A 14 6.50 3.32 -2.24
C ILE A 14 8.03 3.35 -2.29
N THR A 15 8.62 4.16 -1.42
CA THR A 15 10.08 4.28 -1.36
C THR A 15 10.61 3.88 0.01
N PHE A 16 9.78 3.21 0.79
CA PHE A 16 10.16 2.76 2.13
C PHE A 16 9.30 1.58 2.57
N THR A 17 9.96 0.49 2.97
CA THR A 17 9.26 -0.70 3.43
C THR A 17 10.01 -1.39 4.56
N ASP A 18 9.44 -1.35 5.76
CA ASP A 18 10.07 -1.96 6.92
C ASP A 18 9.01 -2.60 7.82
N ALA A 19 9.30 -3.82 8.29
CA ALA A 19 8.38 -4.53 9.16
C ALA A 19 8.46 -4.02 10.59
N VAL A 20 7.35 -3.48 11.09
CA VAL A 20 7.29 -2.94 12.44
C VAL A 20 7.22 -4.07 13.47
N ASN A 21 6.71 -5.22 13.04
CA ASN A 21 6.59 -6.38 13.93
C ASN A 21 6.34 -7.65 13.13
N GLU A 22 6.14 -8.76 13.84
CA GLU A 22 5.90 -10.04 13.19
C GLU A 22 4.52 -10.07 12.55
N THR A 23 3.63 -9.21 13.02
CA THR A 23 2.27 -9.13 12.49
C THR A 23 1.92 -7.71 12.07
N THR A 24 2.94 -6.87 11.96
CA THR A 24 2.74 -5.47 11.56
C THR A 24 3.81 -5.03 10.58
N ILE A 25 3.45 -4.12 9.68
CA ILE A 25 4.38 -3.61 8.68
C ILE A 25 4.17 -2.13 8.43
N MET A 26 5.25 -1.38 8.32
CA MET A 26 5.18 0.06 8.09
C MET A 26 5.80 0.42 6.73
N LEU A 27 5.01 1.07 5.89
CA LEU A 27 5.48 1.47 4.57
C LEU A 27 5.10 2.91 4.27
N LYS A 28 6.00 3.64 3.63
CA LYS A 28 5.76 5.04 3.27
C LYS A 28 5.77 5.23 1.75
N TRP A 29 4.83 6.02 1.26
CA TRP A 29 4.74 6.29 -0.17
C TRP A 29 4.99 7.77 -0.47
N MET A 30 5.43 8.04 -1.69
CA MET A 30 5.71 9.42 -2.10
C MET A 30 4.80 9.84 -3.25
N TYR A 31 4.63 11.15 -3.41
CA TYR A 31 3.78 11.69 -4.47
C TYR A 31 4.59 12.54 -5.44
N ILE A 32 4.25 12.43 -6.73
CA ILE A 32 4.94 13.19 -7.76
C ILE A 32 4.11 14.37 -8.23
N PRO A 33 4.37 15.55 -7.66
CA PRO A 33 3.66 16.78 -8.00
C PRO A 33 4.00 17.27 -9.40
N ALA A 34 5.14 16.82 -9.92
CA ALA A 34 5.57 17.22 -11.25
C ALA A 34 4.55 16.82 -12.31
N SER A 35 4.48 15.53 -12.59
CA SER A 35 3.54 15.02 -13.59
C SER A 35 2.15 14.82 -12.98
N ASN A 36 1.74 15.77 -12.15
CA ASN A 36 0.43 15.70 -11.51
C ASN A 36 -0.51 16.75 -12.09
N ASN A 37 -1.81 16.48 -12.00
CA ASN A 37 -2.83 17.39 -12.52
C ASN A 37 -3.32 18.34 -11.42
N ASN A 38 -2.53 18.48 -10.37
CA ASN A 38 -2.87 19.36 -9.26
C ASN A 38 -4.29 19.08 -8.77
N THR A 39 -4.62 17.80 -8.62
CA THR A 39 -5.94 17.39 -8.17
C THR A 39 -5.89 16.86 -6.73
N PRO A 40 -6.87 17.26 -5.93
CA PRO A 40 -6.97 16.84 -4.53
C PRO A 40 -7.33 15.37 -4.38
N ILE A 41 -6.70 14.71 -3.42
CA ILE A 41 -6.96 13.29 -3.18
C ILE A 41 -7.79 13.09 -1.91
N HIS A 42 -8.75 12.18 -1.99
CA HIS A 42 -9.62 11.88 -0.85
C HIS A 42 -8.87 11.10 0.23
N GLY A 43 -8.07 10.13 -0.22
CA GLY A 43 -7.30 9.32 0.71
C GLY A 43 -6.28 8.46 0.02
N PHE A 44 -5.99 7.29 0.60
CA PHE A 44 -5.01 6.37 0.02
C PHE A 44 -5.40 4.93 0.30
N TYR A 45 -5.41 4.11 -0.74
CA TYR A 45 -5.77 2.70 -0.60
C TYR A 45 -4.53 1.82 -0.55
N ILE A 46 -4.54 0.82 0.31
CA ILE A 46 -3.41 -0.09 0.46
C ILE A 46 -3.87 -1.54 0.38
N TYR A 47 -3.25 -2.30 -0.53
CA TYR A 47 -3.59 -3.71 -0.69
C TYR A 47 -2.47 -4.61 -0.19
N TYR A 48 -2.84 -5.79 0.29
CA TYR A 48 -1.86 -6.74 0.80
C TYR A 48 -2.43 -8.16 0.81
N ARG A 49 -1.55 -9.14 0.70
CA ARG A 49 -1.96 -10.55 0.69
C ARG A 49 -0.74 -11.47 0.73
N PRO A 50 -0.87 -12.57 1.47
CA PRO A 50 0.20 -13.56 1.61
C PRO A 50 0.44 -14.34 0.31
N THR A 51 1.72 -14.58 0.01
CA THR A 51 2.08 -15.31 -1.20
C THR A 51 1.41 -16.67 -1.24
N ASP A 52 0.98 -17.16 -0.07
CA ASP A 52 0.32 -18.45 0.02
C ASP A 52 -1.08 -18.39 -0.58
N SER A 53 -1.64 -17.19 -0.64
CA SER A 53 -2.98 -17.00 -1.19
C SER A 53 -3.10 -17.63 -2.57
N ASP A 54 -4.27 -17.50 -3.17
CA ASP A 54 -4.52 -18.06 -4.50
C ASP A 54 -4.29 -17.01 -5.58
N ASN A 55 -5.05 -15.93 -5.53
CA ASN A 55 -4.93 -14.86 -6.50
C ASN A 55 -5.31 -13.51 -5.88
N ASP A 56 -5.31 -12.46 -6.69
CA ASP A 56 -5.66 -11.12 -6.23
C ASP A 56 -6.97 -11.15 -5.45
N SER A 57 -7.75 -12.20 -5.65
CA SER A 57 -9.03 -12.34 -4.96
C SER A 57 -8.87 -12.17 -3.46
N ASP A 58 -7.63 -12.26 -2.98
CA ASP A 58 -7.33 -12.11 -1.57
C ASP A 58 -6.93 -10.67 -1.24
N TYR A 59 -6.20 -10.05 -2.16
CA TYR A 59 -5.74 -8.68 -1.97
C TYR A 59 -6.80 -7.85 -1.24
N LYS A 60 -6.42 -7.29 -0.10
CA LYS A 60 -7.33 -6.48 0.70
C LYS A 60 -7.21 -5.00 0.30
N LYS A 61 -7.93 -4.15 1.03
CA LYS A 61 -7.90 -2.72 0.77
C LYS A 61 -8.02 -1.91 2.06
N ASP A 62 -7.04 -1.06 2.32
CA ASP A 62 -7.03 -0.23 3.52
C ASP A 62 -6.90 1.24 3.16
N MET A 63 -7.99 1.99 3.33
CA MET A 63 -8.00 3.41 3.02
C MET A 63 -7.21 4.20 4.07
N VAL A 64 -6.68 5.35 3.66
CA VAL A 64 -5.90 6.19 4.56
C VAL A 64 -6.13 7.67 4.26
N GLU A 65 -6.17 8.48 5.31
CA GLU A 65 -6.38 9.92 5.16
C GLU A 65 -5.57 10.46 3.99
N GLY A 66 -6.16 11.40 3.26
CA GLY A 66 -5.47 11.99 2.12
C GLY A 66 -4.22 12.73 2.52
N ASP A 67 -4.21 13.27 3.73
CA ASP A 67 -3.07 14.01 4.23
C ASP A 67 -2.02 13.06 4.82
N ARG A 68 -2.37 11.79 4.90
CA ARG A 68 -1.46 10.78 5.45
C ARG A 68 -0.62 10.15 4.34
N TYR A 69 0.68 10.03 4.58
CA TYR A 69 1.59 9.45 3.60
C TYR A 69 2.24 8.18 4.15
N TRP A 70 1.72 7.71 5.28
CA TRP A 70 2.26 6.50 5.91
C TRP A 70 1.14 5.65 6.50
N HIS A 71 1.35 4.34 6.53
CA HIS A 71 0.35 3.42 7.07
C HIS A 71 1.02 2.17 7.65
N SER A 72 0.43 1.62 8.70
CA SER A 72 0.97 0.43 9.35
C SER A 72 -0.03 -0.71 9.30
N ILE A 73 0.19 -1.65 8.38
CA ILE A 73 -0.69 -2.80 8.22
C ILE A 73 -0.56 -3.74 9.41
N SER A 74 -1.68 -4.38 9.77
CA SER A 74 -1.69 -5.31 10.89
C SER A 74 -2.43 -6.59 10.51
N HIS A 75 -2.44 -7.55 11.45
CA HIS A 75 -3.12 -8.82 11.22
C HIS A 75 -2.49 -9.56 10.04
N LEU A 76 -1.16 -9.69 10.07
CA LEU A 76 -0.44 -10.37 9.00
C LEU A 76 0.25 -11.63 9.54
N GLN A 77 1.01 -12.29 8.67
CA GLN A 77 1.72 -13.51 9.05
C GLN A 77 3.18 -13.21 9.36
N PRO A 78 3.71 -13.88 10.40
CA PRO A 78 5.10 -13.71 10.82
C PRO A 78 6.10 -14.28 9.82
N GLU A 79 7.30 -13.74 9.81
CA GLU A 79 8.34 -14.21 8.89
C GLU A 79 7.74 -14.65 7.56
N THR A 80 6.70 -13.93 7.12
CA THR A 80 6.04 -14.25 5.86
C THR A 80 6.37 -13.21 4.80
N SER A 81 7.22 -13.60 3.85
CA SER A 81 7.61 -12.69 2.77
C SER A 81 6.54 -12.65 1.68
N TYR A 82 5.77 -11.57 1.67
CA TYR A 82 4.71 -11.41 0.69
C TYR A 82 4.79 -10.05 0.02
N ASP A 83 4.25 -9.95 -1.19
CA ASP A 83 4.26 -8.70 -1.95
C ASP A 83 3.32 -7.68 -1.32
N ILE A 84 3.61 -6.40 -1.53
CA ILE A 84 2.79 -5.33 -0.98
C ILE A 84 2.74 -4.14 -1.95
N LYS A 85 1.55 -3.54 -2.06
CA LYS A 85 1.37 -2.40 -2.94
C LYS A 85 0.22 -1.52 -2.46
N MET A 86 0.11 -0.32 -3.02
CA MET A 86 -0.94 0.61 -2.64
C MET A 86 -1.28 1.56 -3.79
N GLN A 87 -2.48 2.11 -3.76
CA GLN A 87 -2.93 3.02 -4.80
C GLN A 87 -3.79 4.14 -4.23
N CYS A 88 -3.72 5.32 -4.83
CA CYS A 88 -4.50 6.46 -4.36
C CYS A 88 -5.77 6.62 -5.19
N PHE A 89 -6.71 7.42 -4.69
CA PHE A 89 -7.97 7.65 -5.37
C PHE A 89 -8.59 8.96 -4.92
N ASN A 90 -9.50 9.50 -5.75
CA ASN A 90 -10.17 10.75 -5.43
C ASN A 90 -11.39 10.96 -6.32
N GLU A 91 -12.20 11.95 -6.00
CA GLU A 91 -13.39 12.25 -6.78
C GLU A 91 -13.14 12.04 -8.26
N GLY A 92 -11.91 12.31 -8.70
CA GLY A 92 -11.57 12.13 -10.10
C GLY A 92 -11.53 10.67 -10.51
N GLY A 93 -10.87 9.84 -9.71
CA GLY A 93 -10.77 8.43 -10.01
C GLY A 93 -9.55 7.79 -9.38
N GLU A 94 -9.48 6.46 -9.46
CA GLU A 94 -8.36 5.72 -8.89
C GLU A 94 -7.11 5.86 -9.77
N SER A 95 -5.96 6.03 -9.11
CA SER A 95 -4.70 6.18 -9.83
C SER A 95 -4.14 4.82 -10.24
N GLU A 96 -2.98 4.84 -10.89
CA GLU A 96 -2.34 3.61 -11.34
C GLU A 96 -1.88 2.77 -10.16
N PHE A 97 -1.48 1.53 -10.43
CA PHE A 97 -1.04 0.62 -9.39
C PHE A 97 0.44 0.86 -9.06
N SER A 98 0.71 1.11 -7.79
CA SER A 98 2.08 1.36 -7.35
C SER A 98 2.97 0.15 -7.61
N ASN A 99 4.26 0.29 -7.32
CA ASN A 99 5.22 -0.79 -7.53
C ASN A 99 5.05 -1.87 -6.46
N VAL A 100 5.57 -3.06 -6.74
CA VAL A 100 5.49 -4.18 -5.82
C VAL A 100 6.68 -4.18 -4.85
N MET A 101 6.39 -4.04 -3.57
CA MET A 101 7.44 -4.02 -2.55
C MET A 101 7.37 -5.28 -1.68
N ILE A 102 8.47 -6.01 -1.60
CA ILE A 102 8.53 -7.23 -0.81
C ILE A 102 9.06 -6.94 0.60
N CYS A 103 8.15 -6.79 1.55
CA CYS A 103 8.51 -6.52 2.93
C CYS A 103 8.29 -7.75 3.81
N GLU A 104 9.38 -8.41 4.18
CA GLU A 104 9.31 -9.61 5.03
C GLU A 104 9.04 -9.23 6.48
N THR A 105 8.00 -9.84 7.06
CA THR A 105 7.64 -9.57 8.44
C THR A 105 8.68 -10.14 9.41
N LYS A 106 8.50 -9.85 10.69
CA LYS A 106 9.42 -10.33 11.71
C LYS A 106 9.14 -11.80 12.04
N ALA A 107 10.19 -12.53 12.40
CA ALA A 107 10.07 -13.94 12.74
C ALA A 107 9.35 -14.11 14.07
N ARG A 108 8.26 -14.87 14.06
CA ARG A 108 7.47 -15.11 15.27
C ARG A 108 8.29 -15.89 16.30
N SER A 109 9.25 -15.22 16.92
CA SER A 109 10.09 -15.85 17.92
C SER A 109 10.13 -15.04 19.21
N GLY A 110 10.19 -15.73 20.34
CA GLY A 110 10.23 -15.05 21.62
C GLY A 110 11.53 -14.30 21.84
N PRO A 111 11.47 -13.22 22.63
CA PRO A 111 12.65 -12.40 22.94
C PRO A 111 13.63 -13.12 23.84
N SER A 112 14.91 -12.79 23.70
CA SER A 112 15.96 -13.41 24.50
C SER A 112 16.11 -12.70 25.84
N SER A 113 16.90 -13.28 26.73
CA SER A 113 17.13 -12.71 28.05
C SER A 113 18.62 -12.45 28.29
N GLY A 114 19.44 -13.43 27.92
CA GLY A 114 20.88 -13.30 28.10
C GLY A 114 21.59 -14.63 28.14
N GLY A 1 -13.89 8.93 -28.60
CA GLY A 1 -12.75 9.82 -28.47
C GLY A 1 -13.12 11.15 -27.82
N SER A 2 -13.10 11.17 -26.49
CA SER A 2 -13.43 12.38 -25.76
C SER A 2 -12.45 12.62 -24.62
N SER A 3 -11.85 13.81 -24.59
CA SER A 3 -10.89 14.16 -23.56
C SER A 3 -11.40 13.76 -22.18
N GLY A 4 -10.50 13.18 -21.37
CA GLY A 4 -10.88 12.76 -20.04
C GLY A 4 -9.84 13.14 -19.00
N SER A 5 -8.89 12.23 -18.76
CA SER A 5 -7.85 12.47 -17.77
C SER A 5 -8.42 13.10 -16.51
N SER A 6 -9.64 12.71 -16.17
CA SER A 6 -10.31 13.23 -14.98
C SER A 6 -9.94 12.42 -13.74
N GLY A 7 -8.82 12.79 -13.11
CA GLY A 7 -8.37 12.08 -11.93
C GLY A 7 -6.88 11.79 -11.95
N PRO A 8 -6.32 11.46 -10.78
CA PRO A 8 -4.89 11.16 -10.65
C PRO A 8 -4.52 9.82 -11.31
N VAL A 9 -3.49 9.86 -12.16
CA VAL A 9 -3.04 8.66 -12.85
C VAL A 9 -1.65 8.26 -12.39
N ALA A 10 -0.75 9.23 -12.28
CA ALA A 10 0.61 8.99 -11.84
C ALA A 10 0.65 7.97 -10.70
N GLY A 11 -0.25 8.16 -9.73
CA GLY A 11 -0.30 7.26 -8.59
C GLY A 11 0.93 7.35 -7.71
N PRO A 12 0.75 7.11 -6.40
CA PRO A 12 1.85 7.17 -5.43
C PRO A 12 2.84 6.02 -5.61
N TYR A 13 4.02 6.19 -5.04
CA TYR A 13 5.07 5.16 -5.13
C TYR A 13 5.72 4.93 -3.78
N ILE A 14 5.85 3.66 -3.41
CA ILE A 14 6.46 3.29 -2.13
C ILE A 14 7.97 3.49 -2.17
N THR A 15 8.49 4.23 -1.20
CA THR A 15 9.92 4.49 -1.12
C THR A 15 10.49 4.01 0.20
N PHE A 16 9.66 3.35 1.00
CA PHE A 16 10.09 2.83 2.29
C PHE A 16 9.23 1.65 2.72
N THR A 17 9.87 0.52 2.98
CA THR A 17 9.17 -0.68 3.40
C THR A 17 9.94 -1.42 4.48
N ASP A 18 9.40 -1.40 5.70
CA ASP A 18 10.04 -2.06 6.83
C ASP A 18 9.00 -2.78 7.70
N ALA A 19 9.42 -3.85 8.36
CA ALA A 19 8.53 -4.62 9.22
C ALA A 19 8.62 -4.13 10.67
N VAL A 20 7.54 -3.53 11.16
CA VAL A 20 7.49 -3.02 12.53
C VAL A 20 7.42 -4.17 13.52
N ASN A 21 6.80 -5.27 13.11
CA ASN A 21 6.65 -6.44 13.97
C ASN A 21 6.40 -7.70 13.15
N GLU A 22 6.24 -8.83 13.84
CA GLU A 22 5.99 -10.09 13.17
C GLU A 22 4.58 -10.13 12.59
N THR A 23 3.75 -9.18 12.99
CA THR A 23 2.38 -9.11 12.52
C THR A 23 2.02 -7.69 12.09
N THR A 24 3.01 -6.81 12.05
CA THR A 24 2.81 -5.42 11.65
C THR A 24 3.90 -4.96 10.71
N ILE A 25 3.54 -4.09 9.75
CA ILE A 25 4.49 -3.57 8.79
C ILE A 25 4.26 -2.08 8.55
N MET A 26 5.35 -1.34 8.39
CA MET A 26 5.27 0.09 8.14
C MET A 26 5.75 0.43 6.74
N LEU A 27 4.86 1.02 5.94
CA LEU A 27 5.20 1.40 4.58
C LEU A 27 4.85 2.87 4.32
N LYS A 28 5.77 3.57 3.67
CA LYS A 28 5.56 4.99 3.36
C LYS A 28 5.62 5.22 1.85
N TRP A 29 4.67 6.02 1.35
CA TRP A 29 4.62 6.32 -0.08
C TRP A 29 4.91 7.80 -0.32
N MET A 30 5.24 8.13 -1.57
CA MET A 30 5.54 9.50 -1.94
C MET A 30 4.65 9.97 -3.08
N TYR A 31 4.56 11.29 -3.27
CA TYR A 31 3.74 11.86 -4.32
C TYR A 31 4.54 12.82 -5.19
N ILE A 32 4.37 12.72 -6.51
CA ILE A 32 5.09 13.57 -7.44
C ILE A 32 4.14 14.58 -8.09
N PRO A 33 4.19 15.83 -7.62
CA PRO A 33 3.35 16.91 -8.15
C PRO A 33 3.74 17.32 -9.57
N ALA A 34 4.93 16.89 -9.99
CA ALA A 34 5.42 17.21 -11.31
C ALA A 34 4.45 16.74 -12.39
N SER A 35 4.34 15.43 -12.56
CA SER A 35 3.45 14.85 -13.56
C SER A 35 2.04 14.67 -12.98
N ASN A 36 1.57 15.68 -12.26
CA ASN A 36 0.24 15.63 -11.66
C ASN A 36 -0.67 16.71 -12.25
N ASN A 37 -1.97 16.52 -12.11
CA ASN A 37 -2.95 17.48 -12.63
C ASN A 37 -3.36 18.47 -11.55
N ASN A 38 -2.57 18.55 -10.49
CA ASN A 38 -2.85 19.46 -9.38
C ASN A 38 -4.26 19.22 -8.84
N THR A 39 -4.66 17.95 -8.79
CA THR A 39 -5.98 17.59 -8.28
C THR A 39 -5.90 17.03 -6.87
N PRO A 40 -6.86 17.42 -6.01
CA PRO A 40 -6.91 16.97 -4.63
C PRO A 40 -7.28 15.49 -4.51
N ILE A 41 -6.56 14.76 -3.67
CA ILE A 41 -6.82 13.34 -3.47
C ILE A 41 -7.73 13.11 -2.28
N HIS A 42 -8.63 12.13 -2.40
CA HIS A 42 -9.56 11.81 -1.33
C HIS A 42 -8.85 11.09 -0.18
N GLY A 43 -7.98 10.14 -0.53
CA GLY A 43 -7.25 9.39 0.48
C GLY A 43 -6.14 8.55 -0.11
N PHE A 44 -5.94 7.37 0.45
CA PHE A 44 -4.90 6.46 -0.01
C PHE A 44 -5.26 5.01 0.30
N TYR A 45 -5.38 4.19 -0.75
CA TYR A 45 -5.72 2.80 -0.58
C TYR A 45 -4.47 1.92 -0.57
N ILE A 46 -4.48 0.88 0.25
CA ILE A 46 -3.35 -0.04 0.34
C ILE A 46 -3.80 -1.48 0.23
N TYR A 47 -3.17 -2.21 -0.69
CA TYR A 47 -3.50 -3.62 -0.91
C TYR A 47 -2.33 -4.53 -0.50
N TYR A 48 -2.67 -5.73 -0.06
CA TYR A 48 -1.65 -6.70 0.36
C TYR A 48 -2.19 -8.12 0.29
N ARG A 49 -1.32 -9.05 -0.07
CA ARG A 49 -1.71 -10.46 -0.17
C ARG A 49 -0.49 -11.37 -0.04
N PRO A 50 -0.67 -12.50 0.68
CA PRO A 50 0.39 -13.48 0.88
C PRO A 50 0.77 -14.22 -0.39
N THR A 51 2.05 -14.53 -0.54
CA THR A 51 2.54 -15.24 -1.72
C THR A 51 1.75 -16.53 -1.94
N ASP A 52 1.25 -17.10 -0.85
CA ASP A 52 0.48 -18.34 -0.93
C ASP A 52 -0.87 -18.11 -1.59
N SER A 53 -1.33 -16.86 -1.55
CA SER A 53 -2.62 -16.50 -2.14
C SER A 53 -2.76 -17.10 -3.54
N ASP A 54 -3.96 -17.04 -4.09
CA ASP A 54 -4.23 -17.58 -5.42
C ASP A 54 -4.37 -16.46 -6.44
N ASN A 55 -5.39 -15.62 -6.26
CA ASN A 55 -5.64 -14.50 -7.17
C ASN A 55 -5.91 -13.22 -6.39
N ASP A 56 -6.15 -12.14 -7.12
CA ASP A 56 -6.43 -10.85 -6.51
C ASP A 56 -7.49 -10.98 -5.42
N SER A 57 -8.30 -12.03 -5.52
CA SER A 57 -9.36 -12.27 -4.54
C SER A 57 -8.84 -12.11 -3.12
N ASP A 58 -7.53 -12.29 -2.96
CA ASP A 58 -6.90 -12.15 -1.65
C ASP A 58 -6.54 -10.70 -1.36
N TYR A 59 -5.98 -10.03 -2.35
CA TYR A 59 -5.58 -8.64 -2.20
C TYR A 59 -6.62 -7.86 -1.40
N LYS A 60 -6.18 -7.26 -0.30
CA LYS A 60 -7.07 -6.48 0.56
C LYS A 60 -7.02 -5.00 0.20
N LYS A 61 -7.71 -4.18 0.99
CA LYS A 61 -7.74 -2.74 0.74
C LYS A 61 -7.84 -1.98 2.06
N ASP A 62 -6.96 -1.00 2.24
CA ASP A 62 -6.97 -0.19 3.46
C ASP A 62 -6.89 1.30 3.12
N MET A 63 -7.99 2.01 3.35
CA MET A 63 -8.05 3.44 3.07
C MET A 63 -7.21 4.22 4.09
N VAL A 64 -6.58 5.29 3.60
CA VAL A 64 -5.75 6.13 4.46
C VAL A 64 -5.92 7.60 4.12
N GLU A 65 -5.70 8.46 5.12
CA GLU A 65 -5.83 9.90 4.93
C GLU A 65 -5.22 10.34 3.60
N GLY A 66 -5.73 11.43 3.05
CA GLY A 66 -5.22 11.92 1.78
C GLY A 66 -3.91 12.68 1.94
N ASP A 67 -3.64 13.15 3.16
CA ASP A 67 -2.41 13.88 3.43
C ASP A 67 -1.36 12.98 4.07
N ARG A 68 -1.83 11.99 4.82
CA ARG A 68 -0.92 11.05 5.48
C ARG A 68 -0.17 10.21 4.46
N TYR A 69 1.15 10.16 4.59
CA TYR A 69 1.99 9.40 3.69
C TYR A 69 2.60 8.18 4.39
N TRP A 70 1.94 7.75 5.47
CA TRP A 70 2.42 6.60 6.22
C TRP A 70 1.25 5.78 6.75
N HIS A 71 1.43 4.46 6.81
CA HIS A 71 0.39 3.57 7.29
C HIS A 71 0.98 2.25 7.76
N SER A 72 0.63 1.83 8.97
CA SER A 72 1.13 0.59 9.54
C SER A 72 0.06 -0.50 9.49
N ILE A 73 0.31 -1.55 8.72
CA ILE A 73 -0.62 -2.66 8.60
C ILE A 73 -0.48 -3.64 9.76
N SER A 74 -1.57 -4.34 10.07
CA SER A 74 -1.56 -5.30 11.16
C SER A 74 -2.28 -6.58 10.76
N HIS A 75 -2.33 -7.55 11.67
CA HIS A 75 -2.99 -8.82 11.41
C HIS A 75 -2.34 -9.54 10.23
N LEU A 76 -1.01 -9.55 10.20
CA LEU A 76 -0.27 -10.20 9.13
C LEU A 76 0.35 -11.50 9.60
N GLN A 77 1.11 -12.15 8.72
CA GLN A 77 1.76 -13.41 9.06
C GLN A 77 3.24 -13.18 9.38
N PRO A 78 3.75 -13.89 10.39
CA PRO A 78 5.14 -13.79 10.82
C PRO A 78 6.11 -14.38 9.80
N GLU A 79 7.31 -13.84 9.74
CA GLU A 79 8.33 -14.31 8.81
C GLU A 79 7.69 -14.78 7.50
N THR A 80 6.70 -14.01 7.03
CA THR A 80 6.01 -14.34 5.80
C THR A 80 6.32 -13.32 4.70
N SER A 81 7.21 -13.70 3.79
CA SER A 81 7.60 -12.82 2.70
C SER A 81 6.51 -12.76 1.64
N TYR A 82 5.79 -11.64 1.61
CA TYR A 82 4.71 -11.45 0.64
C TYR A 82 4.80 -10.08 -0.02
N ASP A 83 4.20 -9.95 -1.19
CA ASP A 83 4.21 -8.70 -1.93
C ASP A 83 3.27 -7.68 -1.28
N ILE A 84 3.60 -6.40 -1.43
CA ILE A 84 2.77 -5.33 -0.86
C ILE A 84 2.72 -4.13 -1.79
N LYS A 85 1.52 -3.75 -2.20
CA LYS A 85 1.32 -2.62 -3.09
C LYS A 85 0.21 -1.71 -2.58
N MET A 86 0.06 -0.55 -3.20
CA MET A 86 -0.97 0.40 -2.80
C MET A 86 -1.35 1.30 -3.98
N GLN A 87 -2.45 2.04 -3.82
CA GLN A 87 -2.92 2.94 -4.87
C GLN A 87 -3.80 4.04 -4.29
N CYS A 88 -3.73 5.23 -4.88
CA CYS A 88 -4.52 6.35 -4.42
C CYS A 88 -5.77 6.52 -5.27
N PHE A 89 -6.73 7.30 -4.77
CA PHE A 89 -7.98 7.55 -5.49
C PHE A 89 -8.57 8.88 -5.10
N ASN A 90 -9.42 9.43 -5.98
CA ASN A 90 -10.06 10.72 -5.73
C ASN A 90 -11.39 10.82 -6.47
N GLU A 91 -12.09 11.93 -6.27
CA GLU A 91 -13.37 12.14 -6.93
C GLU A 91 -13.32 11.75 -8.39
N GLY A 92 -12.16 11.96 -9.01
CA GLY A 92 -11.98 11.62 -10.41
C GLY A 92 -11.96 10.11 -10.64
N GLY A 93 -11.38 9.38 -9.69
CA GLY A 93 -11.30 7.94 -9.82
C GLY A 93 -10.02 7.38 -9.21
N GLU A 94 -9.84 6.07 -9.34
CA GLU A 94 -8.66 5.41 -8.80
C GLU A 94 -7.45 5.64 -9.70
N SER A 95 -6.28 5.71 -9.09
CA SER A 95 -5.04 5.94 -9.83
C SER A 95 -4.37 4.61 -10.19
N GLU A 96 -3.21 4.69 -10.81
CA GLU A 96 -2.46 3.49 -11.21
C GLU A 96 -2.02 2.70 -10.00
N PHE A 97 -1.62 1.46 -10.22
CA PHE A 97 -1.16 0.60 -9.13
C PHE A 97 0.32 0.79 -8.86
N SER A 98 0.63 1.30 -7.68
CA SER A 98 2.02 1.55 -7.29
C SER A 98 2.88 0.32 -7.55
N ASN A 99 4.17 0.44 -7.25
CA ASN A 99 5.11 -0.66 -7.45
C ASN A 99 4.94 -1.72 -6.37
N VAL A 100 5.34 -2.95 -6.69
CA VAL A 100 5.23 -4.05 -5.74
C VAL A 100 6.45 -4.13 -4.84
N MET A 101 6.24 -3.94 -3.54
CA MET A 101 7.33 -3.98 -2.57
C MET A 101 7.25 -5.25 -1.72
N ILE A 102 8.35 -6.00 -1.69
CA ILE A 102 8.40 -7.24 -0.92
C ILE A 102 8.96 -6.99 0.48
N CYS A 103 8.07 -6.84 1.44
CA CYS A 103 8.47 -6.59 2.82
C CYS A 103 8.24 -7.84 3.69
N GLU A 104 9.34 -8.46 4.13
CA GLU A 104 9.26 -9.65 4.96
C GLU A 104 9.04 -9.28 6.42
N THR A 105 7.98 -9.83 7.00
CA THR A 105 7.66 -9.56 8.41
C THR A 105 8.74 -10.10 9.33
N LYS A 106 8.54 -9.91 10.63
CA LYS A 106 9.50 -10.37 11.62
C LYS A 106 9.18 -11.79 12.07
N ALA A 107 10.19 -12.51 12.55
CA ALA A 107 10.00 -13.88 13.01
C ALA A 107 9.24 -13.92 14.33
N ARG A 108 8.21 -14.75 14.39
CA ARG A 108 7.39 -14.88 15.60
C ARG A 108 8.13 -15.67 16.67
N SER A 109 7.87 -15.34 17.92
CA SER A 109 8.51 -16.01 19.05
C SER A 109 7.59 -17.07 19.66
N GLY A 110 8.16 -18.20 20.04
CA GLY A 110 7.38 -19.27 20.62
C GLY A 110 8.19 -20.10 21.60
N PRO A 111 7.59 -21.22 22.05
CA PRO A 111 8.24 -22.13 23.00
C PRO A 111 9.41 -22.88 22.38
N SER A 112 9.23 -23.30 21.14
CA SER A 112 10.28 -24.04 20.43
C SER A 112 11.09 -23.11 19.54
N SER A 113 12.33 -22.84 19.94
CA SER A 113 13.20 -21.96 19.18
C SER A 113 14.39 -22.73 18.61
N GLY A 114 14.82 -22.34 17.42
CA GLY A 114 15.95 -23.00 16.79
C GLY A 114 16.87 -22.04 16.06
N GLY A 1 -6.37 11.54 -26.76
CA GLY A 1 -6.78 12.54 -27.73
C GLY A 1 -6.16 13.90 -27.45
N SER A 2 -6.76 14.64 -26.52
CA SER A 2 -6.28 15.97 -26.17
C SER A 2 -6.11 16.10 -24.66
N SER A 3 -7.15 15.73 -23.92
CA SER A 3 -7.13 15.81 -22.46
C SER A 3 -8.12 14.84 -21.85
N GLY A 4 -7.61 13.80 -21.18
CA GLY A 4 -8.46 12.82 -20.56
C GLY A 4 -7.85 12.24 -19.29
N SER A 5 -7.16 13.07 -18.53
CA SER A 5 -6.52 12.63 -17.29
C SER A 5 -7.52 12.63 -16.14
N SER A 6 -8.75 12.25 -16.43
CA SER A 6 -9.80 12.21 -15.41
C SER A 6 -9.27 11.64 -14.11
N GLY A 7 -9.04 12.51 -13.13
CA GLY A 7 -8.52 12.08 -11.85
C GLY A 7 -7.04 11.77 -11.88
N PRO A 8 -6.46 11.52 -10.71
CA PRO A 8 -5.03 11.21 -10.58
C PRO A 8 -4.68 9.84 -11.16
N VAL A 9 -3.56 9.78 -11.87
CA VAL A 9 -3.10 8.53 -12.48
C VAL A 9 -1.70 8.17 -12.02
N ALA A 10 -0.83 9.18 -11.97
CA ALA A 10 0.56 8.97 -11.55
C ALA A 10 0.63 7.98 -10.39
N GLY A 11 -0.35 8.05 -9.50
CA GLY A 11 -0.37 7.15 -8.35
C GLY A 11 0.87 7.28 -7.49
N PRO A 12 0.73 6.93 -6.20
CA PRO A 12 1.84 7.01 -5.24
C PRO A 12 2.90 5.95 -5.51
N TYR A 13 4.10 6.17 -4.96
CA TYR A 13 5.20 5.23 -5.14
C TYR A 13 5.88 4.94 -3.80
N ILE A 14 5.76 3.70 -3.34
CA ILE A 14 6.37 3.29 -2.08
C ILE A 14 7.88 3.40 -2.14
N THR A 15 8.45 4.22 -1.26
CA THR A 15 9.90 4.41 -1.21
C THR A 15 10.47 3.97 0.13
N PHE A 16 9.62 3.39 0.97
CA PHE A 16 10.04 2.92 2.29
C PHE A 16 9.18 1.74 2.74
N THR A 17 9.83 0.60 2.97
CA THR A 17 9.14 -0.60 3.42
C THR A 17 9.93 -1.33 4.49
N ASP A 18 9.42 -1.32 5.72
CA ASP A 18 10.08 -1.99 6.82
C ASP A 18 9.06 -2.71 7.71
N ALA A 19 9.44 -3.88 8.23
CA ALA A 19 8.57 -4.65 9.09
C ALA A 19 8.64 -4.16 10.53
N VAL A 20 7.51 -3.72 11.06
CA VAL A 20 7.44 -3.22 12.43
C VAL A 20 7.34 -4.37 13.43
N ASN A 21 6.82 -5.50 12.96
CA ASN A 21 6.67 -6.68 13.82
C ASN A 21 6.37 -7.92 12.99
N GLU A 22 6.12 -9.03 13.67
CA GLU A 22 5.82 -10.29 12.99
C GLU A 22 4.44 -10.24 12.33
N THR A 23 3.58 -9.38 12.85
CA THR A 23 2.22 -9.25 12.33
C THR A 23 1.92 -7.79 11.96
N THR A 24 2.98 -6.98 11.85
CA THR A 24 2.84 -5.58 11.50
C THR A 24 3.91 -5.14 10.52
N ILE A 25 3.55 -4.24 9.61
CA ILE A 25 4.50 -3.73 8.62
C ILE A 25 4.29 -2.24 8.37
N MET A 26 5.39 -1.50 8.33
CA MET A 26 5.33 -0.06 8.10
C MET A 26 5.76 0.27 6.67
N LEU A 27 4.90 0.97 5.95
CA LEU A 27 5.18 1.37 4.57
C LEU A 27 4.80 2.82 4.32
N LYS A 28 5.70 3.56 3.70
CA LYS A 28 5.45 4.97 3.39
C LYS A 28 5.51 5.22 1.89
N TRP A 29 4.59 6.05 1.40
CA TRP A 29 4.54 6.37 -0.03
C TRP A 29 4.89 7.84 -0.27
N MET A 30 5.28 8.16 -1.50
CA MET A 30 5.64 9.52 -1.85
C MET A 30 4.75 10.04 -2.98
N TYR A 31 4.70 11.35 -3.14
CA TYR A 31 3.90 11.98 -4.18
C TYR A 31 4.69 13.06 -4.92
N ILE A 32 4.49 13.14 -6.23
CA ILE A 32 5.19 14.12 -7.05
C ILE A 32 4.20 15.03 -7.77
N PRO A 33 4.30 16.35 -7.53
CA PRO A 33 3.43 17.34 -8.14
C PRO A 33 3.71 17.51 -9.64
N ALA A 34 4.97 17.33 -10.02
CA ALA A 34 5.36 17.45 -11.42
C ALA A 34 4.30 16.88 -12.35
N SER A 35 4.20 15.55 -12.38
CA SER A 35 3.23 14.88 -13.23
C SER A 35 1.89 14.71 -12.50
N ASN A 36 1.41 15.80 -11.92
CA ASN A 36 0.14 15.77 -11.20
C ASN A 36 -0.84 16.79 -11.77
N ASN A 37 -2.12 16.45 -11.75
CA ASN A 37 -3.16 17.34 -12.27
C ASN A 37 -3.68 18.27 -11.18
N ASN A 38 -2.80 18.61 -10.24
CA ASN A 38 -3.16 19.50 -9.14
C ASN A 38 -4.58 19.23 -8.67
N THR A 39 -4.93 17.94 -8.58
CA THR A 39 -6.26 17.54 -8.13
C THR A 39 -6.22 16.99 -6.71
N PRO A 40 -7.24 17.34 -5.91
CA PRO A 40 -7.35 16.89 -4.53
C PRO A 40 -7.64 15.40 -4.41
N ILE A 41 -6.86 14.71 -3.59
CA ILE A 41 -7.03 13.28 -3.40
C ILE A 41 -7.98 12.99 -2.24
N HIS A 42 -8.85 12.00 -2.42
CA HIS A 42 -9.82 11.63 -1.39
C HIS A 42 -9.12 10.91 -0.24
N GLY A 43 -8.19 10.02 -0.58
CA GLY A 43 -7.47 9.27 0.44
C GLY A 43 -6.35 8.42 -0.15
N PHE A 44 -6.07 7.30 0.50
CA PHE A 44 -5.02 6.40 0.04
C PHE A 44 -5.39 4.95 0.33
N TYR A 45 -5.43 4.13 -0.71
CA TYR A 45 -5.77 2.72 -0.57
C TYR A 45 -4.51 1.86 -0.56
N ILE A 46 -4.47 0.90 0.36
CA ILE A 46 -3.33 0.00 0.49
C ILE A 46 -3.77 -1.46 0.40
N TYR A 47 -3.23 -2.18 -0.59
CA TYR A 47 -3.57 -3.58 -0.78
C TYR A 47 -2.41 -4.47 -0.36
N TYR A 48 -2.72 -5.68 0.10
CA TYR A 48 -1.71 -6.63 0.53
C TYR A 48 -2.25 -8.06 0.49
N ARG A 49 -1.40 -8.99 0.04
CA ARG A 49 -1.80 -10.39 -0.05
C ARG A 49 -0.57 -11.30 0.06
N PRO A 50 -0.75 -12.43 0.77
CA PRO A 50 0.33 -13.40 0.97
C PRO A 50 0.68 -14.14 -0.32
N THR A 51 1.95 -14.53 -0.44
CA THR A 51 2.42 -15.24 -1.63
C THR A 51 1.63 -16.53 -1.84
N ASP A 52 1.09 -17.07 -0.75
CA ASP A 52 0.31 -18.31 -0.81
C ASP A 52 -1.06 -18.05 -1.42
N SER A 53 -1.44 -16.78 -1.47
CA SER A 53 -2.74 -16.40 -2.03
C SER A 53 -2.97 -17.07 -3.38
N ASP A 54 -4.14 -16.83 -3.96
CA ASP A 54 -4.48 -17.40 -5.26
C ASP A 54 -4.67 -16.30 -6.30
N ASN A 55 -5.60 -15.38 -6.02
CA ASN A 55 -5.87 -14.28 -6.94
C ASN A 55 -6.22 -13.01 -6.16
N ASP A 56 -6.53 -11.94 -6.90
CA ASP A 56 -6.89 -10.67 -6.29
C ASP A 56 -7.90 -10.86 -5.17
N SER A 57 -8.68 -11.94 -5.26
CA SER A 57 -9.69 -12.25 -4.26
C SER A 57 -9.13 -12.10 -2.85
N ASP A 58 -7.81 -12.15 -2.74
CA ASP A 58 -7.14 -12.02 -1.45
C ASP A 58 -6.76 -10.56 -1.18
N TYR A 59 -6.11 -9.95 -2.16
CA TYR A 59 -5.68 -8.56 -2.03
C TYR A 59 -6.71 -7.74 -1.25
N LYS A 60 -6.28 -7.19 -0.12
CA LYS A 60 -7.16 -6.37 0.71
C LYS A 60 -7.08 -4.90 0.31
N LYS A 61 -7.76 -4.05 1.07
CA LYS A 61 -7.78 -2.62 0.81
C LYS A 61 -7.87 -1.82 2.10
N ASP A 62 -6.94 -0.89 2.28
CA ASP A 62 -6.92 -0.05 3.48
C ASP A 62 -6.98 1.42 3.11
N MET A 63 -8.10 2.07 3.45
CA MET A 63 -8.28 3.48 3.16
C MET A 63 -7.51 4.35 4.17
N VAL A 64 -6.88 5.40 3.66
CA VAL A 64 -6.11 6.31 4.51
C VAL A 64 -6.24 7.75 4.03
N GLU A 65 -6.26 8.69 4.98
CA GLU A 65 -6.38 10.10 4.65
C GLU A 65 -5.65 10.43 3.35
N GLY A 66 -6.13 11.44 2.64
CA GLY A 66 -5.52 11.83 1.39
C GLY A 66 -4.27 12.67 1.60
N ASP A 67 -3.91 12.91 2.85
CA ASP A 67 -2.74 13.70 3.18
C ASP A 67 -1.70 12.86 3.92
N ARG A 68 -2.13 11.71 4.41
CA ARG A 68 -1.24 10.81 5.13
C ARG A 68 -0.29 10.08 4.17
N TYR A 69 0.98 10.05 4.52
CA TYR A 69 1.99 9.40 3.69
C TYR A 69 2.66 8.26 4.44
N TRP A 70 2.03 7.82 5.52
CA TRP A 70 2.57 6.73 6.34
C TRP A 70 1.44 5.87 6.91
N HIS A 71 1.67 4.56 6.95
CA HIS A 71 0.68 3.63 7.48
C HIS A 71 1.33 2.32 7.92
N SER A 72 0.87 1.79 9.04
CA SER A 72 1.41 0.54 9.56
C SER A 72 0.37 -0.58 9.51
N ILE A 73 0.57 -1.53 8.60
CA ILE A 73 -0.34 -2.65 8.46
C ILE A 73 -0.26 -3.60 9.65
N SER A 74 -1.32 -4.36 9.86
CA SER A 74 -1.37 -5.32 10.98
C SER A 74 -2.12 -6.57 10.58
N HIS A 75 -2.27 -7.49 11.53
CA HIS A 75 -2.97 -8.74 11.28
C HIS A 75 -2.36 -9.50 10.11
N LEU A 76 -1.04 -9.61 10.12
CA LEU A 76 -0.32 -10.30 9.06
C LEU A 76 0.33 -11.58 9.59
N GLN A 77 0.99 -12.31 8.70
CA GLN A 77 1.66 -13.56 9.07
C GLN A 77 3.11 -13.30 9.45
N PRO A 78 3.60 -14.04 10.46
CA PRO A 78 4.98 -13.91 10.94
C PRO A 78 5.99 -14.45 9.93
N GLU A 79 7.17 -13.84 9.89
CA GLU A 79 8.22 -14.26 8.98
C GLU A 79 7.63 -14.77 7.66
N THR A 80 6.66 -14.02 7.14
CA THR A 80 6.02 -14.39 5.88
C THR A 80 6.31 -13.38 4.79
N SER A 81 7.21 -13.74 3.88
CA SER A 81 7.58 -12.86 2.78
C SER A 81 6.48 -12.78 1.74
N TYR A 82 5.73 -11.68 1.74
CA TYR A 82 4.65 -11.49 0.80
C TYR A 82 4.76 -10.13 0.10
N ASP A 83 4.13 -10.01 -1.06
CA ASP A 83 4.15 -8.77 -1.82
C ASP A 83 3.23 -7.73 -1.21
N ILE A 84 3.55 -6.46 -1.42
CA ILE A 84 2.73 -5.38 -0.88
C ILE A 84 2.70 -4.19 -1.84
N LYS A 85 1.51 -3.67 -2.09
CA LYS A 85 1.33 -2.54 -2.99
C LYS A 85 0.20 -1.63 -2.50
N MET A 86 0.03 -0.50 -3.19
CA MET A 86 -1.01 0.45 -2.82
C MET A 86 -1.39 1.32 -4.03
N GLN A 87 -2.39 2.18 -3.84
CA GLN A 87 -2.84 3.07 -4.90
C GLN A 87 -3.78 4.15 -4.35
N CYS A 88 -3.67 5.35 -4.90
CA CYS A 88 -4.50 6.46 -4.47
C CYS A 88 -5.73 6.61 -5.37
N PHE A 89 -6.69 7.42 -4.92
CA PHE A 89 -7.90 7.64 -5.69
C PHE A 89 -8.50 9.01 -5.38
N ASN A 90 -9.45 9.44 -6.20
CA ASN A 90 -10.09 10.74 -6.02
C ASN A 90 -11.43 10.78 -6.73
N GLU A 91 -12.27 11.74 -6.35
CA GLU A 91 -13.59 11.89 -6.96
C GLU A 91 -13.56 11.52 -8.43
N GLY A 92 -12.44 11.85 -9.09
CA GLY A 92 -12.31 11.54 -10.50
C GLY A 92 -12.19 10.04 -10.77
N GLY A 93 -11.10 9.44 -10.29
CA GLY A 93 -10.89 8.02 -10.49
C GLY A 93 -9.65 7.52 -9.79
N GLU A 94 -9.51 6.19 -9.72
CA GLU A 94 -8.36 5.58 -9.07
C GLU A 94 -7.09 5.78 -9.90
N SER A 95 -5.96 5.92 -9.22
CA SER A 95 -4.68 6.13 -9.90
C SER A 95 -4.10 4.80 -10.36
N GLU A 96 -2.90 4.85 -10.92
CA GLU A 96 -2.23 3.65 -11.41
C GLU A 96 -1.78 2.76 -10.26
N PHE A 97 -1.43 1.53 -10.57
CA PHE A 97 -0.98 0.57 -9.56
C PHE A 97 0.47 0.81 -9.19
N SER A 98 0.72 1.12 -7.93
CA SER A 98 2.08 1.38 -7.45
C SER A 98 2.97 0.17 -7.68
N ASN A 99 4.25 0.31 -7.34
CA ASN A 99 5.21 -0.77 -7.51
C ASN A 99 5.03 -1.83 -6.43
N VAL A 100 5.53 -3.03 -6.70
CA VAL A 100 5.42 -4.13 -5.76
C VAL A 100 6.60 -4.15 -4.79
N MET A 101 6.31 -3.99 -3.50
CA MET A 101 7.34 -3.99 -2.48
C MET A 101 7.26 -5.24 -1.61
N ILE A 102 8.34 -6.01 -1.58
CA ILE A 102 8.40 -7.23 -0.79
C ILE A 102 8.99 -6.97 0.59
N CYS A 103 8.11 -6.81 1.58
CA CYS A 103 8.55 -6.55 2.95
C CYS A 103 8.30 -7.77 3.83
N GLU A 104 9.38 -8.48 4.16
CA GLU A 104 9.28 -9.67 5.00
C GLU A 104 9.03 -9.29 6.46
N THR A 105 7.97 -9.86 7.04
CA THR A 105 7.63 -9.58 8.42
C THR A 105 8.70 -10.08 9.38
N LYS A 106 8.46 -9.93 10.68
CA LYS A 106 9.41 -10.38 11.69
C LYS A 106 9.11 -11.81 12.12
N ALA A 107 10.14 -12.52 12.57
CA ALA A 107 9.97 -13.90 13.02
C ALA A 107 9.28 -13.96 14.38
N ARG A 108 8.25 -14.79 14.47
CA ARG A 108 7.50 -14.94 15.71
C ARG A 108 8.24 -15.84 16.68
N SER A 109 8.04 -15.58 17.98
CA SER A 109 8.71 -16.37 19.01
C SER A 109 7.89 -17.62 19.36
N GLY A 110 8.22 -18.73 18.71
CA GLY A 110 7.51 -19.96 18.96
C GLY A 110 8.44 -21.10 19.35
N PRO A 111 7.87 -22.27 19.67
CA PRO A 111 8.63 -23.45 20.06
C PRO A 111 9.42 -24.05 18.91
N SER A 112 10.53 -24.71 19.22
CA SER A 112 11.37 -25.32 18.21
C SER A 112 11.61 -26.80 18.51
N SER A 113 11.16 -27.67 17.61
CA SER A 113 11.31 -29.10 17.78
C SER A 113 12.41 -29.65 16.87
N GLY A 114 13.27 -30.49 17.42
CA GLY A 114 14.36 -31.07 16.65
C GLY A 114 15.71 -30.71 17.20
N GLY A 1 -20.47 10.07 -24.96
CA GLY A 1 -19.39 10.90 -24.46
C GLY A 1 -18.26 10.08 -23.87
N SER A 2 -17.06 10.21 -24.45
CA SER A 2 -15.90 9.48 -23.98
C SER A 2 -14.85 10.42 -23.40
N SER A 3 -14.12 9.94 -22.40
CA SER A 3 -13.09 10.74 -21.75
C SER A 3 -13.72 11.83 -20.88
N GLY A 4 -14.78 11.46 -20.16
CA GLY A 4 -15.45 12.41 -19.30
C GLY A 4 -14.69 12.67 -18.02
N SER A 5 -14.94 11.85 -17.00
CA SER A 5 -14.28 12.00 -15.71
C SER A 5 -12.83 11.50 -15.79
N SER A 6 -11.92 12.24 -15.16
CA SER A 6 -10.52 11.88 -15.16
C SER A 6 -9.84 12.32 -13.87
N GLY A 7 -9.34 11.35 -13.11
CA GLY A 7 -8.68 11.66 -11.85
C GLY A 7 -7.19 11.40 -11.90
N PRO A 8 -6.57 11.20 -10.73
CA PRO A 8 -5.14 10.94 -10.62
C PRO A 8 -4.76 9.57 -11.15
N VAL A 9 -3.65 9.50 -11.88
CA VAL A 9 -3.17 8.24 -12.44
C VAL A 9 -1.74 7.95 -12.00
N ALA A 10 -0.90 8.97 -12.02
CA ALA A 10 0.48 8.82 -11.62
C ALA A 10 0.63 7.85 -10.46
N GLY A 11 -0.37 7.84 -9.58
CA GLY A 11 -0.33 6.94 -8.44
C GLY A 11 0.88 7.16 -7.56
N PRO A 12 0.75 6.84 -6.27
CA PRO A 12 1.84 6.99 -5.30
C PRO A 12 2.97 6.00 -5.53
N TYR A 13 4.13 6.28 -4.97
CA TYR A 13 5.29 5.39 -5.11
C TYR A 13 5.89 5.06 -3.75
N ILE A 14 5.98 3.77 -3.45
CA ILE A 14 6.54 3.32 -2.19
C ILE A 14 8.06 3.45 -2.18
N THR A 15 8.57 4.20 -1.21
CA THR A 15 10.01 4.41 -1.09
C THR A 15 10.51 4.01 0.29
N PHE A 16 9.63 3.38 1.08
CA PHE A 16 9.99 2.94 2.42
C PHE A 16 9.15 1.72 2.83
N THR A 17 9.84 0.61 3.10
CA THR A 17 9.17 -0.61 3.51
C THR A 17 9.92 -1.31 4.63
N ASP A 18 9.32 -1.34 5.81
CA ASP A 18 9.93 -1.98 6.98
C ASP A 18 8.88 -2.69 7.82
N ALA A 19 9.30 -3.76 8.50
CA ALA A 19 8.40 -4.53 9.34
C ALA A 19 8.40 -4.00 10.78
N VAL A 20 7.28 -3.45 11.21
CA VAL A 20 7.15 -2.91 12.56
C VAL A 20 7.03 -4.03 13.58
N ASN A 21 6.48 -5.16 13.16
CA ASN A 21 6.31 -6.30 14.04
C ASN A 21 6.15 -7.58 13.24
N GLU A 22 5.94 -8.70 13.95
CA GLU A 22 5.76 -9.99 13.30
C GLU A 22 4.45 -10.03 12.51
N THR A 23 3.49 -9.23 12.94
CA THR A 23 2.20 -9.17 12.27
C THR A 23 1.86 -7.75 11.84
N THR A 24 2.87 -6.90 11.79
CA THR A 24 2.69 -5.50 11.39
C THR A 24 3.81 -5.04 10.48
N ILE A 25 3.48 -4.16 9.54
CA ILE A 25 4.46 -3.63 8.60
C ILE A 25 4.20 -2.16 8.29
N MET A 26 5.25 -1.35 8.39
CA MET A 26 5.12 0.09 8.12
C MET A 26 5.71 0.43 6.76
N LEU A 27 4.96 1.19 5.97
CA LEU A 27 5.41 1.59 4.64
C LEU A 27 5.07 3.06 4.37
N LYS A 28 5.92 3.73 3.61
CA LYS A 28 5.71 5.14 3.27
C LYS A 28 5.74 5.34 1.76
N TRP A 29 4.84 6.17 1.26
CA TRP A 29 4.77 6.46 -0.17
C TRP A 29 5.01 7.94 -0.45
N MET A 30 5.42 8.25 -1.67
CA MET A 30 5.69 9.62 -2.06
C MET A 30 4.72 10.08 -3.14
N TYR A 31 4.64 11.39 -3.34
CA TYR A 31 3.74 11.96 -4.34
C TYR A 31 4.48 12.95 -5.24
N ILE A 32 4.31 12.80 -6.54
CA ILE A 32 4.96 13.69 -7.50
C ILE A 32 3.94 14.63 -8.16
N PRO A 33 3.87 15.88 -7.64
CA PRO A 33 2.96 16.89 -8.16
C PRO A 33 3.35 17.38 -9.56
N ALA A 34 4.60 17.12 -9.94
CA ALA A 34 5.10 17.53 -11.23
C ALA A 34 4.16 17.09 -12.35
N SER A 35 4.05 15.78 -12.55
CA SER A 35 3.19 15.22 -13.58
C SER A 35 1.79 14.92 -13.02
N ASN A 36 1.30 15.82 -12.18
CA ASN A 36 -0.02 15.66 -11.58
C ASN A 36 -0.99 16.71 -12.10
N ASN A 37 -2.29 16.42 -12.03
CA ASN A 37 -3.31 17.35 -12.49
C ASN A 37 -3.79 18.23 -11.34
N ASN A 38 -2.89 18.54 -10.41
CA ASN A 38 -3.22 19.38 -9.27
C ASN A 38 -4.65 19.10 -8.79
N THR A 39 -4.98 17.82 -8.67
CA THR A 39 -6.31 17.41 -8.23
C THR A 39 -6.26 16.85 -6.81
N PRO A 40 -7.28 17.18 -6.00
CA PRO A 40 -7.38 16.72 -4.62
C PRO A 40 -7.67 15.23 -4.52
N ILE A 41 -6.97 14.55 -3.61
CA ILE A 41 -7.15 13.12 -3.42
C ILE A 41 -7.99 12.83 -2.17
N HIS A 42 -8.88 11.85 -2.28
CA HIS A 42 -9.73 11.47 -1.17
C HIS A 42 -8.92 10.81 -0.05
N GLY A 43 -8.03 9.91 -0.44
CA GLY A 43 -7.21 9.22 0.54
C GLY A 43 -6.15 8.35 -0.10
N PHE A 44 -5.87 7.21 0.52
CA PHE A 44 -4.87 6.28 0.00
C PHE A 44 -5.24 4.84 0.35
N TYR A 45 -5.35 4.00 -0.67
CA TYR A 45 -5.69 2.59 -0.47
C TYR A 45 -4.45 1.72 -0.48
N ILE A 46 -4.37 0.77 0.44
CA ILE A 46 -3.24 -0.14 0.53
C ILE A 46 -3.69 -1.59 0.49
N TYR A 47 -3.20 -2.32 -0.51
CA TYR A 47 -3.56 -3.73 -0.66
C TYR A 47 -2.40 -4.63 -0.22
N TYR A 48 -2.73 -5.70 0.49
CA TYR A 48 -1.72 -6.64 0.97
C TYR A 48 -2.28 -8.06 1.03
N ARG A 49 -1.42 -9.04 0.77
CA ARG A 49 -1.83 -10.43 0.79
C ARG A 49 -0.62 -11.35 0.86
N PRO A 50 -0.74 -12.46 1.62
CA PRO A 50 0.33 -13.44 1.78
C PRO A 50 0.59 -14.22 0.50
N THR A 51 1.85 -14.56 0.26
CA THR A 51 2.24 -15.30 -0.93
C THR A 51 1.42 -16.59 -1.05
N ASP A 52 1.02 -17.14 0.08
CA ASP A 52 0.23 -18.37 0.10
C ASP A 52 -1.14 -18.13 -0.49
N SER A 53 -1.60 -16.88 -0.45
CA SER A 53 -2.91 -16.52 -0.98
C SER A 53 -3.13 -17.14 -2.36
N ASP A 54 -4.35 -17.01 -2.86
CA ASP A 54 -4.69 -17.55 -4.17
C ASP A 54 -4.36 -16.56 -5.28
N ASN A 55 -5.10 -15.45 -5.32
CA ASN A 55 -4.88 -14.42 -6.33
C ASN A 55 -5.20 -13.04 -5.78
N ASP A 56 -5.10 -12.03 -6.63
CA ASP A 56 -5.38 -10.66 -6.22
C ASP A 56 -6.72 -10.56 -5.51
N SER A 57 -7.61 -11.51 -5.81
CA SER A 57 -8.94 -11.53 -5.20
C SER A 57 -8.84 -11.47 -3.68
N ASP A 58 -7.65 -11.75 -3.16
CA ASP A 58 -7.41 -11.72 -1.72
C ASP A 58 -6.92 -10.36 -1.26
N TYR A 59 -6.09 -9.73 -2.09
CA TYR A 59 -5.55 -8.42 -1.77
C TYR A 59 -6.56 -7.57 -1.00
N LYS A 60 -6.18 -7.16 0.21
CA LYS A 60 -7.06 -6.36 1.05
C LYS A 60 -7.05 -4.90 0.59
N LYS A 61 -7.72 -4.04 1.36
CA LYS A 61 -7.79 -2.62 1.03
C LYS A 61 -7.84 -1.78 2.30
N ASP A 62 -6.73 -1.13 2.62
CA ASP A 62 -6.65 -0.29 3.81
C ASP A 62 -6.56 1.18 3.42
N MET A 63 -7.65 1.92 3.62
CA MET A 63 -7.69 3.33 3.29
C MET A 63 -6.85 4.14 4.28
N VAL A 64 -6.37 5.29 3.82
CA VAL A 64 -5.55 6.16 4.66
C VAL A 64 -5.80 7.63 4.34
N GLU A 65 -5.79 8.47 5.37
CA GLU A 65 -6.01 9.90 5.20
C GLU A 65 -5.26 10.42 3.98
N GLY A 66 -5.88 11.35 3.25
CA GLY A 66 -5.25 11.92 2.08
C GLY A 66 -4.01 12.72 2.41
N ASP A 67 -3.98 13.29 3.61
CA ASP A 67 -2.84 14.08 4.06
C ASP A 67 -1.76 13.19 4.66
N ARG A 68 -2.09 11.92 4.88
CA ARG A 68 -1.15 10.97 5.46
C ARG A 68 -0.41 10.21 4.37
N TYR A 69 0.91 10.17 4.47
CA TYR A 69 1.73 9.47 3.48
C TYR A 69 2.39 8.23 4.10
N TRP A 70 1.93 7.87 5.29
CA TRP A 70 2.47 6.70 5.99
C TRP A 70 1.36 5.87 6.60
N HIS A 71 1.54 4.56 6.61
CA HIS A 71 0.55 3.65 7.17
C HIS A 71 1.20 2.37 7.70
N SER A 72 0.52 1.70 8.61
CA SER A 72 1.05 0.47 9.20
C SER A 72 0.03 -0.66 9.09
N ILE A 73 0.35 -1.66 8.29
CA ILE A 73 -0.54 -2.80 8.10
C ILE A 73 -0.48 -3.75 9.29
N SER A 74 -1.56 -4.48 9.51
CA SER A 74 -1.64 -5.42 10.62
C SER A 74 -2.42 -6.68 10.22
N HIS A 75 -2.50 -7.63 11.14
CA HIS A 75 -3.22 -8.88 10.89
C HIS A 75 -2.55 -9.67 9.76
N LEU A 76 -1.22 -9.79 9.82
CA LEU A 76 -0.47 -10.51 8.81
C LEU A 76 0.18 -11.76 9.41
N GLN A 77 0.98 -12.44 8.60
CA GLN A 77 1.67 -13.65 9.04
C GLN A 77 3.11 -13.36 9.41
N PRO A 78 3.61 -14.04 10.46
CA PRO A 78 4.99 -13.86 10.93
C PRO A 78 6.02 -14.41 9.94
N GLU A 79 7.19 -13.81 9.92
CA GLU A 79 8.26 -14.23 9.04
C GLU A 79 7.70 -14.73 7.71
N THR A 80 6.75 -13.98 7.16
CA THR A 80 6.12 -14.35 5.89
C THR A 80 6.40 -13.30 4.82
N SER A 81 7.22 -13.67 3.84
CA SER A 81 7.58 -12.76 2.77
C SER A 81 6.47 -12.71 1.71
N TYR A 82 5.77 -11.59 1.63
CA TYR A 82 4.69 -11.42 0.68
C TYR A 82 4.78 -10.07 -0.02
N ASP A 83 4.24 -9.99 -1.24
CA ASP A 83 4.26 -8.76 -2.00
C ASP A 83 3.31 -7.73 -1.41
N ILE A 84 3.65 -6.45 -1.56
CA ILE A 84 2.82 -5.37 -1.04
C ILE A 84 2.72 -4.23 -2.05
N LYS A 85 1.50 -3.71 -2.22
CA LYS A 85 1.27 -2.62 -3.15
C LYS A 85 0.14 -1.72 -2.65
N MET A 86 0.01 -0.55 -3.26
CA MET A 86 -1.03 0.40 -2.88
C MET A 86 -1.48 1.23 -4.09
N GLN A 87 -2.48 2.08 -3.87
CA GLN A 87 -2.99 2.93 -4.94
C GLN A 87 -3.87 4.04 -4.37
N CYS A 88 -3.76 5.23 -4.95
CA CYS A 88 -4.55 6.37 -4.51
C CYS A 88 -5.84 6.49 -5.31
N PHE A 89 -6.80 7.22 -4.76
CA PHE A 89 -8.09 7.41 -5.43
C PHE A 89 -8.69 8.76 -5.08
N ASN A 90 -9.66 9.20 -5.87
CA ASN A 90 -10.32 10.48 -5.65
C ASN A 90 -11.65 10.55 -6.39
N GLU A 91 -12.42 11.60 -6.12
CA GLU A 91 -13.71 11.78 -6.76
C GLU A 91 -13.65 11.39 -8.24
N GLY A 92 -12.52 11.67 -8.87
CA GLY A 92 -12.36 11.34 -10.28
C GLY A 92 -12.29 9.84 -10.50
N GLY A 93 -11.52 9.15 -9.68
CA GLY A 93 -11.38 7.71 -9.81
C GLY A 93 -10.12 7.18 -9.17
N GLU A 94 -9.85 5.89 -9.37
CA GLU A 94 -8.66 5.26 -8.80
C GLU A 94 -7.47 5.41 -9.74
N SER A 95 -6.30 5.65 -9.15
CA SER A 95 -5.07 5.82 -9.93
C SER A 95 -4.50 4.47 -10.32
N GLU A 96 -3.34 4.49 -10.97
CA GLU A 96 -2.68 3.27 -11.40
C GLU A 96 -2.20 2.45 -10.20
N PHE A 97 -1.91 1.18 -10.43
CA PHE A 97 -1.44 0.30 -9.37
C PHE A 97 0.03 0.57 -9.06
N SER A 98 0.29 1.06 -7.85
CA SER A 98 1.65 1.36 -7.42
C SER A 98 2.56 0.15 -7.61
N ASN A 99 3.87 0.38 -7.53
CA ASN A 99 4.85 -0.68 -7.69
C ASN A 99 4.60 -1.80 -6.69
N VAL A 100 5.37 -2.88 -6.81
CA VAL A 100 5.24 -4.01 -5.90
C VAL A 100 6.45 -4.13 -4.99
N MET A 101 6.25 -3.89 -3.70
CA MET A 101 7.33 -3.98 -2.72
C MET A 101 7.18 -5.23 -1.86
N ILE A 102 8.27 -5.97 -1.71
CA ILE A 102 8.26 -7.19 -0.91
C ILE A 102 8.88 -6.95 0.46
N CYS A 103 8.03 -6.78 1.48
CA CYS A 103 8.50 -6.54 2.83
C CYS A 103 8.26 -7.76 3.72
N GLU A 104 9.34 -8.40 4.15
CA GLU A 104 9.24 -9.58 5.00
C GLU A 104 8.99 -9.19 6.45
N THR A 105 7.93 -9.77 7.03
CA THR A 105 7.57 -9.48 8.42
C THR A 105 8.63 -9.98 9.38
N LYS A 106 8.41 -9.75 10.67
CA LYS A 106 9.36 -10.18 11.70
C LYS A 106 8.99 -11.56 12.22
N ALA A 107 9.99 -12.28 12.72
CA ALA A 107 9.77 -13.62 13.26
C ALA A 107 8.97 -13.56 14.56
N ARG A 108 8.00 -14.46 14.68
CA ARG A 108 7.15 -14.52 15.87
C ARG A 108 7.89 -15.16 17.04
N SER A 109 9.18 -15.42 16.85
CA SER A 109 10.01 -16.03 17.88
C SER A 109 9.81 -15.32 19.21
N GLY A 110 9.30 -16.06 20.20
CA GLY A 110 9.08 -15.48 21.51
C GLY A 110 7.62 -15.47 21.91
N PRO A 111 7.35 -15.39 23.22
CA PRO A 111 5.99 -15.38 23.75
C PRO A 111 5.25 -14.08 23.42
N SER A 112 4.04 -13.95 23.95
CA SER A 112 3.23 -12.77 23.71
C SER A 112 3.69 -11.60 24.57
N SER A 113 3.71 -11.82 25.88
CA SER A 113 4.14 -10.78 26.82
C SER A 113 4.23 -11.33 28.24
N GLY A 114 4.84 -10.56 29.13
CA GLY A 114 4.98 -10.99 30.51
C GLY A 114 3.75 -10.68 31.34
N GLY A 1 -9.57 20.23 -25.49
CA GLY A 1 -8.81 19.07 -25.05
C GLY A 1 -9.61 17.78 -25.11
N SER A 2 -9.84 17.17 -23.96
CA SER A 2 -10.60 15.93 -23.89
C SER A 2 -11.71 16.03 -22.85
N SER A 3 -12.87 15.47 -23.18
CA SER A 3 -14.02 15.50 -22.28
C SER A 3 -14.21 14.16 -21.59
N GLY A 4 -14.38 14.18 -20.28
CA GLY A 4 -14.57 12.96 -19.52
C GLY A 4 -14.04 13.07 -18.10
N SER A 5 -14.24 12.00 -17.32
CA SER A 5 -13.78 11.99 -15.94
C SER A 5 -12.30 12.33 -15.84
N SER A 6 -11.96 13.19 -14.89
CA SER A 6 -10.58 13.61 -14.70
C SER A 6 -10.10 13.25 -13.29
N GLY A 7 -9.19 12.27 -13.22
CA GLY A 7 -8.67 11.85 -11.93
C GLY A 7 -7.17 11.59 -11.98
N PRO A 8 -6.59 11.28 -10.82
CA PRO A 8 -5.15 10.99 -10.70
C PRO A 8 -4.78 9.67 -11.36
N VAL A 9 -3.58 9.62 -11.94
CA VAL A 9 -3.09 8.41 -12.59
C VAL A 9 -1.66 8.08 -12.16
N ALA A 10 -0.84 9.12 -12.04
CA ALA A 10 0.55 8.94 -11.63
C ALA A 10 0.66 7.93 -10.49
N GLY A 11 -0.32 7.95 -9.59
CA GLY A 11 -0.31 7.04 -8.46
C GLY A 11 0.92 7.20 -7.59
N PRO A 12 0.76 6.93 -6.28
CA PRO A 12 1.86 7.04 -5.32
C PRO A 12 2.92 5.97 -5.53
N TYR A 13 4.15 6.26 -5.11
CA TYR A 13 5.25 5.33 -5.26
C TYR A 13 5.89 5.03 -3.90
N ILE A 14 5.91 3.76 -3.53
CA ILE A 14 6.49 3.35 -2.26
C ILE A 14 8.01 3.48 -2.27
N THR A 15 8.55 4.24 -1.34
CA THR A 15 9.99 4.45 -1.25
C THR A 15 10.52 4.00 0.10
N PHE A 16 9.66 3.39 0.91
CA PHE A 16 10.04 2.90 2.23
C PHE A 16 9.18 1.73 2.65
N THR A 17 9.82 0.62 3.02
CA THR A 17 9.11 -0.57 3.44
C THR A 17 9.87 -1.31 4.55
N ASP A 18 9.32 -1.28 5.76
CA ASP A 18 9.94 -1.94 6.90
C ASP A 18 8.90 -2.65 7.75
N ALA A 19 9.31 -3.73 8.39
CA ALA A 19 8.41 -4.49 9.25
C ALA A 19 8.46 -4.00 10.69
N VAL A 20 7.33 -3.52 11.19
CA VAL A 20 7.24 -3.00 12.55
C VAL A 20 7.19 -4.15 13.56
N ASN A 21 6.70 -5.30 13.11
CA ASN A 21 6.59 -6.48 13.98
C ASN A 21 6.34 -7.73 13.16
N GLU A 22 6.11 -8.85 13.85
CA GLU A 22 5.85 -10.12 13.19
C GLU A 22 4.47 -10.12 12.54
N THR A 23 3.60 -9.25 13.04
CA THR A 23 2.24 -9.16 12.52
C THR A 23 1.91 -7.72 12.11
N THR A 24 2.94 -6.89 12.00
CA THR A 24 2.76 -5.50 11.63
C THR A 24 3.83 -5.04 10.65
N ILE A 25 3.45 -4.16 9.72
CA ILE A 25 4.39 -3.66 8.72
C ILE A 25 4.15 -2.18 8.45
N MET A 26 5.23 -1.41 8.40
CA MET A 26 5.13 0.03 8.14
C MET A 26 5.71 0.37 6.76
N LEU A 27 4.94 1.12 5.98
CA LEU A 27 5.37 1.51 4.63
C LEU A 27 5.01 2.97 4.35
N LYS A 28 5.91 3.67 3.67
CA LYS A 28 5.69 5.07 3.33
C LYS A 28 5.77 5.29 1.82
N TRP A 29 4.81 6.04 1.28
CA TRP A 29 4.79 6.32 -0.15
C TRP A 29 5.04 7.80 -0.42
N MET A 30 5.27 8.13 -1.68
CA MET A 30 5.54 9.52 -2.07
C MET A 30 4.55 9.97 -3.14
N TYR A 31 4.50 11.28 -3.35
CA TYR A 31 3.59 11.85 -4.35
C TYR A 31 4.36 12.68 -5.38
N ILE A 32 3.87 12.69 -6.61
CA ILE A 32 4.51 13.43 -7.69
C ILE A 32 3.55 14.42 -8.32
N PRO A 33 3.62 15.69 -7.86
CA PRO A 33 2.76 16.76 -8.37
C PRO A 33 3.10 17.15 -9.80
N ALA A 34 4.19 16.59 -10.32
CA ALA A 34 4.62 16.88 -11.68
C ALA A 34 3.70 16.24 -12.70
N SER A 35 3.81 14.92 -12.84
CA SER A 35 2.98 14.17 -13.78
C SER A 35 1.57 13.98 -13.24
N ASN A 36 0.95 15.07 -12.79
CA ASN A 36 -0.39 15.02 -12.24
C ASN A 36 -1.32 15.98 -12.98
N ASN A 37 -2.62 15.71 -12.93
CA ASN A 37 -3.61 16.54 -13.60
C ASN A 37 -4.06 17.68 -12.69
N ASN A 38 -3.32 17.88 -11.60
CA ASN A 38 -3.64 18.94 -10.65
C ASN A 38 -5.02 18.71 -10.01
N THR A 39 -5.23 17.50 -9.49
CA THR A 39 -6.49 17.14 -8.86
C THR A 39 -6.28 16.66 -7.43
N PRO A 40 -7.19 17.05 -6.54
CA PRO A 40 -7.13 16.65 -5.12
C PRO A 40 -7.43 15.18 -4.91
N ILE A 41 -6.81 14.59 -3.90
CA ILE A 41 -7.02 13.17 -3.60
C ILE A 41 -7.87 13.00 -2.34
N HIS A 42 -8.74 12.00 -2.37
CA HIS A 42 -9.62 11.72 -1.23
C HIS A 42 -8.84 11.03 -0.11
N GLY A 43 -7.98 10.11 -0.48
CA GLY A 43 -7.19 9.38 0.50
C GLY A 43 -6.12 8.52 -0.13
N PHE A 44 -5.83 7.38 0.51
CA PHE A 44 -4.82 6.46 0.00
C PHE A 44 -5.19 5.02 0.33
N TYR A 45 -5.29 4.19 -0.72
CA TYR A 45 -5.64 2.79 -0.55
C TYR A 45 -4.40 1.92 -0.51
N ILE A 46 -4.43 0.88 0.33
CA ILE A 46 -3.30 -0.03 0.45
C ILE A 46 -3.76 -1.48 0.39
N TYR A 47 -3.15 -2.25 -0.51
CA TYR A 47 -3.49 -3.66 -0.66
C TYR A 47 -2.36 -4.56 -0.18
N TYR A 48 -2.72 -5.69 0.41
CA TYR A 48 -1.73 -6.64 0.92
C TYR A 48 -2.30 -8.05 0.95
N ARG A 49 -1.42 -9.04 0.77
CA ARG A 49 -1.84 -10.43 0.78
C ARG A 49 -0.62 -11.36 0.86
N PRO A 50 -0.74 -12.42 1.67
CA PRO A 50 0.35 -13.40 1.85
C PRO A 50 0.57 -14.25 0.60
N THR A 51 1.82 -14.61 0.34
CA THR A 51 2.16 -15.42 -0.82
C THR A 51 1.38 -16.73 -0.82
N ASP A 52 0.89 -17.13 0.34
CA ASP A 52 0.12 -18.36 0.48
C ASP A 52 -1.25 -18.22 -0.18
N SER A 53 -1.69 -16.99 -0.36
CA SER A 53 -2.99 -16.71 -0.98
C SER A 53 -3.10 -17.43 -2.32
N ASP A 54 -4.26 -17.29 -2.96
CA ASP A 54 -4.50 -17.92 -4.26
C ASP A 54 -4.32 -16.92 -5.39
N ASN A 55 -4.98 -15.77 -5.27
CA ASN A 55 -4.90 -14.74 -6.28
C ASN A 55 -5.26 -13.36 -5.70
N ASP A 56 -5.15 -12.33 -6.53
CA ASP A 56 -5.48 -10.97 -6.10
C ASP A 56 -6.81 -10.94 -5.36
N SER A 57 -7.63 -11.96 -5.59
CA SER A 57 -8.95 -12.05 -4.96
C SER A 57 -8.82 -11.91 -3.44
N ASP A 58 -7.61 -12.07 -2.94
CA ASP A 58 -7.36 -11.97 -1.50
C ASP A 58 -6.90 -10.57 -1.12
N TYR A 59 -6.16 -9.94 -2.02
CA TYR A 59 -5.66 -8.58 -1.78
C TYR A 59 -6.71 -7.73 -1.08
N LYS A 60 -6.36 -7.22 0.10
CA LYS A 60 -7.26 -6.39 0.88
C LYS A 60 -7.16 -4.92 0.46
N LYS A 61 -7.87 -4.06 1.17
CA LYS A 61 -7.85 -2.62 0.87
C LYS A 61 -8.00 -1.81 2.15
N ASP A 62 -7.01 -0.98 2.44
CA ASP A 62 -7.04 -0.14 3.63
C ASP A 62 -6.88 1.33 3.25
N MET A 63 -7.97 2.10 3.39
CA MET A 63 -7.96 3.52 3.06
C MET A 63 -7.16 4.30 4.10
N VAL A 64 -6.58 5.42 3.67
CA VAL A 64 -5.78 6.26 4.56
C VAL A 64 -6.02 7.74 4.26
N GLU A 65 -6.02 8.55 5.32
CA GLU A 65 -6.22 9.99 5.18
C GLU A 65 -5.44 10.53 3.98
N GLY A 66 -6.02 11.52 3.30
CA GLY A 66 -5.37 12.11 2.15
C GLY A 66 -4.09 12.85 2.52
N ASP A 67 -4.03 13.32 3.77
CA ASP A 67 -2.86 14.04 4.24
C ASP A 67 -1.83 13.09 4.83
N ARG A 68 -2.21 11.81 4.95
CA ARG A 68 -1.32 10.80 5.50
C ARG A 68 -0.51 10.13 4.40
N TYR A 69 0.79 10.03 4.61
CA TYR A 69 1.68 9.41 3.63
C TYR A 69 2.33 8.15 4.20
N TRP A 70 1.82 7.70 5.33
CA TRP A 70 2.34 6.50 5.98
C TRP A 70 1.22 5.67 6.59
N HIS A 71 1.41 4.36 6.61
CA HIS A 71 0.41 3.44 7.16
C HIS A 71 1.06 2.19 7.73
N SER A 72 0.47 1.65 8.79
CA SER A 72 1.00 0.46 9.43
C SER A 72 0.01 -0.70 9.32
N ILE A 73 0.30 -1.64 8.43
CA ILE A 73 -0.56 -2.80 8.24
C ILE A 73 -0.44 -3.77 9.41
N SER A 74 -1.56 -4.43 9.72
CA SER A 74 -1.60 -5.39 10.82
C SER A 74 -2.34 -6.66 10.42
N HIS A 75 -2.44 -7.59 11.35
CA HIS A 75 -3.14 -8.85 11.10
C HIS A 75 -2.46 -9.62 9.96
N LEU A 76 -1.14 -9.70 10.01
CA LEU A 76 -0.37 -10.41 8.99
C LEU A 76 0.29 -11.65 9.57
N GLN A 77 1.02 -12.37 8.71
CA GLN A 77 1.70 -13.59 9.14
C GLN A 77 3.16 -13.29 9.49
N PRO A 78 3.67 -14.00 10.52
CA PRO A 78 5.05 -13.82 10.98
C PRO A 78 6.06 -14.36 9.98
N GLU A 79 7.25 -13.78 9.97
CA GLU A 79 8.31 -14.20 9.06
C GLU A 79 7.73 -14.68 7.74
N THR A 80 6.73 -13.96 7.23
CA THR A 80 6.09 -14.31 5.98
C THR A 80 6.42 -13.30 4.89
N SER A 81 7.23 -13.72 3.91
CA SER A 81 7.62 -12.85 2.82
C SER A 81 6.54 -12.80 1.74
N TYR A 82 5.82 -11.69 1.68
CA TYR A 82 4.75 -11.52 0.71
C TYR A 82 4.86 -10.16 0.01
N ASP A 83 4.27 -10.07 -1.17
CA ASP A 83 4.29 -8.82 -1.94
C ASP A 83 3.31 -7.81 -1.37
N ILE A 84 3.62 -6.53 -1.55
CA ILE A 84 2.77 -5.45 -1.05
C ILE A 84 2.70 -4.30 -2.04
N LYS A 85 1.55 -3.65 -2.10
CA LYS A 85 1.36 -2.52 -3.01
C LYS A 85 0.25 -1.60 -2.51
N MET A 86 0.11 -0.44 -3.14
CA MET A 86 -0.91 0.53 -2.75
C MET A 86 -1.33 1.37 -3.95
N GLN A 87 -2.44 2.09 -3.80
CA GLN A 87 -2.95 2.94 -4.87
C GLN A 87 -3.82 4.06 -4.30
N CYS A 88 -3.78 5.22 -4.94
CA CYS A 88 -4.57 6.37 -4.51
C CYS A 88 -5.86 6.49 -5.32
N PHE A 89 -6.79 7.28 -4.82
CA PHE A 89 -8.07 7.48 -5.49
C PHE A 89 -8.71 8.80 -5.07
N ASN A 90 -9.72 9.22 -5.82
CA ASN A 90 -10.42 10.47 -5.53
C ASN A 90 -11.76 10.52 -6.25
N GLU A 91 -12.51 11.60 -6.03
CA GLU A 91 -13.82 11.77 -6.65
C GLU A 91 -13.77 11.37 -8.13
N GLY A 92 -12.65 11.67 -8.78
CA GLY A 92 -12.50 11.34 -10.18
C GLY A 92 -12.43 9.85 -10.42
N GLY A 93 -11.41 9.20 -9.84
CA GLY A 93 -11.25 7.77 -10.01
C GLY A 93 -9.99 7.25 -9.35
N GLU A 94 -9.77 5.94 -9.45
CA GLU A 94 -8.59 5.33 -8.85
C GLU A 94 -7.38 5.48 -9.75
N SER A 95 -6.21 5.66 -9.13
CA SER A 95 -4.97 5.82 -9.89
C SER A 95 -4.36 4.47 -10.23
N GLU A 96 -3.17 4.49 -10.83
CA GLU A 96 -2.48 3.27 -11.21
C GLU A 96 -2.04 2.48 -9.97
N PHE A 97 -1.75 1.20 -10.17
CA PHE A 97 -1.31 0.34 -9.08
C PHE A 97 0.17 0.53 -8.79
N SER A 98 0.47 1.12 -7.64
CA SER A 98 1.85 1.37 -7.24
C SER A 98 2.72 0.14 -7.49
N ASN A 99 4.03 0.32 -7.40
CA ASN A 99 4.97 -0.77 -7.62
C ASN A 99 4.79 -1.86 -6.57
N VAL A 100 5.46 -2.99 -6.77
CA VAL A 100 5.38 -4.11 -5.83
C VAL A 100 6.58 -4.13 -4.90
N MET A 101 6.34 -3.98 -3.60
CA MET A 101 7.40 -3.99 -2.62
C MET A 101 7.31 -5.23 -1.73
N ILE A 102 8.38 -6.03 -1.72
CA ILE A 102 8.42 -7.24 -0.92
C ILE A 102 9.00 -6.96 0.47
N CYS A 103 8.11 -6.87 1.46
CA CYS A 103 8.53 -6.61 2.83
C CYS A 103 8.30 -7.84 3.71
N GLU A 104 9.39 -8.41 4.21
CA GLU A 104 9.31 -9.60 5.06
C GLU A 104 9.02 -9.21 6.51
N THR A 105 7.98 -9.78 7.08
CA THR A 105 7.60 -9.49 8.47
C THR A 105 8.66 -9.99 9.44
N LYS A 106 8.42 -9.78 10.73
CA LYS A 106 9.36 -10.20 11.76
C LYS A 106 9.07 -11.63 12.21
N ALA A 107 10.11 -12.32 12.67
CA ALA A 107 9.97 -13.70 13.12
C ALA A 107 9.22 -13.76 14.45
N ARG A 108 8.31 -14.72 14.57
CA ARG A 108 7.52 -14.88 15.79
C ARG A 108 8.28 -15.71 16.81
N SER A 109 9.60 -15.58 16.82
CA SER A 109 10.44 -16.33 17.75
C SER A 109 11.24 -15.38 18.64
N GLY A 110 11.94 -15.95 19.61
CA GLY A 110 12.73 -15.14 20.53
C GLY A 110 14.21 -15.26 20.26
N PRO A 111 15.01 -14.33 20.82
CA PRO A 111 16.46 -14.32 20.66
C PRO A 111 17.14 -15.46 21.39
N SER A 112 16.36 -16.19 22.18
CA SER A 112 16.89 -17.31 22.95
C SER A 112 17.92 -18.09 22.13
N SER A 113 18.93 -18.61 22.82
CA SER A 113 19.99 -19.37 22.15
C SER A 113 19.40 -20.34 21.14
N GLY A 114 19.97 -20.36 19.94
CA GLY A 114 19.49 -21.25 18.90
C GLY A 114 19.54 -20.62 17.52
N GLY A 1 -10.37 14.06 -20.64
CA GLY A 1 -9.97 15.45 -20.41
C GLY A 1 -8.47 15.60 -20.29
N SER A 2 -7.94 16.67 -20.88
CA SER A 2 -6.51 16.93 -20.84
C SER A 2 -6.01 17.00 -19.41
N SER A 3 -6.53 17.95 -18.64
CA SER A 3 -6.13 18.12 -17.24
C SER A 3 -7.02 17.29 -16.33
N GLY A 4 -6.56 16.10 -15.97
CA GLY A 4 -7.31 15.23 -15.09
C GLY A 4 -7.97 14.08 -15.84
N SER A 5 -7.15 13.27 -16.51
CA SER A 5 -7.66 12.14 -17.27
C SER A 5 -8.25 11.08 -16.34
N SER A 6 -9.54 11.18 -16.10
CA SER A 6 -10.24 10.23 -15.22
C SER A 6 -9.59 10.22 -13.84
N GLY A 7 -9.23 11.39 -13.35
CA GLY A 7 -8.62 11.49 -12.04
C GLY A 7 -7.12 11.33 -12.08
N PRO A 8 -6.49 11.13 -10.92
CA PRO A 8 -5.05 10.95 -10.80
C PRO A 8 -4.57 9.63 -11.39
N VAL A 9 -3.45 9.67 -12.11
CA VAL A 9 -2.89 8.47 -12.72
C VAL A 9 -1.46 8.23 -12.27
N ALA A 10 -0.68 9.31 -12.19
CA ALA A 10 0.71 9.23 -11.77
C ALA A 10 0.89 8.15 -10.72
N GLY A 11 -0.11 7.99 -9.85
CA GLY A 11 -0.03 7.00 -8.80
C GLY A 11 1.16 7.20 -7.88
N PRO A 12 0.98 6.87 -6.59
CA PRO A 12 2.03 7.03 -5.58
C PRO A 12 3.17 6.03 -5.77
N TYR A 13 4.30 6.31 -5.14
CA TYR A 13 5.47 5.44 -5.25
C TYR A 13 6.05 5.15 -3.87
N ILE A 14 6.17 3.87 -3.55
CA ILE A 14 6.72 3.45 -2.27
C ILE A 14 8.24 3.58 -2.25
N THR A 15 8.75 4.30 -1.26
CA THR A 15 10.19 4.51 -1.13
C THR A 15 10.69 4.05 0.24
N PHE A 16 9.80 3.41 1.00
CA PHE A 16 10.15 2.93 2.34
C PHE A 16 9.28 1.74 2.72
N THR A 17 9.92 0.62 3.01
CA THR A 17 9.21 -0.60 3.40
C THR A 17 9.97 -1.36 4.49
N ASP A 18 9.38 -1.40 5.68
CA ASP A 18 9.99 -2.09 6.81
C ASP A 18 8.93 -2.80 7.65
N ALA A 19 9.36 -3.82 8.39
CA ALA A 19 8.45 -4.58 9.23
C ALA A 19 8.45 -4.05 10.66
N VAL A 20 7.31 -3.52 11.09
CA VAL A 20 7.17 -2.97 12.43
C VAL A 20 7.06 -4.08 13.47
N ASN A 21 6.56 -5.23 13.04
CA ASN A 21 6.40 -6.38 13.93
C ASN A 21 6.19 -7.66 13.14
N GLU A 22 6.06 -8.78 13.86
CA GLU A 22 5.87 -10.08 13.22
C GLU A 22 4.54 -10.11 12.45
N THR A 23 3.61 -9.27 12.88
CA THR A 23 2.29 -9.20 12.25
C THR A 23 1.95 -7.78 11.83
N THR A 24 2.97 -6.93 11.78
CA THR A 24 2.79 -5.54 11.39
C THR A 24 3.87 -5.08 10.42
N ILE A 25 3.50 -4.17 9.53
CA ILE A 25 4.45 -3.65 8.54
C ILE A 25 4.17 -2.19 8.23
N MET A 26 5.24 -1.39 8.23
CA MET A 26 5.11 0.04 7.94
C MET A 26 5.70 0.37 6.57
N LEU A 27 4.94 1.11 5.78
CA LEU A 27 5.38 1.50 4.43
C LEU A 27 5.00 2.94 4.14
N LYS A 28 5.95 3.70 3.59
CA LYS A 28 5.71 5.10 3.26
C LYS A 28 5.77 5.31 1.74
N TRP A 29 4.83 6.08 1.23
CA TRP A 29 4.77 6.37 -0.21
C TRP A 29 5.02 7.84 -0.48
N MET A 30 5.41 8.17 -1.71
CA MET A 30 5.68 9.54 -2.09
C MET A 30 4.74 9.98 -3.20
N TYR A 31 4.73 11.28 -3.48
CA TYR A 31 3.87 11.84 -4.52
C TYR A 31 4.64 12.80 -5.42
N ILE A 32 4.47 12.63 -6.73
CA ILE A 32 5.15 13.48 -7.70
C ILE A 32 4.28 14.68 -8.08
N PRO A 33 4.79 15.89 -7.79
CA PRO A 33 4.08 17.14 -8.10
C PRO A 33 4.03 17.41 -9.59
N ALA A 34 5.14 17.20 -10.28
CA ALA A 34 5.21 17.42 -11.72
C ALA A 34 4.06 16.73 -12.44
N SER A 35 4.10 15.39 -12.46
CA SER A 35 3.07 14.61 -13.12
C SER A 35 1.79 14.57 -12.28
N ASN A 36 1.34 15.75 -11.86
CA ASN A 36 0.12 15.86 -11.05
C ASN A 36 -1.01 16.50 -11.84
N ASN A 37 -2.20 15.89 -11.76
CA ASN A 37 -3.36 16.40 -12.47
C ASN A 37 -4.05 17.49 -11.67
N ASN A 38 -3.28 18.17 -10.82
CA ASN A 38 -3.83 19.24 -9.99
C ASN A 38 -5.20 18.86 -9.44
N THR A 39 -5.37 17.58 -9.10
CA THR A 39 -6.62 17.09 -8.56
C THR A 39 -6.47 16.65 -7.10
N PRO A 40 -7.42 17.04 -6.25
CA PRO A 40 -7.42 16.70 -4.83
C PRO A 40 -7.68 15.23 -4.59
N ILE A 41 -6.90 14.61 -3.70
CA ILE A 41 -7.05 13.20 -3.38
C ILE A 41 -7.91 13.02 -2.13
N HIS A 42 -8.84 12.07 -2.20
CA HIS A 42 -9.72 11.78 -1.07
C HIS A 42 -8.96 11.09 0.06
N GLY A 43 -8.08 10.18 -0.31
CA GLY A 43 -7.30 9.45 0.68
C GLY A 43 -6.20 8.60 0.06
N PHE A 44 -6.02 7.40 0.59
CA PHE A 44 -5.00 6.49 0.09
C PHE A 44 -5.36 5.04 0.42
N TYR A 45 -5.41 4.20 -0.61
CA TYR A 45 -5.74 2.79 -0.43
C TYR A 45 -4.48 1.93 -0.45
N ILE A 46 -4.46 0.91 0.39
CA ILE A 46 -3.31 0.01 0.48
C ILE A 46 -3.75 -1.44 0.35
N TYR A 47 -3.12 -2.17 -0.57
CA TYR A 47 -3.44 -3.57 -0.79
C TYR A 47 -2.33 -4.48 -0.26
N TYR A 48 -2.72 -5.64 0.26
CA TYR A 48 -1.76 -6.59 0.80
C TYR A 48 -2.33 -8.00 0.79
N ARG A 49 -1.45 -8.99 0.68
CA ARG A 49 -1.87 -10.39 0.65
C ARG A 49 -0.66 -11.32 0.76
N PRO A 50 -0.83 -12.42 1.51
CA PRO A 50 0.23 -13.42 1.69
C PRO A 50 0.54 -14.20 0.42
N THR A 51 1.80 -14.59 0.26
CA THR A 51 2.22 -15.34 -0.92
C THR A 51 1.43 -16.64 -1.05
N ASP A 52 0.87 -17.11 0.06
CA ASP A 52 0.10 -18.34 0.08
C ASP A 52 -1.28 -18.12 -0.54
N SER A 53 -1.59 -16.85 -0.83
CA SER A 53 -2.89 -16.50 -1.41
C SER A 53 -3.12 -17.24 -2.73
N ASP A 54 -4.25 -16.99 -3.35
CA ASP A 54 -4.59 -17.63 -4.62
C ASP A 54 -4.66 -16.62 -5.74
N ASN A 55 -5.39 -15.53 -5.51
CA ASN A 55 -5.54 -14.47 -6.50
C ASN A 55 -5.99 -13.16 -5.85
N ASP A 56 -6.22 -12.15 -6.68
CA ASP A 56 -6.64 -10.85 -6.18
C ASP A 56 -7.77 -10.99 -5.17
N SER A 57 -8.49 -12.11 -5.24
CA SER A 57 -9.60 -12.37 -4.34
C SER A 57 -9.16 -12.23 -2.88
N ASP A 58 -7.85 -12.23 -2.67
CA ASP A 58 -7.30 -12.09 -1.32
C ASP A 58 -6.92 -10.64 -1.04
N TYR A 59 -6.19 -10.02 -1.95
CA TYR A 59 -5.76 -8.64 -1.80
C TYR A 59 -6.82 -7.82 -1.07
N LYS A 60 -6.40 -7.13 -0.01
CA LYS A 60 -7.32 -6.30 0.77
C LYS A 60 -7.17 -4.84 0.41
N LYS A 61 -7.87 -3.97 1.13
CA LYS A 61 -7.83 -2.54 0.89
C LYS A 61 -8.00 -1.76 2.19
N ASP A 62 -7.03 -0.90 2.49
CA ASP A 62 -7.08 -0.09 3.70
C ASP A 62 -7.09 1.39 3.37
N MET A 63 -8.19 2.07 3.67
CA MET A 63 -8.32 3.49 3.40
C MET A 63 -7.49 4.31 4.39
N VAL A 64 -6.76 5.29 3.87
CA VAL A 64 -5.92 6.15 4.71
C VAL A 64 -6.15 7.61 4.38
N GLU A 65 -5.97 8.48 5.39
CA GLU A 65 -6.15 9.91 5.20
C GLU A 65 -5.40 10.40 3.97
N GLY A 66 -5.94 11.45 3.34
CA GLY A 66 -5.31 11.99 2.15
C GLY A 66 -4.03 12.73 2.45
N ASP A 67 -3.96 13.33 3.64
CA ASP A 67 -2.79 14.08 4.06
C ASP A 67 -1.72 13.14 4.62
N ARG A 68 -2.11 11.89 4.86
CA ARG A 68 -1.19 10.90 5.40
C ARG A 68 -0.44 10.19 4.29
N TYR A 69 0.89 10.11 4.43
CA TYR A 69 1.72 9.46 3.43
C TYR A 69 2.38 8.21 4.00
N TRP A 70 1.87 7.76 5.13
CA TRP A 70 2.41 6.56 5.79
C TRP A 70 1.29 5.76 6.44
N HIS A 71 1.46 4.43 6.47
CA HIS A 71 0.47 3.55 7.08
C HIS A 71 1.14 2.31 7.67
N SER A 72 0.49 1.72 8.67
CA SER A 72 1.03 0.53 9.33
C SER A 72 0.03 -0.62 9.26
N ILE A 73 0.31 -1.59 8.39
CA ILE A 73 -0.56 -2.74 8.23
C ILE A 73 -0.47 -3.67 9.44
N SER A 74 -1.51 -4.48 9.63
CA SER A 74 -1.54 -5.41 10.75
C SER A 74 -2.31 -6.68 10.38
N HIS A 75 -2.40 -7.61 11.33
CA HIS A 75 -3.12 -8.86 11.09
C HIS A 75 -2.49 -9.64 9.94
N LEU A 76 -1.16 -9.74 9.96
CA LEU A 76 -0.44 -10.46 8.92
C LEU A 76 0.20 -11.73 9.47
N GLN A 77 0.96 -12.41 8.62
CA GLN A 77 1.64 -13.65 9.04
C GLN A 77 3.08 -13.38 9.41
N PRO A 78 3.58 -14.09 10.44
CA PRO A 78 4.95 -13.93 10.92
C PRO A 78 5.98 -14.49 9.93
N GLU A 79 7.16 -13.90 9.92
CA GLU A 79 8.23 -14.32 9.03
C GLU A 79 7.66 -14.79 7.69
N THR A 80 6.68 -14.05 7.18
CA THR A 80 6.05 -14.37 5.91
C THR A 80 6.40 -13.34 4.84
N SER A 81 7.20 -13.76 3.87
CA SER A 81 7.61 -12.88 2.78
C SER A 81 6.53 -12.81 1.70
N TYR A 82 5.77 -11.72 1.69
CA TYR A 82 4.70 -11.52 0.71
C TYR A 82 4.82 -10.16 0.05
N ASP A 83 4.30 -10.07 -1.17
CA ASP A 83 4.33 -8.81 -1.92
C ASP A 83 3.39 -7.79 -1.31
N ILE A 84 3.72 -6.52 -1.47
CA ILE A 84 2.91 -5.43 -0.93
C ILE A 84 2.82 -4.27 -1.92
N LYS A 85 1.61 -3.74 -2.09
CA LYS A 85 1.39 -2.62 -3.00
C LYS A 85 0.22 -1.76 -2.52
N MET A 86 0.11 -0.56 -3.08
CA MET A 86 -0.97 0.35 -2.72
C MET A 86 -1.38 1.22 -3.92
N GLN A 87 -2.45 1.99 -3.75
CA GLN A 87 -2.93 2.85 -4.81
C GLN A 87 -3.79 3.98 -4.24
N CYS A 88 -3.80 5.11 -4.94
CA CYS A 88 -4.57 6.27 -4.50
C CYS A 88 -5.89 6.38 -5.27
N PHE A 89 -6.77 7.25 -4.81
CA PHE A 89 -8.06 7.44 -5.46
C PHE A 89 -8.64 8.81 -5.12
N ASN A 90 -9.59 9.27 -5.93
CA ASN A 90 -10.22 10.57 -5.73
C ASN A 90 -11.64 10.58 -6.30
N GLU A 91 -12.41 11.60 -5.91
CA GLU A 91 -13.79 11.72 -6.38
C GLU A 91 -13.93 11.23 -7.82
N GLY A 92 -12.91 11.52 -8.63
CA GLY A 92 -12.93 11.11 -10.02
C GLY A 92 -12.81 9.61 -10.19
N GLY A 93 -11.70 9.05 -9.71
CA GLY A 93 -11.49 7.63 -9.82
C GLY A 93 -10.14 7.20 -9.29
N GLU A 94 -9.94 5.89 -9.15
CA GLU A 94 -8.68 5.35 -8.65
C GLU A 94 -7.54 5.62 -9.63
N SER A 95 -6.33 5.68 -9.11
CA SER A 95 -5.15 5.93 -9.95
C SER A 95 -4.47 4.62 -10.33
N GLU A 96 -3.32 4.73 -11.00
CA GLU A 96 -2.58 3.56 -11.43
C GLU A 96 -2.10 2.75 -10.23
N PHE A 97 -1.71 1.50 -10.47
CA PHE A 97 -1.23 0.63 -9.41
C PHE A 97 0.24 0.89 -9.10
N SER A 98 0.55 1.08 -7.83
CA SER A 98 1.91 1.35 -7.40
C SER A 98 2.81 0.15 -7.66
N ASN A 99 4.08 0.28 -7.30
CA ASN A 99 5.05 -0.79 -7.49
C ASN A 99 4.82 -1.92 -6.49
N VAL A 100 5.57 -3.01 -6.66
CA VAL A 100 5.44 -4.16 -5.77
C VAL A 100 6.66 -4.28 -4.85
N MET A 101 6.46 -4.00 -3.57
CA MET A 101 7.53 -4.08 -2.59
C MET A 101 7.38 -5.31 -1.71
N ILE A 102 8.47 -6.06 -1.56
CA ILE A 102 8.46 -7.27 -0.75
C ILE A 102 9.02 -7.00 0.65
N CYS A 103 8.13 -6.83 1.62
CA CYS A 103 8.53 -6.57 2.99
C CYS A 103 8.31 -7.80 3.87
N GLU A 104 9.40 -8.49 4.19
CA GLU A 104 9.32 -9.68 5.03
C GLU A 104 9.04 -9.31 6.48
N THR A 105 7.98 -9.89 7.04
CA THR A 105 7.60 -9.62 8.42
C THR A 105 8.65 -10.16 9.39
N LYS A 106 8.41 -9.96 10.68
CA LYS A 106 9.33 -10.43 11.72
C LYS A 106 8.94 -11.83 12.18
N ALA A 107 9.93 -12.58 12.68
CA ALA A 107 9.69 -13.93 13.17
C ALA A 107 8.89 -13.91 14.48
N ARG A 108 7.85 -14.73 14.53
CA ARG A 108 7.01 -14.80 15.72
C ARG A 108 7.80 -15.33 16.92
N SER A 109 8.24 -14.42 17.78
CA SER A 109 9.00 -14.80 18.96
C SER A 109 8.10 -14.95 20.18
N GLY A 110 8.47 -15.84 21.09
CA GLY A 110 7.68 -16.07 22.28
C GLY A 110 8.45 -16.82 23.35
N PRO A 111 8.05 -16.63 24.62
CA PRO A 111 8.69 -17.29 25.75
C PRO A 111 8.41 -18.79 25.79
N SER A 112 7.45 -19.23 24.97
CA SER A 112 7.10 -20.64 24.91
C SER A 112 8.34 -21.52 24.83
N SER A 113 8.29 -22.67 25.49
CA SER A 113 9.41 -23.60 25.50
C SER A 113 9.07 -24.87 24.72
N GLY A 114 7.89 -25.42 24.98
CA GLY A 114 7.47 -26.62 24.30
C GLY A 114 6.22 -26.41 23.46
N GLY A 1 -19.37 7.79 -24.91
CA GLY A 1 -18.19 7.24 -24.27
C GLY A 1 -17.10 8.27 -24.09
N SER A 2 -17.42 9.36 -23.38
CA SER A 2 -16.46 10.43 -23.14
C SER A 2 -15.12 9.86 -22.67
N SER A 3 -14.14 9.85 -23.56
CA SER A 3 -12.80 9.34 -23.24
C SER A 3 -11.98 10.39 -22.50
N GLY A 4 -10.94 9.93 -21.82
CA GLY A 4 -10.08 10.86 -21.08
C GLY A 4 -9.18 10.14 -20.10
N SER A 5 -9.23 10.56 -18.84
CA SER A 5 -8.41 9.95 -17.80
C SER A 5 -9.14 9.95 -16.46
N SER A 6 -8.97 8.87 -15.70
CA SER A 6 -9.62 8.75 -14.40
C SER A 6 -8.83 9.49 -13.32
N GLY A 7 -9.16 10.76 -13.14
CA GLY A 7 -8.47 11.57 -12.15
C GLY A 7 -6.99 11.32 -12.12
N PRO A 8 -6.44 11.10 -10.92
CA PRO A 8 -5.01 10.85 -10.73
C PRO A 8 -4.59 9.48 -11.27
N VAL A 9 -3.45 9.45 -11.97
CA VAL A 9 -2.94 8.21 -12.54
C VAL A 9 -1.54 7.90 -12.04
N ALA A 10 -0.70 8.94 -11.99
CA ALA A 10 0.67 8.78 -11.52
C ALA A 10 0.74 7.83 -10.33
N GLY A 11 -0.25 7.93 -9.45
CA GLY A 11 -0.28 7.06 -8.27
C GLY A 11 0.96 7.22 -7.41
N PRO A 12 0.82 6.92 -6.11
CA PRO A 12 1.93 7.01 -5.15
C PRO A 12 2.99 5.95 -5.38
N TYR A 13 4.20 6.19 -4.86
CA TYR A 13 5.29 5.26 -5.02
C TYR A 13 5.94 4.95 -3.67
N ILE A 14 5.89 3.69 -3.27
CA ILE A 14 6.47 3.27 -2.00
C ILE A 14 7.98 3.39 -2.02
N THR A 15 8.52 4.30 -1.20
CA THR A 15 9.95 4.51 -1.13
C THR A 15 10.51 4.02 0.20
N PHE A 16 9.68 3.33 0.97
CA PHE A 16 10.09 2.81 2.27
C PHE A 16 9.23 1.62 2.68
N THR A 17 9.86 0.50 2.97
CA THR A 17 9.15 -0.70 3.38
C THR A 17 9.89 -1.44 4.49
N ASP A 18 9.32 -1.42 5.69
CA ASP A 18 9.92 -2.08 6.84
C ASP A 18 8.87 -2.82 7.65
N ALA A 19 9.31 -3.80 8.43
CA ALA A 19 8.40 -4.58 9.27
C ALA A 19 8.43 -4.09 10.71
N VAL A 20 7.38 -3.39 11.12
CA VAL A 20 7.27 -2.88 12.48
C VAL A 20 7.17 -4.01 13.49
N ASN A 21 6.67 -5.16 13.05
CA ASN A 21 6.52 -6.31 13.93
C ASN A 21 6.29 -7.58 13.10
N GLU A 22 6.15 -8.71 13.80
CA GLU A 22 5.93 -9.98 13.14
C GLU A 22 4.60 -9.98 12.39
N THR A 23 3.64 -9.23 12.91
CA THR A 23 2.32 -9.14 12.30
C THR A 23 1.99 -7.71 11.90
N THR A 24 3.02 -6.88 11.80
CA THR A 24 2.84 -5.48 11.42
C THR A 24 3.92 -5.04 10.44
N ILE A 25 3.58 -4.08 9.60
CA ILE A 25 4.52 -3.56 8.60
C ILE A 25 4.27 -2.07 8.34
N MET A 26 5.34 -1.30 8.31
CA MET A 26 5.25 0.13 8.06
C MET A 26 5.82 0.48 6.68
N LEU A 27 4.97 1.05 5.83
CA LEU A 27 5.38 1.43 4.49
C LEU A 27 5.03 2.90 4.20
N LYS A 28 5.97 3.60 3.59
CA LYS A 28 5.76 5.02 3.25
C LYS A 28 5.80 5.23 1.74
N TRP A 29 4.90 6.06 1.24
CA TRP A 29 4.84 6.36 -0.18
C TRP A 29 5.05 7.85 -0.45
N MET A 30 5.42 8.18 -1.68
CA MET A 30 5.66 9.57 -2.06
C MET A 30 4.70 10.00 -3.16
N TYR A 31 4.57 11.30 -3.34
CA TYR A 31 3.68 11.85 -4.36
C TYR A 31 4.46 12.72 -5.35
N ILE A 32 4.20 12.51 -6.64
CA ILE A 32 4.87 13.27 -7.68
C ILE A 32 3.95 14.35 -8.25
N PRO A 33 4.12 15.58 -7.75
CA PRO A 33 3.32 16.73 -8.19
C PRO A 33 3.65 17.16 -9.62
N ALA A 34 4.89 16.90 -10.04
CA ALA A 34 5.34 17.26 -11.37
C ALA A 34 4.42 16.66 -12.43
N SER A 35 4.41 15.32 -12.51
CA SER A 35 3.59 14.62 -13.50
C SER A 35 2.18 14.40 -12.95
N ASN A 36 1.66 15.40 -12.25
CA ASN A 36 0.32 15.32 -11.67
C ASN A 36 -0.62 16.30 -12.35
N ASN A 37 -1.92 16.08 -12.18
CA ASN A 37 -2.93 16.95 -12.78
C ASN A 37 -3.48 17.93 -11.75
N ASN A 38 -2.66 18.25 -10.76
CA ASN A 38 -3.07 19.18 -9.70
C ASN A 38 -4.49 18.91 -9.25
N THR A 39 -4.80 17.63 -9.02
CA THR A 39 -6.13 17.24 -8.58
C THR A 39 -6.11 16.73 -7.14
N PRO A 40 -7.15 17.10 -6.37
CA PRO A 40 -7.27 16.69 -4.96
C PRO A 40 -7.55 15.19 -4.82
N ILE A 41 -6.91 14.57 -3.83
CA ILE A 41 -7.11 13.14 -3.59
C ILE A 41 -7.97 12.91 -2.36
N HIS A 42 -8.85 11.91 -2.44
CA HIS A 42 -9.73 11.58 -1.32
C HIS A 42 -8.96 10.90 -0.19
N GLY A 43 -8.06 10.00 -0.56
CA GLY A 43 -7.27 9.30 0.44
C GLY A 43 -6.20 8.41 -0.18
N PHE A 44 -5.84 7.35 0.53
CA PHE A 44 -4.83 6.42 0.03
C PHE A 44 -5.21 4.97 0.36
N TYR A 45 -5.27 4.14 -0.67
CA TYR A 45 -5.63 2.74 -0.50
C TYR A 45 -4.38 1.85 -0.50
N ILE A 46 -4.40 0.84 0.35
CA ILE A 46 -3.26 -0.08 0.46
C ILE A 46 -3.74 -1.53 0.46
N TYR A 47 -3.22 -2.31 -0.49
CA TYR A 47 -3.59 -3.72 -0.61
C TYR A 47 -2.45 -4.62 -0.15
N TYR A 48 -2.80 -5.78 0.37
CA TYR A 48 -1.81 -6.75 0.85
C TYR A 48 -2.36 -8.16 0.81
N ARG A 49 -1.46 -9.14 0.68
CA ARG A 49 -1.86 -10.55 0.64
C ARG A 49 -0.63 -11.45 0.68
N PRO A 50 -0.76 -12.58 1.39
CA PRO A 50 0.32 -13.56 1.54
C PRO A 50 0.60 -14.30 0.23
N THR A 51 1.88 -14.60 -0.01
CA THR A 51 2.28 -15.31 -1.23
C THR A 51 1.51 -16.61 -1.38
N ASP A 52 1.18 -17.24 -0.26
CA ASP A 52 0.44 -18.49 -0.26
C ASP A 52 -1.00 -18.28 -0.74
N SER A 53 -1.33 -17.03 -1.03
CA SER A 53 -2.67 -16.69 -1.49
C SER A 53 -2.99 -17.39 -2.81
N ASP A 54 -4.15 -17.08 -3.38
CA ASP A 54 -4.58 -17.69 -4.64
C ASP A 54 -4.75 -16.62 -5.71
N ASN A 55 -5.55 -15.60 -5.41
CA ASN A 55 -5.81 -14.52 -6.35
C ASN A 55 -6.17 -13.23 -5.62
N ASP A 56 -6.52 -12.21 -6.38
CA ASP A 56 -6.88 -10.91 -5.81
C ASP A 56 -7.94 -11.09 -4.70
N SER A 57 -8.75 -12.13 -4.84
CA SER A 57 -9.80 -12.41 -3.87
C SER A 57 -9.29 -12.22 -2.44
N ASP A 58 -7.97 -12.32 -2.27
CA ASP A 58 -7.35 -12.15 -0.97
C ASP A 58 -6.95 -10.70 -0.74
N TYR A 59 -6.25 -10.12 -1.71
CA TYR A 59 -5.80 -8.74 -1.61
C TYR A 59 -6.84 -7.88 -0.89
N LYS A 60 -6.42 -7.28 0.22
CA LYS A 60 -7.31 -6.43 1.00
C LYS A 60 -7.19 -4.97 0.58
N LYS A 61 -7.88 -4.09 1.29
CA LYS A 61 -7.84 -2.66 0.98
C LYS A 61 -7.92 -1.83 2.27
N ASP A 62 -6.88 -1.06 2.53
CA ASP A 62 -6.84 -0.21 3.72
C ASP A 62 -6.81 1.26 3.34
N MET A 63 -7.92 1.95 3.57
CA MET A 63 -8.04 3.37 3.26
C MET A 63 -7.25 4.21 4.26
N VAL A 64 -6.70 5.32 3.78
CA VAL A 64 -5.92 6.21 4.62
C VAL A 64 -6.17 7.68 4.26
N GLU A 65 -6.15 8.55 5.27
CA GLU A 65 -6.37 9.97 5.06
C GLU A 65 -5.57 10.47 3.86
N GLY A 66 -6.11 11.46 3.16
CA GLY A 66 -5.43 12.01 2.01
C GLY A 66 -4.18 12.78 2.38
N ASP A 67 -4.12 13.23 3.62
CA ASP A 67 -2.97 13.99 4.10
C ASP A 67 -1.92 13.05 4.69
N ARG A 68 -2.28 11.78 4.84
CA ARG A 68 -1.37 10.78 5.40
C ARG A 68 -0.55 10.13 4.30
N TYR A 69 0.76 10.03 4.52
CA TYR A 69 1.65 9.43 3.55
C TYR A 69 2.32 8.18 4.12
N TRP A 70 1.81 7.70 5.24
CA TRP A 70 2.35 6.52 5.90
C TRP A 70 1.24 5.71 6.57
N HIS A 71 1.39 4.39 6.54
CA HIS A 71 0.40 3.51 7.15
C HIS A 71 1.05 2.23 7.65
N SER A 72 0.58 1.72 8.79
CA SER A 72 1.11 0.51 9.38
C SER A 72 0.08 -0.61 9.36
N ILE A 73 0.30 -1.60 8.49
CA ILE A 73 -0.61 -2.72 8.37
C ILE A 73 -0.49 -3.66 9.57
N SER A 74 -1.55 -4.40 9.85
CA SER A 74 -1.56 -5.33 10.97
C SER A 74 -2.32 -6.61 10.60
N HIS A 75 -2.33 -7.56 11.53
CA HIS A 75 -3.02 -8.82 11.31
C HIS A 75 -2.40 -9.58 10.13
N LEU A 76 -1.08 -9.59 10.08
CA LEU A 76 -0.37 -10.27 9.00
C LEU A 76 0.29 -11.55 9.50
N GLN A 77 1.01 -12.23 8.62
CA GLN A 77 1.69 -13.47 8.98
C GLN A 77 3.16 -13.21 9.30
N PRO A 78 3.66 -13.86 10.36
CA PRO A 78 5.06 -13.71 10.80
C PRO A 78 6.04 -14.34 9.82
N GLU A 79 7.26 -13.84 9.81
CA GLU A 79 8.30 -14.36 8.92
C GLU A 79 7.71 -14.79 7.59
N THR A 80 6.70 -14.04 7.13
CA THR A 80 6.04 -14.35 5.86
C THR A 80 6.37 -13.31 4.81
N SER A 81 7.19 -13.69 3.83
CA SER A 81 7.59 -12.79 2.76
C SER A 81 6.54 -12.74 1.66
N TYR A 82 5.77 -11.66 1.64
CA TYR A 82 4.72 -11.50 0.64
C TYR A 82 4.81 -10.14 -0.03
N ASP A 83 4.30 -10.04 -1.26
CA ASP A 83 4.33 -8.79 -2.01
C ASP A 83 3.34 -7.79 -1.43
N ILE A 84 3.63 -6.51 -1.59
CA ILE A 84 2.76 -5.45 -1.08
C ILE A 84 2.67 -4.29 -2.06
N LYS A 85 1.46 -3.79 -2.27
CA LYS A 85 1.23 -2.68 -3.18
C LYS A 85 0.16 -1.75 -2.65
N MET A 86 0.02 -0.59 -3.28
CA MET A 86 -0.98 0.40 -2.86
C MET A 86 -1.36 1.31 -4.03
N GLN A 87 -2.35 2.16 -3.80
CA GLN A 87 -2.80 3.09 -4.83
C GLN A 87 -3.72 4.15 -4.24
N CYS A 88 -3.69 5.35 -4.82
CA CYS A 88 -4.51 6.45 -4.35
C CYS A 88 -5.72 6.64 -5.25
N PHE A 89 -6.76 7.28 -4.72
CA PHE A 89 -7.99 7.54 -5.46
C PHE A 89 -8.59 8.88 -5.09
N ASN A 90 -9.55 9.33 -5.89
CA ASN A 90 -10.22 10.61 -5.64
C ASN A 90 -11.60 10.64 -6.29
N GLU A 91 -12.38 11.67 -5.97
CA GLU A 91 -13.71 11.81 -6.52
C GLU A 91 -13.76 11.37 -7.97
N GLY A 92 -12.66 11.64 -8.70
CA GLY A 92 -12.59 11.26 -10.10
C GLY A 92 -12.53 9.75 -10.30
N GLY A 93 -11.63 9.11 -9.55
CA GLY A 93 -11.49 7.67 -9.66
C GLY A 93 -10.14 7.19 -9.16
N GLU A 94 -10.02 5.88 -8.95
CA GLU A 94 -8.79 5.29 -8.46
C GLU A 94 -7.64 5.53 -9.45
N SER A 95 -6.42 5.62 -8.92
CA SER A 95 -5.25 5.85 -9.76
C SER A 95 -4.58 4.53 -10.12
N GLU A 96 -3.45 4.62 -10.83
CA GLU A 96 -2.71 3.44 -11.24
C GLU A 96 -2.26 2.64 -10.03
N PHE A 97 -1.77 1.42 -10.28
CA PHE A 97 -1.30 0.56 -9.21
C PHE A 97 0.17 0.79 -8.91
N SER A 98 0.48 1.16 -7.67
CA SER A 98 1.84 1.42 -7.26
C SER A 98 2.74 0.22 -7.53
N ASN A 99 4.03 0.38 -7.29
CA ASN A 99 4.99 -0.69 -7.51
C ASN A 99 4.83 -1.79 -6.47
N VAL A 100 5.48 -2.93 -6.70
CA VAL A 100 5.41 -4.06 -5.78
C VAL A 100 6.61 -4.08 -4.85
N MET A 101 6.36 -3.93 -3.55
CA MET A 101 7.41 -3.93 -2.56
C MET A 101 7.33 -5.17 -1.68
N ILE A 102 8.40 -5.96 -1.66
CA ILE A 102 8.44 -7.18 -0.85
C ILE A 102 8.94 -6.89 0.56
N CYS A 103 8.00 -6.73 1.50
CA CYS A 103 8.35 -6.45 2.89
C CYS A 103 8.19 -7.70 3.75
N GLU A 104 9.31 -8.32 4.09
CA GLU A 104 9.30 -9.52 4.92
C GLU A 104 9.07 -9.18 6.38
N THR A 105 8.06 -9.79 6.98
CA THR A 105 7.74 -9.55 8.39
C THR A 105 8.83 -10.10 9.30
N LYS A 106 8.68 -9.84 10.60
CA LYS A 106 9.65 -10.31 11.58
C LYS A 106 9.30 -11.71 12.07
N ALA A 107 10.31 -12.46 12.50
CA ALA A 107 10.10 -13.81 13.00
C ALA A 107 9.33 -13.80 14.32
N ARG A 108 8.35 -14.68 14.43
CA ARG A 108 7.54 -14.77 15.65
C ARG A 108 8.15 -15.77 16.63
N SER A 109 9.36 -16.23 16.33
CA SER A 109 10.04 -17.19 17.19
C SER A 109 10.50 -16.53 18.48
N GLY A 110 10.81 -17.35 19.48
CA GLY A 110 11.25 -16.83 20.76
C GLY A 110 10.22 -17.01 21.85
N PRO A 111 10.63 -16.77 23.11
CA PRO A 111 9.74 -16.90 24.27
C PRO A 111 8.68 -15.81 24.31
N SER A 112 9.04 -14.61 23.88
CA SER A 112 8.12 -13.48 23.87
C SER A 112 7.46 -13.33 22.50
N SER A 113 6.41 -12.52 22.44
CA SER A 113 5.68 -12.30 21.20
C SER A 113 6.44 -11.34 20.29
N GLY A 114 6.99 -10.29 20.89
CA GLY A 114 7.74 -9.31 20.12
C GLY A 114 9.20 -9.69 19.95
N GLY A 1 -5.68 8.09 -28.61
CA GLY A 1 -5.51 9.01 -27.49
C GLY A 1 -5.99 8.43 -26.18
N SER A 2 -5.70 9.12 -25.08
CA SER A 2 -6.11 8.66 -23.77
C SER A 2 -7.20 9.56 -23.20
N SER A 3 -8.29 8.95 -22.73
CA SER A 3 -9.41 9.69 -22.16
C SER A 3 -9.34 9.69 -20.64
N GLY A 4 -8.87 10.80 -20.08
CA GLY A 4 -8.76 10.92 -18.64
C GLY A 4 -7.99 12.15 -18.21
N SER A 5 -8.67 13.29 -18.19
CA SER A 5 -8.05 14.56 -17.80
C SER A 5 -8.05 14.71 -16.29
N SER A 6 -9.23 14.63 -15.69
CA SER A 6 -9.37 14.77 -14.24
C SER A 6 -8.97 13.49 -13.53
N GLY A 7 -8.70 13.59 -12.23
CA GLY A 7 -8.31 12.43 -11.45
C GLY A 7 -6.84 12.10 -11.59
N PRO A 8 -6.20 11.74 -10.47
CA PRO A 8 -4.78 11.40 -10.44
C PRO A 8 -4.48 10.08 -11.15
N VAL A 9 -3.29 9.97 -11.71
CA VAL A 9 -2.87 8.77 -12.42
C VAL A 9 -1.49 8.32 -11.99
N ALA A 10 -0.60 9.28 -11.75
CA ALA A 10 0.77 8.98 -11.33
C ALA A 10 0.77 8.03 -10.13
N GLY A 11 -0.23 8.18 -9.26
CA GLY A 11 -0.32 7.34 -8.09
C GLY A 11 0.91 7.44 -7.21
N PRO A 12 0.75 7.06 -5.92
CA PRO A 12 1.85 7.11 -4.95
C PRO A 12 2.92 6.05 -5.24
N TYR A 13 4.12 6.28 -4.72
CA TYR A 13 5.23 5.35 -4.92
C TYR A 13 5.89 5.00 -3.58
N ILE A 14 5.95 3.71 -3.29
CA ILE A 14 6.56 3.23 -2.06
C ILE A 14 8.07 3.27 -2.13
N THR A 15 8.68 4.21 -1.40
CA THR A 15 10.13 4.36 -1.39
C THR A 15 10.73 3.85 -0.08
N PHE A 16 9.88 3.24 0.75
CA PHE A 16 10.33 2.72 2.04
C PHE A 16 9.40 1.60 2.51
N THR A 17 10.01 0.47 2.88
CA THR A 17 9.24 -0.68 3.36
C THR A 17 9.96 -1.38 4.50
N ASP A 18 9.38 -1.34 5.69
CA ASP A 18 9.96 -1.98 6.85
C ASP A 18 8.90 -2.73 7.66
N ALA A 19 9.34 -3.73 8.41
CA ALA A 19 8.42 -4.52 9.23
C ALA A 19 8.43 -4.04 10.68
N VAL A 20 7.36 -3.36 11.09
CA VAL A 20 7.26 -2.86 12.46
C VAL A 20 7.22 -3.99 13.46
N ASN A 21 6.67 -5.13 13.05
CA ASN A 21 6.58 -6.30 13.92
C ASN A 21 6.30 -7.56 13.11
N GLU A 22 6.14 -8.68 13.81
CA GLU A 22 5.88 -9.95 13.15
C GLU A 22 4.48 -9.97 12.55
N THR A 23 3.61 -9.09 13.03
CA THR A 23 2.24 -9.00 12.55
C THR A 23 1.90 -7.58 12.11
N THR A 24 2.92 -6.73 12.01
CA THR A 24 2.73 -5.35 11.60
C THR A 24 3.82 -4.91 10.64
N ILE A 25 3.43 -4.06 9.68
CA ILE A 25 4.38 -3.56 8.68
C ILE A 25 4.16 -2.07 8.42
N MET A 26 5.26 -1.33 8.31
CA MET A 26 5.18 0.10 8.06
C MET A 26 5.79 0.44 6.70
N LEU A 27 5.01 1.10 5.86
CA LEU A 27 5.48 1.50 4.53
C LEU A 27 5.13 2.95 4.24
N LYS A 28 6.08 3.66 3.63
CA LYS A 28 5.89 5.07 3.29
C LYS A 28 5.87 5.26 1.77
N TRP A 29 4.92 6.05 1.30
CA TRP A 29 4.81 6.33 -0.13
C TRP A 29 5.05 7.81 -0.43
N MET A 30 5.40 8.11 -1.68
CA MET A 30 5.67 9.48 -2.08
C MET A 30 4.65 9.94 -3.12
N TYR A 31 4.64 11.24 -3.41
CA TYR A 31 3.72 11.80 -4.38
C TYR A 31 4.44 12.72 -5.36
N ILE A 32 4.20 12.52 -6.64
CA ILE A 32 4.83 13.33 -7.67
C ILE A 32 3.93 14.49 -8.09
N PRO A 33 4.49 15.71 -8.07
CA PRO A 33 3.76 16.93 -8.45
C PRO A 33 3.45 16.98 -9.94
N ALA A 34 4.38 16.50 -10.76
CA ALA A 34 4.21 16.49 -12.20
C ALA A 34 2.75 16.26 -12.57
N SER A 35 2.31 15.01 -12.43
CA SER A 35 0.94 14.65 -12.77
C SER A 35 0.02 14.83 -11.56
N ASN A 36 0.04 16.04 -11.00
CA ASN A 36 -0.80 16.34 -9.84
C ASN A 36 -1.98 17.22 -10.24
N ASN A 37 -1.73 18.17 -11.13
CA ASN A 37 -2.78 19.08 -11.58
C ASN A 37 -3.50 19.72 -10.41
N ASN A 38 -2.81 19.80 -9.27
CA ASN A 38 -3.39 20.39 -8.07
C ASN A 38 -4.76 19.78 -7.76
N THR A 39 -4.93 18.52 -8.15
CA THR A 39 -6.18 17.81 -7.91
C THR A 39 -6.21 17.18 -6.52
N PRO A 40 -7.29 17.45 -5.76
CA PRO A 40 -7.46 16.91 -4.41
C PRO A 40 -7.70 15.41 -4.41
N ILE A 41 -7.04 14.71 -3.50
CA ILE A 41 -7.19 13.26 -3.39
C ILE A 41 -8.10 12.89 -2.23
N HIS A 42 -8.93 11.87 -2.44
CA HIS A 42 -9.86 11.42 -1.42
C HIS A 42 -9.11 10.75 -0.27
N GLY A 43 -8.10 9.96 -0.60
CA GLY A 43 -7.32 9.27 0.40
C GLY A 43 -6.20 8.44 -0.19
N PHE A 44 -5.87 7.34 0.48
CA PHE A 44 -4.81 6.45 0.02
C PHE A 44 -5.14 5.00 0.33
N TYR A 45 -5.26 4.18 -0.71
CA TYR A 45 -5.57 2.76 -0.54
C TYR A 45 -4.30 1.92 -0.52
N ILE A 46 -4.36 0.79 0.18
CA ILE A 46 -3.21 -0.10 0.27
C ILE A 46 -3.64 -1.56 0.14
N TYR A 47 -3.02 -2.27 -0.79
CA TYR A 47 -3.34 -3.67 -1.02
C TYR A 47 -2.23 -4.58 -0.49
N TYR A 48 -2.62 -5.70 0.09
CA TYR A 48 -1.66 -6.66 0.63
C TYR A 48 -2.24 -8.07 0.68
N ARG A 49 -1.36 -9.07 0.66
CA ARG A 49 -1.79 -10.46 0.70
C ARG A 49 -0.58 -11.39 0.80
N PRO A 50 -0.73 -12.45 1.63
CA PRO A 50 0.33 -13.43 1.83
C PRO A 50 0.57 -14.30 0.60
N THR A 51 1.83 -14.68 0.40
CA THR A 51 2.20 -15.51 -0.75
C THR A 51 1.41 -16.82 -0.76
N ASP A 52 0.90 -17.20 0.40
CA ASP A 52 0.13 -18.42 0.54
C ASP A 52 -1.25 -18.27 -0.10
N SER A 53 -1.65 -17.02 -0.34
CA SER A 53 -2.95 -16.73 -0.93
C SER A 53 -3.15 -17.54 -2.21
N ASP A 54 -4.33 -17.42 -2.81
CA ASP A 54 -4.65 -18.14 -4.03
C ASP A 54 -4.49 -17.24 -5.25
N ASN A 55 -4.94 -15.99 -5.12
CA ASN A 55 -4.85 -15.04 -6.22
C ASN A 55 -5.20 -13.63 -5.74
N ASP A 56 -5.24 -12.68 -6.67
CA ASP A 56 -5.55 -11.30 -6.34
C ASP A 56 -6.79 -11.22 -5.46
N SER A 57 -7.76 -12.10 -5.73
CA SER A 57 -9.00 -12.13 -4.96
C SER A 57 -8.72 -11.93 -3.47
N ASP A 58 -7.52 -12.30 -3.05
CA ASP A 58 -7.13 -12.16 -1.66
C ASP A 58 -6.75 -10.72 -1.33
N TYR A 59 -5.98 -10.09 -2.22
CA TYR A 59 -5.56 -8.71 -2.02
C TYR A 59 -6.65 -7.90 -1.33
N LYS A 60 -6.26 -7.20 -0.27
CA LYS A 60 -7.19 -6.37 0.49
C LYS A 60 -7.07 -4.91 0.10
N LYS A 61 -7.80 -4.04 0.80
CA LYS A 61 -7.76 -2.61 0.53
C LYS A 61 -7.96 -1.82 1.82
N ASP A 62 -6.89 -1.16 2.26
CA ASP A 62 -6.94 -0.35 3.48
C ASP A 62 -7.00 1.14 3.15
N MET A 63 -8.10 1.78 3.52
CA MET A 63 -8.27 3.21 3.26
C MET A 63 -7.46 4.05 4.24
N VAL A 64 -6.84 5.10 3.74
CA VAL A 64 -6.02 5.98 4.58
C VAL A 64 -6.34 7.45 4.29
N GLU A 65 -5.97 8.31 5.23
CA GLU A 65 -6.20 9.75 5.07
C GLU A 65 -5.53 10.28 3.82
N GLY A 66 -6.05 11.40 3.30
CA GLY A 66 -5.48 12.00 2.11
C GLY A 66 -4.24 12.82 2.40
N ASP A 67 -4.04 13.15 3.67
CA ASP A 67 -2.88 13.94 4.07
C ASP A 67 -1.79 13.05 4.65
N ARG A 68 -2.15 11.81 4.94
CA ARG A 68 -1.19 10.86 5.51
C ARG A 68 -0.41 10.14 4.41
N TYR A 69 0.91 10.12 4.55
CA TYR A 69 1.76 9.47 3.56
C TYR A 69 2.42 8.22 4.16
N TRP A 70 1.94 7.80 5.31
CA TRP A 70 2.47 6.62 5.98
C TRP A 70 1.36 5.82 6.65
N HIS A 71 1.49 4.49 6.60
CA HIS A 71 0.50 3.62 7.22
C HIS A 71 1.15 2.34 7.75
N SER A 72 0.55 1.77 8.79
CA SER A 72 1.08 0.55 9.39
C SER A 72 0.04 -0.58 9.35
N ILE A 73 0.26 -1.53 8.46
CA ILE A 73 -0.65 -2.66 8.31
C ILE A 73 -0.52 -3.62 9.49
N SER A 74 -1.63 -4.26 9.84
CA SER A 74 -1.65 -5.21 10.95
C SER A 74 -2.43 -6.46 10.58
N HIS A 75 -2.44 -7.44 11.49
CA HIS A 75 -3.15 -8.69 11.26
C HIS A 75 -2.54 -9.47 10.10
N LEU A 76 -1.21 -9.55 10.09
CA LEU A 76 -0.49 -10.26 9.04
C LEU A 76 0.14 -11.54 9.58
N GLN A 77 0.90 -12.22 8.73
CA GLN A 77 1.57 -13.46 9.13
C GLN A 77 3.03 -13.19 9.47
N PRO A 78 3.52 -13.88 10.51
CA PRO A 78 4.91 -13.74 10.97
C PRO A 78 5.91 -14.33 9.97
N GLU A 79 7.11 -13.77 9.94
CA GLU A 79 8.16 -14.24 9.03
C GLU A 79 7.56 -14.73 7.72
N THR A 80 6.61 -13.96 7.18
CA THR A 80 5.96 -14.33 5.94
C THR A 80 6.28 -13.32 4.83
N SER A 81 7.16 -13.72 3.93
CA SER A 81 7.56 -12.84 2.82
C SER A 81 6.48 -12.81 1.75
N TYR A 82 5.79 -11.68 1.65
CA TYR A 82 4.73 -11.52 0.67
C TYR A 82 4.84 -10.16 -0.03
N ASP A 83 4.26 -10.07 -1.22
CA ASP A 83 4.29 -8.83 -1.99
C ASP A 83 3.32 -7.81 -1.41
N ILE A 84 3.61 -6.52 -1.64
CA ILE A 84 2.76 -5.45 -1.15
C ILE A 84 2.66 -4.32 -2.17
N LYS A 85 1.53 -3.61 -2.14
CA LYS A 85 1.31 -2.51 -3.06
C LYS A 85 0.28 -1.52 -2.49
N MET A 86 0.04 -0.44 -3.22
CA MET A 86 -0.92 0.56 -2.79
C MET A 86 -1.33 1.47 -3.95
N GLN A 87 -2.35 2.28 -3.74
CA GLN A 87 -2.83 3.19 -4.76
C GLN A 87 -3.75 4.25 -4.17
N CYS A 88 -3.71 5.45 -4.73
CA CYS A 88 -4.54 6.55 -4.25
C CYS A 88 -5.83 6.66 -5.06
N PHE A 89 -6.81 7.35 -4.51
CA PHE A 89 -8.10 7.51 -5.18
C PHE A 89 -8.70 8.89 -4.86
N ASN A 90 -9.51 9.39 -5.79
CA ASN A 90 -10.15 10.70 -5.61
C ASN A 90 -11.44 10.78 -6.43
N GLU A 91 -12.27 11.77 -6.12
CA GLU A 91 -13.53 11.97 -6.82
C GLU A 91 -13.38 11.63 -8.30
N GLY A 92 -12.20 11.91 -8.85
CA GLY A 92 -11.96 11.63 -10.25
C GLY A 92 -11.90 10.14 -10.55
N GLY A 93 -11.24 9.39 -9.68
CA GLY A 93 -11.13 7.96 -9.88
C GLY A 93 -9.82 7.41 -9.36
N GLU A 94 -9.81 6.11 -9.03
CA GLU A 94 -8.61 5.47 -8.51
C GLU A 94 -7.44 5.65 -9.47
N SER A 95 -6.25 5.83 -8.91
CA SER A 95 -5.05 6.02 -9.72
C SER A 95 -4.43 4.67 -10.09
N GLU A 96 -3.28 4.72 -10.75
CA GLU A 96 -2.58 3.51 -11.17
C GLU A 96 -2.18 2.68 -9.96
N PHE A 97 -1.83 1.41 -10.21
CA PHE A 97 -1.42 0.51 -9.13
C PHE A 97 0.05 0.69 -8.81
N SER A 98 0.34 1.20 -7.61
CA SER A 98 1.71 1.42 -7.18
C SER A 98 2.55 0.16 -7.37
N ASN A 99 3.87 0.34 -7.40
CA ASN A 99 4.79 -0.78 -7.58
C ASN A 99 4.56 -1.84 -6.51
N VAL A 100 5.33 -2.93 -6.59
CA VAL A 100 5.21 -4.01 -5.63
C VAL A 100 6.45 -4.10 -4.74
N MET A 101 6.25 -3.90 -3.44
CA MET A 101 7.35 -3.95 -2.48
C MET A 101 7.26 -5.20 -1.62
N ILE A 102 8.33 -5.99 -1.60
CA ILE A 102 8.37 -7.21 -0.81
C ILE A 102 8.93 -6.95 0.58
N CYS A 103 8.05 -6.84 1.56
CA CYS A 103 8.45 -6.58 2.93
C CYS A 103 8.23 -7.82 3.81
N GLU A 104 9.32 -8.43 4.24
CA GLU A 104 9.25 -9.63 5.08
C GLU A 104 8.97 -9.25 6.53
N THR A 105 7.88 -9.80 7.07
CA THR A 105 7.51 -9.52 8.46
C THR A 105 8.55 -10.05 9.43
N LYS A 106 8.38 -9.73 10.70
CA LYS A 106 9.31 -10.19 11.74
C LYS A 106 9.01 -11.60 12.17
N ALA A 107 10.00 -12.27 12.75
CA ALA A 107 9.83 -13.65 13.21
C ALA A 107 9.05 -13.69 14.53
N ARG A 108 8.06 -14.57 14.59
CA ARG A 108 7.24 -14.71 15.79
C ARG A 108 7.99 -15.49 16.87
N SER A 109 9.22 -15.06 17.15
CA SER A 109 10.03 -15.72 18.16
C SER A 109 10.85 -14.70 18.96
N GLY A 110 11.67 -15.19 19.88
CA GLY A 110 12.49 -14.31 20.68
C GLY A 110 13.84 -14.93 21.03
N PRO A 111 14.59 -14.26 21.92
CA PRO A 111 15.91 -14.73 22.35
C PRO A 111 15.82 -15.98 23.21
N SER A 112 14.73 -16.12 23.95
CA SER A 112 14.53 -17.27 24.82
C SER A 112 15.05 -18.55 24.15
N SER A 113 15.76 -19.36 24.92
CA SER A 113 16.32 -20.61 24.42
C SER A 113 16.63 -21.57 25.55
N GLY A 114 16.97 -22.81 25.21
CA GLY A 114 17.29 -23.81 26.21
C GLY A 114 16.08 -24.61 26.63
N GLY A 1 -15.72 17.22 -24.32
CA GLY A 1 -14.53 17.64 -25.02
C GLY A 1 -13.25 17.18 -24.36
N SER A 2 -12.63 16.14 -24.93
CA SER A 2 -11.40 15.60 -24.38
C SER A 2 -11.50 15.45 -22.87
N SER A 3 -12.59 14.83 -22.41
CA SER A 3 -12.81 14.62 -20.98
C SER A 3 -12.53 13.18 -20.59
N GLY A 4 -12.09 12.98 -19.36
CA GLY A 4 -11.80 11.64 -18.88
C GLY A 4 -12.79 11.17 -17.83
N SER A 5 -12.77 9.86 -17.55
CA SER A 5 -13.68 9.30 -16.56
C SER A 5 -12.90 8.70 -15.40
N SER A 6 -11.94 9.47 -14.87
CA SER A 6 -11.13 9.02 -13.75
C SER A 6 -10.39 10.19 -13.12
N GLY A 7 -9.78 9.94 -11.96
CA GLY A 7 -9.06 10.97 -11.27
C GLY A 7 -7.56 10.88 -11.47
N PRO A 8 -6.81 10.65 -10.38
CA PRO A 8 -5.36 10.53 -10.43
C PRO A 8 -4.91 9.25 -11.12
N VAL A 9 -3.84 9.35 -11.90
CA VAL A 9 -3.30 8.20 -12.62
C VAL A 9 -1.84 7.95 -12.25
N ALA A 10 -1.09 9.03 -12.08
CA ALA A 10 0.32 8.92 -11.71
C ALA A 10 0.53 7.90 -10.61
N GLY A 11 -0.41 7.84 -9.67
CA GLY A 11 -0.31 6.90 -8.57
C GLY A 11 0.93 7.13 -7.72
N PRO A 12 0.83 6.82 -6.43
CA PRO A 12 1.94 6.99 -5.48
C PRO A 12 3.07 5.99 -5.74
N TYR A 13 4.24 6.29 -5.21
CA TYR A 13 5.40 5.42 -5.38
C TYR A 13 6.06 5.10 -4.04
N ILE A 14 5.96 3.85 -3.61
CA ILE A 14 6.53 3.43 -2.34
C ILE A 14 8.05 3.58 -2.35
N THR A 15 8.58 4.17 -1.29
CA THR A 15 10.02 4.39 -1.18
C THR A 15 10.53 3.97 0.20
N PHE A 16 9.64 3.41 1.01
CA PHE A 16 9.99 2.96 2.34
C PHE A 16 9.15 1.76 2.77
N THR A 17 9.81 0.65 3.06
CA THR A 17 9.12 -0.57 3.47
C THR A 17 9.90 -1.30 4.56
N ASP A 18 9.31 -1.37 5.74
CA ASP A 18 9.95 -2.04 6.87
C ASP A 18 8.91 -2.74 7.75
N ALA A 19 9.31 -3.83 8.39
CA ALA A 19 8.42 -4.58 9.26
C ALA A 19 8.50 -4.07 10.69
N VAL A 20 7.36 -3.61 11.21
CA VAL A 20 7.30 -3.08 12.57
C VAL A 20 7.18 -4.22 13.59
N ASN A 21 6.66 -5.35 13.14
CA ASN A 21 6.49 -6.51 14.01
C ASN A 21 6.22 -7.77 13.19
N GLU A 22 5.96 -8.88 13.88
CA GLU A 22 5.67 -10.14 13.21
C GLU A 22 4.32 -10.10 12.52
N THR A 23 3.45 -9.22 12.98
CA THR A 23 2.11 -9.09 12.41
C THR A 23 1.83 -7.64 12.02
N THR A 24 2.88 -6.83 11.94
CA THR A 24 2.74 -5.42 11.59
C THR A 24 3.82 -4.99 10.62
N ILE A 25 3.48 -4.07 9.72
CA ILE A 25 4.43 -3.57 8.73
C ILE A 25 4.20 -2.08 8.46
N MET A 26 5.29 -1.33 8.40
CA MET A 26 5.22 0.10 8.14
C MET A 26 5.78 0.43 6.75
N LEU A 27 4.99 1.14 5.95
CA LEU A 27 5.41 1.51 4.61
C LEU A 27 5.04 2.97 4.31
N LYS A 28 5.92 3.65 3.60
CA LYS A 28 5.69 5.06 3.25
C LYS A 28 5.68 5.24 1.73
N TRP A 29 4.83 6.15 1.25
CA TRP A 29 4.73 6.42 -0.18
C TRP A 29 4.94 7.90 -0.46
N MET A 30 5.44 8.20 -1.66
CA MET A 30 5.69 9.59 -2.06
C MET A 30 4.66 10.05 -3.08
N TYR A 31 4.59 11.35 -3.29
CA TYR A 31 3.65 11.93 -4.24
C TYR A 31 4.35 12.86 -5.22
N ILE A 32 4.07 12.68 -6.51
CA ILE A 32 4.67 13.51 -7.54
C ILE A 32 3.62 14.28 -8.32
N PRO A 33 3.38 15.53 -7.92
CA PRO A 33 2.40 16.41 -8.58
C PRO A 33 2.83 16.82 -9.97
N ALA A 34 4.14 16.84 -10.21
CA ALA A 34 4.68 17.21 -11.51
C ALA A 34 3.90 16.56 -12.64
N SER A 35 4.07 15.25 -12.78
CA SER A 35 3.40 14.50 -13.82
C SER A 35 2.01 14.04 -13.37
N ASN A 36 1.24 14.99 -12.82
CA ASN A 36 -0.10 14.69 -12.34
C ASN A 36 -1.12 15.63 -12.98
N ASN A 37 -2.40 15.32 -12.79
CA ASN A 37 -3.48 16.12 -13.35
C ASN A 37 -3.90 17.22 -12.37
N ASN A 38 -2.99 17.59 -11.47
CA ASN A 38 -3.28 18.62 -10.47
C ASN A 38 -4.64 18.39 -9.83
N THR A 39 -5.01 17.13 -9.67
CA THR A 39 -6.29 16.78 -9.06
C THR A 39 -6.12 16.40 -7.60
N PRO A 40 -7.08 16.82 -6.77
CA PRO A 40 -7.07 16.54 -5.32
C PRO A 40 -7.32 15.08 -5.01
N ILE A 41 -6.72 14.60 -3.93
CA ILE A 41 -6.87 13.21 -3.52
C ILE A 41 -7.71 13.09 -2.26
N HIS A 42 -8.61 12.11 -2.23
CA HIS A 42 -9.48 11.90 -1.08
C HIS A 42 -8.76 11.08 0.00
N GLY A 43 -7.89 10.18 -0.44
CA GLY A 43 -7.15 9.34 0.48
C GLY A 43 -6.14 8.46 -0.20
N PHE A 44 -5.70 7.41 0.49
CA PHE A 44 -4.73 6.48 -0.07
C PHE A 44 -5.07 5.05 0.31
N TYR A 45 -5.23 4.19 -0.70
CA TYR A 45 -5.56 2.79 -0.47
C TYR A 45 -4.30 1.92 -0.46
N ILE A 46 -4.36 0.84 0.30
CA ILE A 46 -3.23 -0.08 0.40
C ILE A 46 -3.69 -1.54 0.34
N TYR A 47 -3.13 -2.28 -0.61
CA TYR A 47 -3.47 -3.68 -0.79
C TYR A 47 -2.35 -4.59 -0.28
N TYR A 48 -2.74 -5.71 0.33
CA TYR A 48 -1.76 -6.66 0.86
C TYR A 48 -2.34 -8.07 0.88
N ARG A 49 -1.46 -9.06 0.78
CA ARG A 49 -1.88 -10.46 0.80
C ARG A 49 -0.68 -11.39 0.79
N PRO A 50 -0.77 -12.49 1.56
CA PRO A 50 0.30 -13.48 1.66
C PRO A 50 0.48 -14.28 0.38
N THR A 51 1.73 -14.67 0.10
CA THR A 51 2.03 -15.43 -1.10
C THR A 51 1.19 -16.71 -1.16
N ASP A 52 0.77 -17.19 -0.01
CA ASP A 52 -0.04 -18.41 0.08
C ASP A 52 -1.43 -18.17 -0.52
N SER A 53 -1.83 -16.90 -0.60
CA SER A 53 -3.13 -16.55 -1.14
C SER A 53 -3.42 -17.34 -2.42
N ASP A 54 -4.66 -17.26 -2.88
CA ASP A 54 -5.07 -17.96 -4.10
C ASP A 54 -4.99 -17.04 -5.31
N ASN A 55 -5.57 -15.84 -5.18
CA ASN A 55 -5.56 -14.87 -6.26
C ASN A 55 -5.83 -13.46 -5.74
N ASP A 56 -5.91 -12.50 -6.65
CA ASP A 56 -6.17 -11.11 -6.27
C ASP A 56 -7.37 -11.01 -5.36
N SER A 57 -8.22 -12.03 -5.39
CA SER A 57 -9.42 -12.06 -4.56
C SER A 57 -9.07 -11.93 -3.09
N ASP A 58 -7.80 -12.14 -2.76
CA ASP A 58 -7.34 -12.04 -1.38
C ASP A 58 -6.91 -10.62 -1.06
N TYR A 59 -6.19 -9.99 -1.99
CA TYR A 59 -5.72 -8.62 -1.79
C TYR A 59 -6.79 -7.77 -1.09
N LYS A 60 -6.42 -7.19 0.05
CA LYS A 60 -7.34 -6.36 0.81
C LYS A 60 -7.19 -4.89 0.41
N LYS A 61 -7.91 -4.02 1.11
CA LYS A 61 -7.86 -2.59 0.84
C LYS A 61 -8.05 -1.79 2.12
N ASP A 62 -7.05 -0.97 2.46
CA ASP A 62 -7.12 -0.13 3.66
C ASP A 62 -7.09 1.34 3.29
N MET A 63 -8.16 2.06 3.65
CA MET A 63 -8.26 3.48 3.36
C MET A 63 -7.32 4.28 4.26
N VAL A 64 -6.68 5.30 3.68
CA VAL A 64 -5.75 6.14 4.42
C VAL A 64 -6.01 7.62 4.14
N GLU A 65 -5.77 8.46 5.14
CA GLU A 65 -5.96 9.89 4.99
C GLU A 65 -5.34 10.40 3.70
N GLY A 66 -5.85 11.52 3.20
CA GLY A 66 -5.33 12.10 1.97
C GLY A 66 -4.06 12.89 2.19
N ASP A 67 -3.74 13.15 3.46
CA ASP A 67 -2.55 13.91 3.80
C ASP A 67 -1.49 13.00 4.44
N ARG A 68 -1.93 11.85 4.93
CA ARG A 68 -1.03 10.90 5.57
C ARG A 68 -0.27 10.08 4.52
N TYR A 69 1.05 10.16 4.57
CA TYR A 69 1.89 9.43 3.62
C TYR A 69 2.57 8.25 4.30
N TRP A 70 1.91 7.67 5.30
CA TRP A 70 2.45 6.54 6.03
C TRP A 70 1.33 5.71 6.66
N HIS A 71 1.45 4.39 6.55
CA HIS A 71 0.45 3.49 7.11
C HIS A 71 1.10 2.23 7.68
N SER A 72 0.52 1.69 8.74
CA SER A 72 1.04 0.50 9.38
C SER A 72 0.02 -0.65 9.33
N ILE A 73 0.27 -1.61 8.45
CA ILE A 73 -0.63 -2.75 8.31
C ILE A 73 -0.53 -3.68 9.51
N SER A 74 -1.62 -4.38 9.80
CA SER A 74 -1.66 -5.31 10.92
C SER A 74 -2.40 -6.59 10.55
N HIS A 75 -2.43 -7.54 11.48
CA HIS A 75 -3.10 -8.81 11.24
C HIS A 75 -2.48 -9.54 10.05
N LEU A 76 -1.15 -9.63 10.04
CA LEU A 76 -0.45 -10.30 8.96
C LEU A 76 0.20 -11.60 9.44
N GLN A 77 0.92 -12.27 8.55
CA GLN A 77 1.58 -13.52 8.89
C GLN A 77 3.02 -13.27 9.32
N PRO A 78 3.45 -14.00 10.37
CA PRO A 78 4.82 -13.87 10.90
C PRO A 78 5.86 -14.44 9.95
N GLU A 79 7.03 -13.79 9.91
CA GLU A 79 8.11 -14.23 9.04
C GLU A 79 7.58 -14.71 7.69
N THR A 80 6.60 -13.97 7.16
CA THR A 80 6.00 -14.32 5.88
C THR A 80 6.36 -13.30 4.80
N SER A 81 7.14 -13.74 3.82
CA SER A 81 7.56 -12.86 2.73
C SER A 81 6.51 -12.82 1.63
N TYR A 82 5.75 -11.73 1.58
CA TYR A 82 4.71 -11.56 0.59
C TYR A 82 4.79 -10.19 -0.07
N ASP A 83 4.27 -10.09 -1.29
CA ASP A 83 4.28 -8.84 -2.04
C ASP A 83 3.34 -7.82 -1.40
N ILE A 84 3.68 -6.55 -1.54
CA ILE A 84 2.86 -5.48 -0.98
C ILE A 84 2.76 -4.29 -1.94
N LYS A 85 1.54 -3.85 -2.21
CA LYS A 85 1.32 -2.72 -3.11
C LYS A 85 0.22 -1.80 -2.56
N MET A 86 0.08 -0.64 -3.18
CA MET A 86 -0.93 0.34 -2.77
C MET A 86 -1.43 1.14 -3.96
N GLN A 87 -2.45 1.96 -3.73
CA GLN A 87 -3.02 2.79 -4.78
C GLN A 87 -3.81 3.96 -4.19
N CYS A 88 -3.76 5.10 -4.86
CA CYS A 88 -4.46 6.29 -4.39
C CYS A 88 -5.81 6.42 -5.10
N PHE A 89 -6.70 7.22 -4.51
CA PHE A 89 -8.03 7.43 -5.07
C PHE A 89 -8.52 8.85 -4.80
N ASN A 90 -9.57 9.25 -5.50
CA ASN A 90 -10.13 10.59 -5.34
C ASN A 90 -11.58 10.63 -5.84
N GLU A 91 -12.25 11.75 -5.59
CA GLU A 91 -13.63 11.93 -6.02
C GLU A 91 -13.83 11.40 -7.43
N GLY A 92 -12.81 11.57 -8.27
CA GLY A 92 -12.90 11.10 -9.64
C GLY A 92 -12.91 9.59 -9.74
N GLY A 93 -11.85 8.95 -9.26
CA GLY A 93 -11.77 7.51 -9.32
C GLY A 93 -10.45 6.98 -8.77
N GLU A 94 -10.23 5.68 -8.92
CA GLU A 94 -9.00 5.06 -8.43
C GLU A 94 -7.86 5.27 -9.41
N SER A 95 -6.64 5.31 -8.89
CA SER A 95 -5.45 5.52 -9.72
C SER A 95 -4.82 4.19 -10.09
N GLU A 96 -3.71 4.25 -10.83
CA GLU A 96 -3.01 3.04 -11.26
C GLU A 96 -2.45 2.29 -10.05
N PHE A 97 -2.16 1.01 -10.25
CA PHE A 97 -1.63 0.17 -9.18
C PHE A 97 -0.16 0.47 -8.95
N SER A 98 0.16 0.95 -7.75
CA SER A 98 1.54 1.29 -7.40
C SER A 98 2.46 0.10 -7.63
N ASN A 99 3.76 0.32 -7.48
CA ASN A 99 4.75 -0.73 -7.67
C ASN A 99 4.59 -1.83 -6.63
N VAL A 100 5.37 -2.89 -6.77
CA VAL A 100 5.32 -4.01 -5.83
C VAL A 100 6.55 -4.04 -4.93
N MET A 101 6.31 -3.95 -3.62
CA MET A 101 7.40 -3.97 -2.65
C MET A 101 7.35 -5.22 -1.79
N ILE A 102 8.47 -5.92 -1.70
CA ILE A 102 8.55 -7.14 -0.90
C ILE A 102 9.09 -6.85 0.50
N CYS A 103 8.18 -6.82 1.46
CA CYS A 103 8.56 -6.55 2.85
C CYS A 103 8.26 -7.76 3.74
N GLU A 104 9.31 -8.46 4.16
CA GLU A 104 9.16 -9.64 5.00
C GLU A 104 8.85 -9.22 6.45
N THR A 105 7.84 -9.88 7.04
CA THR A 105 7.45 -9.58 8.41
C THR A 105 8.49 -10.10 9.41
N LYS A 106 8.20 -9.94 10.69
CA LYS A 106 9.10 -10.40 11.74
C LYS A 106 8.75 -11.82 12.17
N ALA A 107 9.75 -12.54 12.67
CA ALA A 107 9.56 -13.92 13.11
C ALA A 107 8.79 -13.95 14.43
N ARG A 108 7.72 -14.73 14.47
CA ARG A 108 6.89 -14.85 15.67
C ARG A 108 7.72 -15.33 16.85
N SER A 109 8.08 -14.41 17.73
CA SER A 109 8.87 -14.74 18.91
C SER A 109 8.02 -14.76 20.17
N GLY A 110 8.46 -15.51 21.18
CA GLY A 110 7.72 -15.59 22.42
C GLY A 110 8.59 -16.03 23.58
N PRO A 111 7.99 -16.08 24.78
CA PRO A 111 8.70 -16.49 26.00
C PRO A 111 9.05 -17.97 26.00
N SER A 112 8.70 -18.65 24.92
CA SER A 112 8.97 -20.09 24.80
C SER A 112 10.30 -20.45 25.47
N SER A 113 11.29 -19.58 25.30
CA SER A 113 12.60 -19.80 25.89
C SER A 113 12.51 -19.92 27.41
N GLY A 114 12.87 -21.09 27.92
CA GLY A 114 12.81 -21.32 29.36
C GLY A 114 11.54 -22.03 29.79
#